data_3ZC0
#
_entry.id   3ZC0
#
_cell.length_a   183.060
_cell.length_b   183.060
_cell.length_c   198.120
_cell.angle_alpha   90.00
_cell.angle_beta   90.00
_cell.angle_gamma   120.00
#
_symmetry.space_group_name_H-M   'P 31 2 1'
#
loop_
_entity.id
_entity.type
_entity.pdbx_description
1 polymer AFTRAX
2 polymer "5'-R(*UP*UP*CP*GP*AP*CP*GP*CP*GP*UP*CP*GP*AP*AP*UP*U)-3'"
3 non-polymer 'MAGNESIUM ION'
4 non-polymer 'CHLORIDE ION'
5 water water
#
loop_
_entity_poly.entity_id
_entity_poly.type
_entity_poly.pdbx_seq_one_letter_code
_entity_poly.pdbx_strand_id
1 'polypeptide(L)'
;GPHMRLEECRKRLEELEAAREELLKVLREMRIHSTKSIALIHAGKVEEAEQELKKAIELLEKVKAYREYPEIYFYLCNDA
MQELVEAIAFKNAISGEFTFEIDLEVTPAAFLNGFAAAVGELRRYALTKLIEGDFKSAERMLEVMEKIYERLMEFTTFPD
KLVSGLRKKLDVARGGIERTKSDYIAAKVARLNESLGGN
;
A,B,C,D,E,F,G,H,I,J,K,L
2 'polyribonucleotide' UUCGACGCGUCGAAUU M,N,O
#
# COMPACT_ATOMS: atom_id res chain seq x y z
N MET A 4 -28.38 27.91 -34.69
CA MET A 4 -27.62 28.56 -35.74
C MET A 4 -26.29 29.15 -35.23
N ARG A 5 -25.63 28.39 -34.35
CA ARG A 5 -24.27 28.73 -33.90
C ARG A 5 -24.21 29.92 -32.95
N LEU A 6 -24.65 31.10 -33.39
CA LEU A 6 -24.89 32.18 -32.44
C LEU A 6 -25.86 31.68 -31.35
N GLU A 7 -26.81 30.87 -31.78
CA GLU A 7 -27.79 30.33 -30.86
C GLU A 7 -27.11 29.44 -29.83
N GLU A 8 -26.35 28.46 -30.31
CA GLU A 8 -25.72 27.49 -29.43
C GLU A 8 -24.75 28.18 -28.50
N CYS A 9 -24.11 29.23 -29.00
CA CYS A 9 -23.29 30.05 -28.15
C CYS A 9 -24.12 30.54 -27.01
N ARG A 10 -25.19 31.28 -27.30
CA ARG A 10 -26.05 31.80 -26.24
C ARG A 10 -26.44 30.70 -25.24
N LYS A 11 -26.78 29.52 -25.77
CA LYS A 11 -27.19 28.41 -24.91
C LYS A 11 -26.06 27.98 -23.95
N ARG A 12 -24.92 27.61 -24.51
CA ARG A 12 -23.81 27.13 -23.71
C ARG A 12 -23.41 28.19 -22.71
N LEU A 13 -23.37 29.44 -23.17
CA LEU A 13 -23.00 30.57 -22.32
C LEU A 13 -23.93 30.69 -21.12
N GLU A 14 -25.24 30.55 -21.34
CA GLU A 14 -26.18 30.65 -20.22
C GLU A 14 -25.96 29.52 -19.22
N GLU A 15 -25.81 28.32 -19.76
CA GLU A 15 -25.48 27.15 -18.96
C GLU A 15 -24.22 27.39 -18.10
N LEU A 16 -23.17 27.91 -18.71
CA LEU A 16 -21.93 28.13 -18.00
C LEU A 16 -22.11 29.20 -16.94
N GLU A 17 -22.87 30.24 -17.24
CA GLU A 17 -23.14 31.28 -16.25
C GLU A 17 -23.69 30.62 -14.98
N ALA A 18 -24.84 29.97 -15.14
CA ALA A 18 -25.51 29.32 -14.00
C ALA A 18 -24.64 28.33 -13.22
N ALA A 19 -24.04 27.37 -13.95
CA ALA A 19 -23.12 26.41 -13.37
C ALA A 19 -22.02 27.12 -12.58
N ARG A 20 -21.37 28.10 -13.21
CA ARG A 20 -20.31 28.85 -12.56
C ARG A 20 -20.73 29.44 -11.22
N GLU A 21 -21.90 30.08 -11.19
CA GLU A 21 -22.37 30.65 -9.92
C GLU A 21 -22.50 29.58 -8.84
N GLU A 22 -23.13 28.48 -9.22
CA GLU A 22 -23.31 27.39 -8.25
C GLU A 22 -21.99 26.80 -7.77
N LEU A 23 -21.13 26.44 -8.71
CA LEU A 23 -19.80 25.92 -8.46
C LEU A 23 -19.02 26.83 -7.51
N LEU A 24 -19.12 28.14 -7.72
CA LEU A 24 -18.49 29.08 -6.81
C LEU A 24 -19.04 28.95 -5.39
N LYS A 25 -20.36 28.96 -5.25
CA LYS A 25 -20.95 28.81 -3.92
C LYS A 25 -20.50 27.53 -3.17
N VAL A 26 -20.51 26.43 -3.91
CA VAL A 26 -20.18 25.13 -3.34
C VAL A 26 -18.71 25.05 -2.97
N LEU A 27 -17.85 25.56 -3.84
CA LEU A 27 -16.44 25.65 -3.54
C LEU A 27 -16.16 26.48 -2.29
N ARG A 28 -16.81 27.65 -2.15
CA ARG A 28 -16.53 28.49 -0.98
C ARG A 28 -16.92 27.73 0.27
N GLU A 29 -18.07 27.05 0.21
CA GLU A 29 -18.43 26.18 1.34
C GLU A 29 -17.41 25.07 1.65
N MET A 30 -17.08 24.24 0.66
CA MET A 30 -16.15 23.14 0.86
C MET A 30 -14.86 23.64 1.52
N ARG A 31 -14.37 24.78 1.02
CA ARG A 31 -13.13 25.37 1.47
C ARG A 31 -13.23 25.80 2.95
N ILE A 32 -14.32 26.52 3.26
CA ILE A 32 -14.59 26.91 4.64
C ILE A 32 -14.59 25.70 5.59
N HIS A 33 -15.34 24.66 5.25
CA HIS A 33 -15.33 23.46 6.09
C HIS A 33 -13.93 22.83 6.26
N SER A 34 -13.13 22.76 5.20
CA SER A 34 -11.80 22.18 5.37
C SER A 34 -10.96 22.97 6.36
N THR A 35 -10.95 24.28 6.17
CA THR A 35 -10.21 25.17 7.05
C THR A 35 -10.67 24.97 8.48
N LYS A 36 -11.99 25.00 8.67
CA LYS A 36 -12.59 24.85 9.98
C LYS A 36 -12.08 23.58 10.62
N SER A 37 -12.05 22.50 9.86
CA SER A 37 -11.60 21.22 10.39
C SER A 37 -10.16 21.32 10.92
N ILE A 38 -9.28 21.97 10.15
CA ILE A 38 -7.89 22.08 10.63
C ILE A 38 -7.77 22.93 11.91
N ALA A 39 -8.41 24.08 11.88
CA ALA A 39 -8.48 24.95 13.04
C ALA A 39 -8.94 24.16 14.27
N LEU A 40 -10.01 23.39 14.08
CA LEU A 40 -10.63 22.65 15.15
C LEU A 40 -9.67 21.67 15.76
N ILE A 41 -8.93 20.94 14.92
CA ILE A 41 -7.91 20.05 15.49
C ILE A 41 -6.93 20.82 16.36
N HIS A 42 -6.47 21.96 15.87
CA HIS A 42 -5.57 22.77 16.71
C HIS A 42 -6.21 23.26 18.00
N ALA A 43 -7.52 23.50 17.99
CA ALA A 43 -8.22 23.92 19.19
C ALA A 43 -8.56 22.74 20.12
N GLY A 44 -7.96 21.58 19.83
CA GLY A 44 -8.20 20.39 20.62
C GLY A 44 -9.62 19.87 20.62
N LYS A 45 -10.39 20.23 19.60
CA LYS A 45 -11.74 19.69 19.41
C LYS A 45 -11.75 18.71 18.24
N VAL A 46 -11.10 17.57 18.43
CA VAL A 46 -10.88 16.59 17.36
C VAL A 46 -12.17 16.02 16.71
N GLU A 47 -13.15 15.68 17.54
CA GLU A 47 -14.42 15.15 17.03
C GLU A 47 -15.12 16.15 16.11
N GLU A 48 -15.20 17.40 16.55
CA GLU A 48 -15.89 18.44 15.78
C GLU A 48 -15.18 18.65 14.43
N ALA A 49 -13.85 18.64 14.48
CA ALA A 49 -13.03 18.68 13.28
C ALA A 49 -13.39 17.51 12.35
N GLU A 50 -13.64 16.34 12.93
CA GLU A 50 -14.05 15.18 12.15
C GLU A 50 -15.36 15.48 11.41
N GLN A 51 -16.32 16.06 12.12
CA GLN A 51 -17.58 16.46 11.49
C GLN A 51 -17.37 17.39 10.30
N GLU A 52 -16.65 18.48 10.55
CA GLU A 52 -16.38 19.45 9.49
C GLU A 52 -15.72 18.82 8.26
N LEU A 53 -14.73 17.95 8.48
CA LEU A 53 -14.10 17.25 7.36
C LEU A 53 -15.11 16.41 6.60
N LYS A 54 -16.03 15.80 7.34
CA LYS A 54 -17.11 15.05 6.69
C LYS A 54 -17.86 15.98 5.76
N LYS A 55 -18.35 17.11 6.28
CA LYS A 55 -19.12 18.07 5.44
C LYS A 55 -18.38 18.49 4.16
N ALA A 56 -17.08 18.71 4.31
CA ALA A 56 -16.24 19.03 3.18
C ALA A 56 -16.25 17.93 2.13
N ILE A 57 -15.86 16.72 2.54
CA ILE A 57 -15.77 15.61 1.60
C ILE A 57 -17.12 15.32 0.92
N GLU A 58 -18.21 15.58 1.62
CA GLU A 58 -19.52 15.43 1.04
C GLU A 58 -19.80 16.49 -0.01
N LEU A 59 -19.31 17.71 0.23
CA LEU A 59 -19.42 18.75 -0.77
C LEU A 59 -18.61 18.41 -2.03
N LEU A 60 -17.49 17.73 -1.84
CA LEU A 60 -16.62 17.39 -2.97
C LEU A 60 -17.32 16.60 -4.07
N GLU A 61 -18.42 15.94 -3.74
CA GLU A 61 -19.16 15.17 -4.73
C GLU A 61 -20.05 16.12 -5.56
N LYS A 62 -20.75 17.02 -4.86
CA LYS A 62 -21.50 18.10 -5.50
C LYS A 62 -20.58 18.83 -6.46
N VAL A 63 -19.35 19.05 -6.00
CA VAL A 63 -18.33 19.69 -6.81
C VAL A 63 -18.03 18.86 -8.05
N LYS A 64 -17.68 17.59 -7.85
CA LYS A 64 -17.26 16.75 -8.98
C LYS A 64 -18.36 16.62 -10.06
N ALA A 65 -19.60 16.93 -9.71
CA ALA A 65 -20.66 16.98 -10.72
C ALA A 65 -20.33 17.91 -11.90
N TYR A 66 -19.58 18.96 -11.61
CA TYR A 66 -19.31 20.02 -12.57
C TYR A 66 -18.14 19.72 -13.53
N ARG A 67 -17.71 18.47 -13.54
CA ARG A 67 -16.65 18.05 -14.44
C ARG A 67 -17.11 18.20 -15.88
N GLU A 68 -18.45 18.22 -16.03
CA GLU A 68 -19.15 18.41 -17.31
C GLU A 68 -18.77 19.74 -18.00
N TYR A 69 -18.21 20.67 -17.23
CA TYR A 69 -17.93 21.98 -17.76
C TYR A 69 -16.44 22.30 -17.73
N PRO A 70 -15.64 21.59 -18.52
CA PRO A 70 -14.19 21.71 -18.41
C PRO A 70 -13.71 23.08 -18.84
N GLU A 71 -14.57 23.88 -19.49
CA GLU A 71 -14.21 25.26 -19.77
C GLU A 71 -13.96 26.06 -18.49
N ILE A 72 -14.62 25.68 -17.39
CA ILE A 72 -14.46 26.38 -16.11
C ILE A 72 -14.03 25.52 -14.90
N TYR A 73 -14.20 24.21 -14.99
CA TYR A 73 -14.00 23.35 -13.81
C TYR A 73 -12.58 23.43 -13.23
N PHE A 74 -11.58 23.23 -14.06
CA PHE A 74 -10.21 23.16 -13.57
C PHE A 74 -9.67 24.54 -13.16
N TYR A 75 -10.07 25.57 -13.89
CA TYR A 75 -9.71 26.94 -13.56
C TYR A 75 -10.14 27.33 -12.16
N LEU A 76 -11.29 26.85 -11.73
CA LEU A 76 -11.89 27.24 -10.44
C LEU A 76 -11.63 26.31 -9.24
N CYS A 77 -11.63 25.00 -9.47
CA CYS A 77 -11.59 24.01 -8.39
C CYS A 77 -10.25 23.93 -7.65
N ASN A 78 -9.23 24.58 -8.20
CA ASN A 78 -7.88 24.47 -7.63
C ASN A 78 -7.75 24.77 -6.13
N ASP A 79 -8.01 26.02 -5.75
CA ASP A 79 -7.82 26.46 -4.36
C ASP A 79 -8.48 25.51 -3.35
N ALA A 80 -9.77 25.29 -3.50
CA ALA A 80 -10.52 24.44 -2.58
C ALA A 80 -10.02 23.00 -2.58
N MET A 81 -9.64 22.47 -3.75
CA MET A 81 -9.14 21.09 -3.74
C MET A 81 -7.81 20.98 -3.01
N GLN A 82 -6.96 21.98 -3.20
CA GLN A 82 -5.77 22.12 -2.39
C GLN A 82 -6.04 22.13 -0.87
N GLU A 83 -7.06 22.88 -0.42
CA GLU A 83 -7.34 22.96 1.01
C GLU A 83 -7.89 21.64 1.55
N LEU A 84 -8.66 20.94 0.72
CA LEU A 84 -9.21 19.64 1.11
C LEU A 84 -8.08 18.64 1.27
N VAL A 85 -7.16 18.61 0.31
CA VAL A 85 -5.99 17.75 0.47
C VAL A 85 -5.21 18.11 1.73
N GLU A 86 -4.95 19.40 1.96
CA GLU A 86 -4.23 19.84 3.17
C GLU A 86 -4.89 19.26 4.42
N ALA A 87 -6.20 19.50 4.58
CA ALA A 87 -6.98 18.98 5.72
C ALA A 87 -6.91 17.46 5.88
N ILE A 88 -7.02 16.73 4.77
CA ILE A 88 -6.91 15.29 4.83
C ILE A 88 -5.52 14.84 5.24
N ALA A 89 -4.50 15.29 4.51
CA ALA A 89 -3.11 14.96 4.83
C ALA A 89 -2.80 15.23 6.30
N PHE A 90 -3.25 16.38 6.79
CA PHE A 90 -3.01 16.76 8.16
C PHE A 90 -3.64 15.77 9.14
N LYS A 91 -4.96 15.58 9.01
CA LYS A 91 -5.66 14.61 9.88
C LYS A 91 -4.96 13.25 9.87
N ASN A 92 -4.64 12.77 8.67
CA ASN A 92 -3.93 11.51 8.54
C ASN A 92 -2.67 11.49 9.38
N ALA A 93 -1.84 12.53 9.25
CA ALA A 93 -0.55 12.56 9.95
C ALA A 93 -0.70 12.55 11.47
N ILE A 94 -1.56 13.40 12.00
CA ILE A 94 -1.69 13.41 13.44
C ILE A 94 -2.40 12.16 13.94
N SER A 95 -3.01 11.41 13.03
CA SER A 95 -3.72 10.18 13.40
C SER A 95 -2.89 8.91 13.19
N GLY A 96 -1.57 9.03 13.24
CA GLY A 96 -0.70 7.87 13.29
C GLY A 96 -0.48 7.17 11.98
N GLU A 97 -1.43 7.32 11.08
CA GLU A 97 -1.34 6.64 9.80
C GLU A 97 -1.07 7.65 8.69
N PHE A 98 0.09 8.28 8.71
CA PHE A 98 0.41 9.18 7.62
C PHE A 98 0.70 8.39 6.36
N THR A 99 0.22 8.89 5.25
CA THR A 99 0.46 8.27 3.98
C THR A 99 0.08 9.20 2.83
N PHE A 100 0.79 9.06 1.72
CA PHE A 100 0.44 9.75 0.47
C PHE A 100 -0.71 9.06 -0.27
N GLU A 101 -1.37 8.11 0.40
CA GLU A 101 -2.45 7.39 -0.25
C GLU A 101 -3.77 7.88 0.30
N ILE A 102 -4.23 9.02 -0.22
CA ILE A 102 -5.58 9.45 0.09
C ILE A 102 -6.49 9.22 -1.13
N ASP A 103 -7.46 8.33 -0.98
CA ASP A 103 -8.27 7.94 -2.13
C ASP A 103 -9.44 8.88 -2.38
N LEU A 104 -9.14 9.90 -3.16
CA LEU A 104 -10.11 10.79 -3.79
C LEU A 104 -9.27 11.80 -4.55
N GLU A 105 -9.33 11.79 -5.88
CA GLU A 105 -8.64 12.83 -6.61
C GLU A 105 -9.70 13.65 -7.35
N VAL A 106 -9.46 14.92 -7.72
CA VAL A 106 -8.34 15.85 -7.41
C VAL A 106 -7.18 15.94 -8.41
N THR A 107 -6.84 17.16 -8.80
CA THR A 107 -5.77 17.42 -9.78
C THR A 107 -4.40 17.20 -9.15
N PRO A 108 -3.38 16.84 -9.97
CA PRO A 108 -2.00 16.68 -9.48
C PRO A 108 -1.50 17.83 -8.63
N ALA A 109 -1.59 19.04 -9.17
CA ALA A 109 -1.10 20.23 -8.48
C ALA A 109 -1.79 20.53 -7.13
N ALA A 110 -3.09 20.24 -7.03
CA ALA A 110 -3.79 20.45 -5.78
C ALA A 110 -3.36 19.43 -4.72
N PHE A 111 -2.96 18.25 -5.19
CA PHE A 111 -2.52 17.18 -4.32
C PHE A 111 -1.20 17.61 -3.73
N LEU A 112 -0.25 17.85 -4.63
CA LEU A 112 1.10 18.25 -4.25
C LEU A 112 1.12 19.50 -3.34
N ASN A 113 0.34 20.50 -3.75
CA ASN A 113 0.22 21.74 -3.01
C ASN A 113 -0.41 21.55 -1.65
N GLY A 114 -1.47 20.74 -1.60
CA GLY A 114 -2.12 20.42 -0.34
C GLY A 114 -1.16 19.81 0.67
N PHE A 115 -0.35 18.84 0.26
CA PHE A 115 0.61 18.23 1.19
C PHE A 115 1.65 19.23 1.65
N ALA A 116 2.21 19.95 0.69
CA ALA A 116 3.17 21.01 1.04
C ALA A 116 2.58 21.95 2.09
N ALA A 117 1.36 22.40 1.83
CA ALA A 117 0.61 23.21 2.77
C ALA A 117 0.52 22.57 4.15
N ALA A 118 0.29 21.26 4.16
CA ALA A 118 0.06 20.56 5.43
C ALA A 118 1.30 20.60 6.30
N VAL A 119 2.47 20.67 5.68
CA VAL A 119 3.69 20.88 6.46
C VAL A 119 3.65 21.97 7.57
N GLY A 120 3.08 23.12 7.25
CA GLY A 120 2.90 24.18 8.24
C GLY A 120 1.98 23.87 9.40
N GLU A 121 0.90 23.15 9.12
CA GLU A 121 -0.05 22.76 10.16
C GLU A 121 0.66 21.78 11.05
N LEU A 122 1.44 20.91 10.42
CA LEU A 122 2.26 19.99 11.18
C LEU A 122 3.20 20.76 12.11
N ARG A 123 3.82 21.83 11.60
CA ARG A 123 4.66 22.66 12.47
C ARG A 123 3.90 23.14 13.70
N ARG A 124 2.74 23.78 13.50
CA ARG A 124 1.95 24.18 14.67
C ARG A 124 1.75 23.03 15.65
N TYR A 125 1.23 21.92 15.14
CA TYR A 125 0.94 20.76 15.97
C TYR A 125 2.14 20.25 16.77
N ALA A 126 3.29 20.12 16.12
CA ALA A 126 4.51 19.68 16.80
C ALA A 126 4.95 20.66 17.89
N LEU A 127 4.77 21.95 17.61
CA LEU A 127 5.07 22.97 18.59
C LEU A 127 4.19 22.80 19.82
N THR A 128 2.89 22.60 19.59
CA THR A 128 1.99 22.44 20.74
C THR A 128 2.18 21.10 21.48
N LYS A 129 2.63 20.08 20.77
CA LYS A 129 3.06 18.84 21.41
C LYS A 129 4.22 19.14 22.34
N LEU A 130 5.25 19.81 21.79
CA LEU A 130 6.41 20.25 22.56
C LEU A 130 5.97 20.97 23.83
N ILE A 131 5.06 21.91 23.71
CA ILE A 131 4.54 22.62 24.87
C ILE A 131 3.91 21.69 25.88
N GLU A 132 3.13 20.73 25.41
CA GLU A 132 2.52 19.73 26.29
C GLU A 132 3.52 18.70 26.84
N GLY A 133 4.75 18.76 26.35
CA GLY A 133 5.78 17.85 26.84
C GLY A 133 5.84 16.49 26.17
N ASP A 134 5.09 16.29 25.08
CA ASP A 134 5.09 15.05 24.34
C ASP A 134 6.17 14.98 23.25
N PHE A 135 7.44 14.80 23.64
CA PHE A 135 8.55 14.87 22.70
C PHE A 135 8.53 13.81 21.60
N LYS A 136 8.01 12.63 21.91
CA LYS A 136 7.97 11.55 20.92
C LYS A 136 7.05 11.96 19.79
N SER A 137 5.91 12.54 20.15
CA SER A 137 4.94 12.97 19.17
C SER A 137 5.54 14.02 18.24
N ALA A 138 6.17 15.04 18.83
CA ALA A 138 6.87 16.05 18.04
C ALA A 138 7.93 15.46 17.13
N GLU A 139 8.64 14.44 17.61
CA GLU A 139 9.62 13.73 16.78
C GLU A 139 8.95 13.15 15.55
N ARG A 140 7.86 12.42 15.76
CA ARG A 140 7.15 11.84 14.64
C ARG A 140 6.74 12.92 13.64
N MET A 141 6.15 14.00 14.14
CA MET A 141 5.78 15.12 13.26
C MET A 141 6.96 15.64 12.45
N LEU A 142 8.09 15.88 13.11
CA LEU A 142 9.30 16.27 12.40
C LEU A 142 9.58 15.28 11.28
N GLU A 143 9.48 13.99 11.58
CA GLU A 143 9.80 12.96 10.60
C GLU A 143 8.89 13.08 9.38
N VAL A 144 7.57 13.10 9.59
CA VAL A 144 6.65 13.23 8.45
C VAL A 144 6.90 14.51 7.66
N MET A 145 7.02 15.64 8.35
CA MET A 145 7.36 16.93 7.72
C MET A 145 8.53 16.77 6.76
N GLU A 146 9.63 16.27 7.30
CA GLU A 146 10.82 16.00 6.51
C GLU A 146 10.52 15.08 5.31
N LYS A 147 9.67 14.08 5.52
CA LYS A 147 9.34 13.12 4.49
C LYS A 147 8.64 13.82 3.33
N ILE A 148 7.55 14.49 3.64
CA ILE A 148 6.81 15.32 2.67
C ILE A 148 7.73 16.25 1.90
N TYR A 149 8.58 17.00 2.62
CA TYR A 149 9.54 17.84 1.89
C TYR A 149 10.34 17.01 0.89
N GLU A 150 10.94 15.93 1.36
CA GLU A 150 11.83 15.10 0.55
C GLU A 150 11.13 14.54 -0.70
N ARG A 151 9.94 13.97 -0.52
CA ARG A 151 9.21 13.40 -1.65
C ARG A 151 8.70 14.46 -2.64
N LEU A 152 8.16 15.54 -2.11
CA LEU A 152 7.60 16.58 -2.95
C LEU A 152 8.68 17.32 -3.73
N MET A 153 9.91 17.32 -3.23
CA MET A 153 10.96 18.07 -3.92
C MET A 153 11.21 17.48 -5.29
N GLU A 154 10.97 16.18 -5.42
CA GLU A 154 11.21 15.49 -6.67
C GLU A 154 10.29 15.96 -7.79
N PHE A 155 9.29 16.76 -7.44
CA PHE A 155 8.35 17.26 -8.43
C PHE A 155 8.69 18.66 -8.92
N THR A 156 9.77 19.23 -8.39
CA THR A 156 10.19 20.57 -8.76
C THR A 156 10.68 20.65 -10.21
N THR A 157 11.20 19.53 -10.71
CA THR A 157 11.75 19.43 -12.06
C THR A 157 10.78 19.85 -13.15
N PHE A 158 9.50 19.58 -12.92
CA PHE A 158 8.42 19.93 -13.83
C PHE A 158 8.28 21.43 -13.93
N PRO A 159 7.57 21.92 -14.97
CA PRO A 159 7.42 23.37 -15.08
C PRO A 159 6.39 23.92 -14.09
N ASP A 160 6.41 25.24 -13.85
CA ASP A 160 5.36 25.89 -13.06
C ASP A 160 4.02 25.85 -13.79
N LYS A 161 3.09 25.14 -13.16
CA LYS A 161 1.94 24.55 -13.82
C LYS A 161 2.46 23.34 -14.62
N LEU A 162 1.76 22.21 -14.55
CA LEU A 162 0.64 22.03 -13.64
C LEU A 162 1.20 21.71 -12.27
N VAL A 163 2.21 22.47 -11.85
CA VAL A 163 2.73 22.44 -10.49
C VAL A 163 2.54 23.77 -9.74
N SER A 164 2.36 24.86 -10.48
CA SER A 164 2.06 26.20 -9.93
C SER A 164 2.82 26.59 -8.65
N GLY A 165 2.10 26.67 -7.54
CA GLY A 165 2.69 27.21 -6.32
C GLY A 165 3.78 26.41 -5.62
N LEU A 166 4.01 25.17 -6.06
CA LEU A 166 4.82 24.19 -5.32
C LEU A 166 6.16 24.71 -4.79
N ARG A 167 7.01 25.25 -5.66
CA ARG A 167 8.34 25.70 -5.22
C ARG A 167 8.24 26.64 -4.03
N LYS A 168 7.43 27.69 -4.15
CA LYS A 168 7.28 28.65 -3.05
C LYS A 168 6.81 27.96 -1.76
N LYS A 169 5.81 27.11 -1.89
CA LYS A 169 5.25 26.41 -0.74
C LYS A 169 6.32 25.58 -0.08
N LEU A 170 7.08 24.84 -0.87
CA LEU A 170 8.11 23.97 -0.35
C LEU A 170 9.20 24.77 0.35
N ASP A 171 9.54 25.95 -0.17
CA ASP A 171 10.52 26.79 0.49
C ASP A 171 10.02 27.23 1.86
N VAL A 172 8.79 27.71 1.88
CA VAL A 172 8.13 27.96 3.17
C VAL A 172 8.24 26.74 4.11
N ALA A 173 7.85 25.57 3.61
CA ALA A 173 7.90 24.34 4.38
C ALA A 173 9.31 24.11 4.94
N ARG A 174 10.33 24.22 4.10
CA ARG A 174 11.72 24.05 4.53
C ARG A 174 11.97 24.92 5.75
N GLY A 175 11.62 26.19 5.62
CA GLY A 175 11.74 27.12 6.72
C GLY A 175 11.06 26.63 7.98
N GLY A 176 9.80 26.21 7.83
CA GLY A 176 9.04 25.64 8.92
C GLY A 176 9.78 24.49 9.60
N ILE A 177 10.22 23.53 8.81
CA ILE A 177 10.91 22.38 9.34
C ILE A 177 12.08 22.83 10.19
N GLU A 178 12.91 23.71 9.64
CA GLU A 178 14.09 24.14 10.38
C GLU A 178 13.73 24.84 11.67
N ARG A 179 12.74 25.71 11.59
CA ARG A 179 12.29 26.42 12.77
C ARG A 179 11.91 25.38 13.82
N THR A 180 11.13 24.38 13.41
CA THR A 180 10.65 23.37 14.33
C THR A 180 11.82 22.59 14.92
N LYS A 181 12.81 22.27 14.12
CA LYS A 181 14.00 21.59 14.64
C LYS A 181 14.62 22.43 15.74
N SER A 182 14.75 23.72 15.47
CA SER A 182 15.35 24.64 16.43
C SER A 182 14.58 24.62 17.74
N ASP A 183 13.25 24.63 17.64
CA ASP A 183 12.39 24.62 18.83
C ASP A 183 12.57 23.33 19.60
N TYR A 184 12.58 22.23 18.85
CA TYR A 184 12.75 20.92 19.42
C TYR A 184 14.07 20.86 20.18
N ILE A 185 15.11 21.47 19.60
CA ILE A 185 16.42 21.49 20.22
C ILE A 185 16.33 22.27 21.52
N ALA A 186 15.71 23.44 21.44
CA ALA A 186 15.53 24.30 22.60
C ALA A 186 14.81 23.59 23.74
N ALA A 187 14.00 22.59 23.41
CA ALA A 187 13.24 21.89 24.42
C ALA A 187 14.04 20.77 25.07
N LYS A 188 15.16 20.40 24.45
CA LYS A 188 15.92 19.26 24.96
C LYS A 188 16.56 19.50 26.33
N VAL A 189 16.16 20.60 26.98
CA VAL A 189 16.52 20.85 28.36
C VAL A 189 15.59 20.01 29.24
N ALA A 190 14.93 19.03 28.60
CA ALA A 190 14.19 18.00 29.29
C ALA A 190 14.08 16.76 28.39
N ARG A 191 14.92 15.72 28.53
CA ARG A 191 16.13 15.61 29.39
C ARG A 191 15.97 15.78 30.92
N LEU A 192 16.60 16.82 31.47
CA LEU A 192 16.50 17.09 32.91
C LEU A 192 15.04 17.30 33.34
N ASN A 193 14.62 16.58 34.39
CA ASN A 193 13.25 16.64 34.89
C ASN A 193 12.21 16.31 33.81
N MET B 4 -31.13 68.05 -1.78
CA MET B 4 -30.28 68.27 -2.95
C MET B 4 -28.99 67.42 -2.86
N ARG B 5 -29.11 66.14 -3.27
CA ARG B 5 -28.12 65.09 -2.98
C ARG B 5 -26.61 65.42 -3.02
N LEU B 6 -26.19 66.32 -3.89
CA LEU B 6 -24.78 66.71 -3.86
C LEU B 6 -24.47 67.52 -2.61
N GLU B 7 -25.35 68.43 -2.23
CA GLU B 7 -25.11 69.23 -1.05
C GLU B 7 -25.11 68.34 0.20
N GLU B 8 -25.96 67.32 0.21
CA GLU B 8 -25.92 66.31 1.27
C GLU B 8 -24.57 65.57 1.30
N CYS B 9 -24.08 65.18 0.12
CA CYS B 9 -22.76 64.59 0.03
C CYS B 9 -21.75 65.50 0.67
N ARG B 10 -21.76 66.77 0.28
CA ARG B 10 -20.82 67.75 0.80
C ARG B 10 -20.89 67.86 2.32
N LYS B 11 -22.11 67.87 2.86
CA LYS B 11 -22.35 67.98 4.29
C LYS B 11 -21.72 66.80 5.01
N ARG B 12 -22.20 65.60 4.65
CA ARG B 12 -21.74 64.37 5.29
C ARG B 12 -20.22 64.17 5.16
N LEU B 13 -19.65 64.59 4.04
CA LEU B 13 -18.22 64.51 3.81
C LEU B 13 -17.45 65.47 4.70
N GLU B 14 -18.02 66.65 4.92
CA GLU B 14 -17.36 67.64 5.78
C GLU B 14 -17.31 67.09 7.21
N GLU B 15 -18.47 66.67 7.68
CA GLU B 15 -18.56 66.01 8.98
C GLU B 15 -17.57 64.86 9.12
N LEU B 16 -17.57 63.94 8.15
CA LEU B 16 -16.66 62.80 8.20
C LEU B 16 -15.21 63.24 8.24
N GLU B 17 -14.85 64.23 7.46
CA GLU B 17 -13.48 64.73 7.47
C GLU B 17 -13.04 65.21 8.85
N ALA B 18 -13.91 66.04 9.46
CA ALA B 18 -13.65 66.60 10.79
C ALA B 18 -13.52 65.51 11.83
N ALA B 19 -14.53 64.66 11.86
CA ALA B 19 -14.56 63.54 12.77
C ALA B 19 -13.27 62.75 12.64
N ARG B 20 -12.82 62.53 11.41
CA ARG B 20 -11.62 61.75 11.19
C ARG B 20 -10.40 62.42 11.83
N GLU B 21 -10.28 63.73 11.64
CA GLU B 21 -9.16 64.44 12.29
C GLU B 21 -9.20 64.27 13.81
N GLU B 22 -10.34 64.65 14.41
CA GLU B 22 -10.49 64.60 15.87
C GLU B 22 -10.20 63.18 16.41
N LEU B 23 -10.95 62.22 15.90
CA LEU B 23 -10.85 60.80 16.25
C LEU B 23 -9.42 60.33 16.19
N LEU B 24 -8.74 60.57 15.08
CA LEU B 24 -7.33 60.17 14.99
C LEU B 24 -6.48 60.77 16.11
N LYS B 25 -6.69 62.06 16.42
CA LYS B 25 -5.93 62.67 17.52
C LYS B 25 -6.16 61.96 18.87
N VAL B 26 -7.44 61.77 19.21
CA VAL B 26 -7.81 61.02 20.42
C VAL B 26 -7.17 59.62 20.45
N LEU B 27 -7.55 58.79 19.47
CA LEU B 27 -7.00 57.44 19.29
C LEU B 27 -5.48 57.40 19.50
N ARG B 28 -4.77 58.33 18.90
CA ARG B 28 -3.32 58.29 19.03
C ARG B 28 -2.90 58.62 20.48
N GLU B 29 -3.64 59.50 21.15
CA GLU B 29 -3.30 59.74 22.56
C GLU B 29 -3.50 58.49 23.42
N MET B 30 -4.65 57.86 23.24
CA MET B 30 -4.96 56.62 23.93
C MET B 30 -3.86 55.58 23.70
N ARG B 31 -3.45 55.45 22.44
CA ARG B 31 -2.42 54.46 22.11
C ARG B 31 -1.09 54.77 22.79
N ILE B 32 -0.74 56.05 22.80
CA ILE B 32 0.51 56.46 23.42
C ILE B 32 0.47 56.07 24.88
N HIS B 33 -0.61 56.42 25.56
CA HIS B 33 -0.77 56.09 26.97
C HIS B 33 -0.67 54.58 27.24
N SER B 34 -1.34 53.77 26.42
CA SER B 34 -1.27 52.32 26.61
C SER B 34 0.17 51.83 26.48
N THR B 35 0.85 52.31 25.46
CA THR B 35 2.19 51.82 25.20
C THR B 35 3.04 52.21 26.39
N LYS B 36 2.74 53.39 26.91
CA LYS B 36 3.50 53.95 28.01
C LYS B 36 3.34 53.03 29.21
N SER B 37 2.09 52.73 29.55
CA SER B 37 1.80 51.94 30.73
C SER B 37 2.50 50.58 30.63
N ILE B 38 2.51 50.01 29.42
CA ILE B 38 3.19 48.72 29.23
C ILE B 38 4.67 48.85 29.57
N ALA B 39 5.31 49.89 29.02
CA ALA B 39 6.74 50.06 29.22
C ALA B 39 7.04 50.27 30.69
N LEU B 40 6.17 51.03 31.35
CA LEU B 40 6.30 51.25 32.78
C LEU B 40 6.28 49.94 33.53
N ILE B 41 5.28 49.10 33.25
CA ILE B 41 5.20 47.81 33.91
C ILE B 41 6.50 47.03 33.77
N HIS B 42 7.09 47.00 32.57
CA HIS B 42 8.38 46.30 32.43
C HIS B 42 9.40 47.00 33.33
N ALA B 43 9.34 48.32 33.34
CA ALA B 43 10.28 49.11 34.11
C ALA B 43 10.17 48.97 35.64
N GLY B 44 9.14 48.28 36.13
CA GLY B 44 8.96 48.13 37.56
C GLY B 44 8.07 49.17 38.23
N LYS B 45 7.75 50.25 37.49
CA LYS B 45 6.97 51.34 38.05
C LYS B 45 5.46 51.13 37.87
N VAL B 46 4.89 50.19 38.63
CA VAL B 46 3.50 49.76 38.43
C VAL B 46 2.42 50.82 38.77
N GLU B 47 2.71 51.70 39.72
CA GLU B 47 1.81 52.80 40.00
C GLU B 47 1.72 53.79 38.83
N GLU B 48 2.87 54.17 38.27
CA GLU B 48 2.88 55.09 37.14
C GLU B 48 2.16 54.45 35.92
N ALA B 49 2.38 53.15 35.74
CA ALA B 49 1.64 52.35 34.78
C ALA B 49 0.13 52.46 35.00
N GLU B 50 -0.29 52.32 36.25
CA GLU B 50 -1.71 52.45 36.58
C GLU B 50 -2.22 53.80 36.16
N GLN B 51 -1.47 54.86 36.45
CA GLN B 51 -1.90 56.21 36.07
C GLN B 51 -2.11 56.31 34.55
N GLU B 52 -1.16 55.80 33.78
CA GLU B 52 -1.29 55.82 32.32
C GLU B 52 -2.51 55.05 31.86
N LEU B 53 -2.64 53.81 32.32
CA LEU B 53 -3.84 53.00 32.03
C LEU B 53 -5.11 53.78 32.29
N LYS B 54 -5.13 54.53 33.38
CA LYS B 54 -6.30 55.31 33.74
C LYS B 54 -6.55 56.40 32.69
N LYS B 55 -5.51 57.12 32.27
CA LYS B 55 -5.71 58.20 31.28
C LYS B 55 -6.23 57.61 29.98
N ALA B 56 -5.69 56.46 29.62
CA ALA B 56 -6.14 55.73 28.44
C ALA B 56 -7.63 55.43 28.50
N ILE B 57 -8.04 54.72 29.56
CA ILE B 57 -9.44 54.33 29.69
C ILE B 57 -10.32 55.55 29.72
N GLU B 58 -9.81 56.64 30.28
CA GLU B 58 -10.56 57.90 30.25
C GLU B 58 -10.80 58.31 28.80
N LEU B 59 -9.73 58.32 28.02
CA LEU B 59 -9.83 58.63 26.59
C LEU B 59 -10.84 57.81 25.81
N LEU B 60 -10.92 56.51 26.11
CA LEU B 60 -11.86 55.64 25.40
C LEU B 60 -13.29 56.22 25.48
N GLU B 61 -13.57 56.95 26.55
CA GLU B 61 -14.92 57.48 26.68
C GLU B 61 -15.13 58.54 25.61
N LYS B 62 -14.06 59.28 25.28
CA LYS B 62 -14.11 60.27 24.20
C LYS B 62 -14.25 59.56 22.86
N VAL B 63 -13.37 58.59 22.63
CA VAL B 63 -13.40 57.79 21.41
C VAL B 63 -14.81 57.28 21.11
N LYS B 64 -15.47 56.74 22.13
CA LYS B 64 -16.81 56.15 21.99
C LYS B 64 -17.81 57.11 21.36
N ALA B 65 -17.59 58.40 21.50
CA ALA B 65 -18.48 59.42 20.95
C ALA B 65 -18.60 59.36 19.43
N TYR B 66 -17.62 58.74 18.79
CA TYR B 66 -17.53 58.71 17.34
C TYR B 66 -18.24 57.51 16.70
N ARG B 67 -18.94 56.72 17.51
CA ARG B 67 -19.72 55.62 16.97
C ARG B 67 -20.78 56.08 15.97
N GLU B 68 -21.15 57.36 16.00
CA GLU B 68 -22.19 57.90 15.12
C GLU B 68 -21.70 58.06 13.69
N TYR B 69 -20.41 57.80 13.50
CA TYR B 69 -19.83 57.74 12.17
C TYR B 69 -19.36 56.32 11.86
N PRO B 70 -20.29 55.40 11.56
CA PRO B 70 -19.85 54.01 11.39
C PRO B 70 -18.92 53.80 10.18
N GLU B 71 -19.20 54.45 9.04
CA GLU B 71 -18.17 54.61 8.03
C GLU B 71 -17.05 55.29 8.78
N ILE B 72 -15.82 54.87 8.59
CA ILE B 72 -14.67 55.36 9.38
C ILE B 72 -14.47 54.87 10.83
N TYR B 73 -15.51 54.78 11.66
CA TYR B 73 -15.29 54.46 13.10
C TYR B 73 -14.61 53.13 13.35
N PHE B 74 -15.20 52.07 12.84
CA PHE B 74 -14.68 50.72 13.07
C PHE B 74 -13.37 50.49 12.35
N TYR B 75 -13.22 51.09 11.17
CA TYR B 75 -11.93 51.01 10.49
C TYR B 75 -10.81 51.68 11.30
N LEU B 76 -11.15 52.76 11.98
CA LEU B 76 -10.13 53.57 12.63
C LEU B 76 -9.76 53.09 14.04
N CYS B 77 -10.75 52.63 14.80
CA CYS B 77 -10.51 52.40 16.22
C CYS B 77 -9.69 51.16 16.60
N ASN B 78 -9.52 50.26 15.65
CA ASN B 78 -9.02 48.92 15.96
C ASN B 78 -7.70 48.87 16.68
N ASP B 79 -6.71 49.56 16.17
CA ASP B 79 -5.36 49.39 16.70
C ASP B 79 -5.23 49.92 18.12
N ALA B 80 -5.87 51.05 18.39
CA ALA B 80 -5.79 51.65 19.70
C ALA B 80 -6.54 50.76 20.69
N MET B 81 -7.72 50.30 20.28
CA MET B 81 -8.51 49.47 21.17
C MET B 81 -7.74 48.23 21.58
N GLN B 82 -7.20 47.55 20.58
CA GLN B 82 -6.37 46.38 20.82
C GLN B 82 -5.21 46.70 21.77
N GLU B 83 -4.53 47.80 21.51
CA GLU B 83 -3.39 48.20 22.33
C GLU B 83 -3.78 48.40 23.80
N LEU B 84 -4.95 49.01 24.00
CA LEU B 84 -5.47 49.28 25.32
C LEU B 84 -5.77 47.97 26.05
N VAL B 85 -6.55 47.10 25.41
CA VAL B 85 -6.82 45.78 25.98
C VAL B 85 -5.52 45.06 26.37
N GLU B 86 -4.52 45.04 25.48
CA GLU B 86 -3.19 44.47 25.77
C GLU B 86 -2.64 45.02 27.09
N ALA B 87 -2.49 46.34 27.16
CA ALA B 87 -2.04 47.00 28.39
C ALA B 87 -2.81 46.58 29.66
N ILE B 88 -4.14 46.58 29.59
CA ILE B 88 -4.95 46.18 30.73
C ILE B 88 -4.69 44.72 31.13
N ALA B 89 -4.72 43.82 30.17
CA ALA B 89 -4.52 42.41 30.48
C ALA B 89 -3.13 42.16 31.05
N PHE B 90 -2.15 42.91 30.56
CA PHE B 90 -0.77 42.76 30.98
C PHE B 90 -0.59 43.21 32.42
N LYS B 91 -1.02 44.44 32.68
CA LYS B 91 -0.95 45.00 34.03
C LYS B 91 -1.64 44.06 35.00
N ASN B 92 -2.87 43.66 34.65
CA ASN B 92 -3.65 42.68 35.42
C ASN B 92 -2.86 41.40 35.73
N ALA B 93 -2.18 40.88 34.71
CA ALA B 93 -1.36 39.69 34.91
C ALA B 93 -0.26 39.89 35.94
N ILE B 94 0.46 41.01 35.88
CA ILE B 94 1.56 41.13 36.84
C ILE B 94 1.09 41.54 38.24
N SER B 95 -0.11 42.11 38.34
CA SER B 95 -0.64 42.51 39.63
C SER B 95 -1.43 41.39 40.32
N GLY B 96 -1.29 40.17 39.82
CA GLY B 96 -2.02 39.05 40.37
C GLY B 96 -3.53 39.21 40.31
N GLU B 97 -4.02 39.97 39.35
CA GLU B 97 -5.45 40.18 39.22
C GLU B 97 -5.92 39.90 37.79
N PHE B 98 -5.39 38.86 37.17
CA PHE B 98 -5.71 38.57 35.78
C PHE B 98 -7.17 38.16 35.63
N THR B 99 -7.88 38.80 34.70
CA THR B 99 -9.28 38.46 34.46
C THR B 99 -9.68 38.58 32.99
N PHE B 100 -10.45 37.62 32.51
CA PHE B 100 -11.00 37.70 31.16
C PHE B 100 -12.20 38.60 31.15
N GLU B 101 -12.61 39.06 32.33
CA GLU B 101 -13.75 39.97 32.40
C GLU B 101 -13.39 41.43 32.29
N ILE B 102 -12.67 41.81 31.24
CA ILE B 102 -12.46 43.23 30.96
C ILE B 102 -13.69 43.76 30.24
N ASP B 103 -14.46 44.63 30.88
CA ASP B 103 -15.73 45.06 30.31
C ASP B 103 -15.70 46.39 29.54
N LEU B 104 -15.10 46.37 28.37
CA LEU B 104 -15.06 47.57 27.53
C LEU B 104 -15.92 47.44 26.28
N GLU B 105 -16.34 48.59 25.73
CA GLU B 105 -17.06 48.64 24.46
C GLU B 105 -16.03 48.68 23.33
N VAL B 106 -15.71 47.50 22.85
CA VAL B 106 -14.53 47.31 22.03
C VAL B 106 -14.90 46.13 21.15
N THR B 107 -14.31 46.04 19.96
CA THR B 107 -14.69 44.96 19.03
C THR B 107 -14.11 43.60 19.42
N PRO B 108 -14.81 42.51 19.09
CA PRO B 108 -14.33 41.15 19.33
C PRO B 108 -12.89 40.95 18.86
N ALA B 109 -12.59 41.59 17.74
CA ALA B 109 -11.25 41.55 17.19
C ALA B 109 -10.25 42.18 18.15
N ALA B 110 -10.58 43.39 18.62
CA ALA B 110 -9.65 44.11 19.49
C ALA B 110 -9.45 43.36 20.82
N PHE B 111 -10.53 42.80 21.34
CA PHE B 111 -10.49 42.07 22.60
C PHE B 111 -9.55 40.87 22.48
N LEU B 112 -9.96 39.93 21.65
CA LEU B 112 -9.20 38.70 21.45
C LEU B 112 -7.72 39.02 21.13
N ASN B 113 -7.53 39.92 20.18
CA ASN B 113 -6.19 40.25 19.74
C ASN B 113 -5.36 40.88 20.83
N GLY B 114 -5.99 41.72 21.64
CA GLY B 114 -5.29 42.33 22.76
C GLY B 114 -4.75 41.30 23.74
N PHE B 115 -5.56 40.31 24.12
CA PHE B 115 -5.04 39.28 25.02
C PHE B 115 -3.88 38.54 24.34
N ALA B 116 -4.12 38.15 23.08
CA ALA B 116 -3.13 37.38 22.37
C ALA B 116 -1.82 38.13 22.34
N ALA B 117 -1.92 39.43 22.15
CA ALA B 117 -0.77 40.31 22.13
C ALA B 117 -0.10 40.32 23.49
N ALA B 118 -0.91 40.30 24.53
CA ALA B 118 -0.35 40.38 25.88
C ALA B 118 0.55 39.18 26.15
N VAL B 119 0.25 38.06 25.52
CA VAL B 119 1.10 36.88 25.72
C VAL B 119 2.62 37.15 25.54
N GLY B 120 3.00 37.95 24.56
CA GLY B 120 4.41 38.12 24.32
C GLY B 120 5.09 39.13 25.20
N GLU B 121 4.30 40.14 25.57
CA GLU B 121 4.69 41.13 26.56
C GLU B 121 5.01 40.35 27.83
N LEU B 122 4.14 39.38 28.13
CA LEU B 122 4.33 38.42 29.21
C LEU B 122 5.59 37.58 29.03
N ARG B 123 5.88 37.11 27.83
CA ARG B 123 7.11 36.32 27.66
C ARG B 123 8.32 37.15 28.02
N ARG B 124 8.34 38.39 27.51
CA ARG B 124 9.40 39.35 27.83
C ARG B 124 9.58 39.48 29.34
N TYR B 125 8.48 39.81 30.03
CA TYR B 125 8.48 39.93 31.47
C TYR B 125 9.06 38.69 32.18
N ALA B 126 8.57 37.52 31.78
CA ALA B 126 8.92 36.24 32.40
C ALA B 126 10.40 35.94 32.24
N LEU B 127 10.92 36.28 31.07
CA LEU B 127 12.35 36.13 30.81
C LEU B 127 13.19 37.08 31.69
N THR B 128 12.78 38.33 31.81
CA THR B 128 13.56 39.20 32.68
C THR B 128 13.51 38.75 34.15
N LYS B 129 12.36 38.32 34.64
CA LYS B 129 12.35 37.80 36.02
C LYS B 129 13.24 36.55 36.11
N LEU B 130 13.17 35.71 35.08
CA LEU B 130 13.93 34.48 35.03
C LEU B 130 15.43 34.77 35.18
N ILE B 131 15.92 35.77 34.45
CA ILE B 131 17.32 36.20 34.57
C ILE B 131 17.66 36.60 36.02
N GLU B 132 16.83 37.47 36.59
CA GLU B 132 17.02 37.98 37.95
C GLU B 132 16.77 36.97 39.07
N GLY B 133 16.59 35.70 38.71
CA GLY B 133 16.41 34.64 39.69
C GLY B 133 15.02 34.48 40.28
N ASP B 134 14.09 35.35 39.88
CA ASP B 134 12.74 35.35 40.44
C ASP B 134 11.82 34.30 39.79
N PHE B 135 12.09 33.03 40.06
CA PHE B 135 11.38 31.93 39.42
C PHE B 135 9.86 31.92 39.66
N LYS B 136 9.43 32.44 40.80
CA LYS B 136 8.01 32.41 41.12
C LYS B 136 7.20 33.30 40.16
N SER B 137 7.67 34.54 39.97
CA SER B 137 7.11 35.44 38.95
C SER B 137 7.05 34.79 37.56
N ALA B 138 8.13 34.14 37.17
CA ALA B 138 8.14 33.46 35.88
C ALA B 138 7.04 32.42 35.81
N GLU B 139 7.01 31.50 36.76
CA GLU B 139 5.96 30.48 36.79
C GLU B 139 4.54 31.08 36.69
N ARG B 140 4.25 32.11 37.48
CA ARG B 140 2.94 32.78 37.37
C ARG B 140 2.66 33.29 35.96
N MET B 141 3.58 34.06 35.40
CA MET B 141 3.41 34.58 34.06
C MET B 141 3.16 33.46 33.05
N LEU B 142 3.97 32.42 33.11
CA LEU B 142 3.78 31.29 32.23
C LEU B 142 2.34 30.72 32.37
N GLU B 143 1.84 30.67 33.59
CA GLU B 143 0.49 30.19 33.81
C GLU B 143 -0.58 31.06 33.14
N VAL B 144 -0.48 32.39 33.32
CA VAL B 144 -1.46 33.25 32.67
C VAL B 144 -1.33 33.17 31.14
N MET B 145 -0.09 33.09 30.67
CA MET B 145 0.22 32.92 29.25
C MET B 145 -0.53 31.72 28.68
N GLU B 146 -0.32 30.58 29.32
CA GLU B 146 -0.94 29.35 28.86
C GLU B 146 -2.46 29.43 28.92
N LYS B 147 -2.99 30.08 29.93
CA LYS B 147 -4.42 30.22 30.03
C LYS B 147 -4.96 31.08 28.88
N ILE B 148 -4.23 32.12 28.51
CA ILE B 148 -4.70 33.00 27.45
C ILE B 148 -4.72 32.24 26.15
N TYR B 149 -3.62 31.54 25.87
CA TYR B 149 -3.52 30.74 24.66
C TYR B 149 -4.70 29.77 24.59
N GLU B 150 -4.88 29.03 25.68
CA GLU B 150 -5.89 27.99 25.76
C GLU B 150 -7.31 28.50 25.50
N ARG B 151 -7.68 29.64 26.10
CA ARG B 151 -9.06 30.10 25.90
C ARG B 151 -9.25 30.76 24.55
N LEU B 152 -8.17 31.38 24.04
CA LEU B 152 -8.23 32.11 22.78
C LEU B 152 -8.25 31.19 21.55
N MET B 153 -7.68 29.99 21.66
CA MET B 153 -7.51 29.14 20.50
C MET B 153 -8.81 28.72 19.83
N GLU B 154 -9.92 28.78 20.55
CA GLU B 154 -11.18 28.36 19.96
C GLU B 154 -11.79 29.38 18.96
N PHE B 155 -11.37 30.65 19.04
CA PHE B 155 -11.86 31.68 18.13
C PHE B 155 -11.15 31.60 16.80
N THR B 156 -10.18 30.71 16.75
CA THR B 156 -9.36 30.52 15.58
C THR B 156 -10.13 29.89 14.40
N THR B 157 -11.33 29.37 14.66
CA THR B 157 -12.25 28.89 13.61
C THR B 157 -13.00 30.00 12.87
N PHE B 158 -12.96 31.22 13.39
CA PHE B 158 -13.68 32.31 12.76
C PHE B 158 -12.87 32.85 11.58
N PRO B 159 -13.57 33.33 10.54
CA PRO B 159 -12.92 33.87 9.36
C PRO B 159 -11.95 34.96 9.75
N ASP B 160 -10.75 34.93 9.18
CA ASP B 160 -9.69 35.85 9.56
C ASP B 160 -10.16 37.30 9.54
N LYS B 161 -10.87 37.69 8.49
CA LYS B 161 -11.29 39.09 8.35
C LYS B 161 -12.14 39.59 9.55
N LEU B 162 -12.75 38.67 10.27
CA LEU B 162 -13.68 39.03 11.33
C LEU B 162 -12.97 39.12 12.66
N VAL B 163 -11.70 38.73 12.66
CA VAL B 163 -10.98 38.55 13.90
C VAL B 163 -9.49 38.84 13.61
N SER B 164 -9.30 39.78 12.68
CA SER B 164 -8.02 40.16 12.06
C SER B 164 -6.84 39.21 12.33
N GLY B 165 -5.74 39.73 12.84
CA GLY B 165 -4.52 38.94 12.93
C GLY B 165 -4.46 37.79 13.93
N LEU B 166 -5.62 37.29 14.36
CA LEU B 166 -5.67 36.42 15.52
C LEU B 166 -4.75 35.21 15.35
N ARG B 167 -4.91 34.52 14.23
CA ARG B 167 -4.11 33.32 13.99
C ARG B 167 -2.62 33.63 14.12
N LYS B 168 -2.14 34.67 13.41
CA LYS B 168 -0.69 34.94 13.43
C LYS B 168 -0.27 35.19 14.89
N LYS B 169 -1.08 35.97 15.61
CA LYS B 169 -0.76 36.32 16.98
C LYS B 169 -0.63 35.06 17.82
N LEU B 170 -1.63 34.18 17.70
CA LEU B 170 -1.60 32.95 18.46
C LEU B 170 -0.43 32.06 18.04
N ASP B 171 -0.04 32.10 16.78
CA ASP B 171 1.15 31.36 16.37
C ASP B 171 2.35 31.80 17.19
N VAL B 172 2.57 33.12 17.19
CA VAL B 172 3.66 33.71 17.95
C VAL B 172 3.54 33.30 19.42
N ALA B 173 2.32 33.34 19.93
CA ALA B 173 2.09 32.99 21.31
C ALA B 173 2.59 31.59 21.58
N ARG B 174 2.19 30.67 20.69
CA ARG B 174 2.53 29.27 20.85
C ARG B 174 4.05 29.19 21.05
N GLY B 175 4.78 29.80 20.12
CA GLY B 175 6.23 29.73 20.17
C GLY B 175 6.78 30.33 21.44
N GLY B 176 6.18 31.44 21.87
CA GLY B 176 6.66 32.15 23.04
C GLY B 176 6.53 31.26 24.25
N ILE B 177 5.38 30.60 24.34
CA ILE B 177 5.11 29.70 25.43
C ILE B 177 6.20 28.63 25.42
N GLU B 178 6.42 28.05 24.25
CA GLU B 178 7.36 26.94 24.13
C GLU B 178 8.73 27.36 24.59
N ARG B 179 9.11 28.58 24.22
CA ARG B 179 10.46 29.00 24.53
C ARG B 179 10.56 29.33 26.00
N THR B 180 9.52 29.96 26.54
CA THR B 180 9.55 30.42 27.92
C THR B 180 9.60 29.22 28.88
N LYS B 181 8.78 28.22 28.62
CA LYS B 181 8.91 26.94 29.31
C LYS B 181 10.37 26.49 29.30
N SER B 182 10.94 26.36 28.10
CA SER B 182 12.32 25.89 28.02
C SER B 182 13.24 26.75 28.88
N ASP B 183 13.10 28.07 28.74
CA ASP B 183 13.99 28.99 29.43
C ASP B 183 13.91 28.73 30.93
N TYR B 184 12.66 28.64 31.43
CA TYR B 184 12.41 28.38 32.83
C TYR B 184 13.17 27.14 33.28
N ILE B 185 12.96 26.03 32.58
CA ILE B 185 13.60 24.79 32.96
C ILE B 185 15.13 24.94 32.97
N ALA B 186 15.67 25.62 31.96
CA ALA B 186 17.12 25.75 31.85
C ALA B 186 17.64 26.56 33.02
N ALA B 187 16.89 27.60 33.38
CA ALA B 187 17.31 28.45 34.48
C ALA B 187 17.23 27.65 35.78
N LYS B 188 16.23 26.77 35.87
CA LYS B 188 16.07 25.98 37.09
C LYS B 188 17.28 25.08 37.33
N VAL B 189 17.67 24.30 36.32
CA VAL B 189 18.88 23.52 36.46
C VAL B 189 20.06 24.44 36.75
N ALA B 190 20.10 25.59 36.07
CA ALA B 190 21.21 26.52 36.22
C ALA B 190 21.37 26.99 37.66
N ARG B 191 20.26 27.05 38.41
CA ARG B 191 20.38 27.35 39.85
C ARG B 191 20.20 26.10 40.71
N LEU B 192 21.04 25.10 40.47
CA LEU B 192 21.33 24.08 41.48
C LEU B 192 22.84 24.19 41.72
N ASN B 193 23.47 24.99 40.87
CA ASN B 193 24.87 25.38 40.97
C ASN B 193 25.00 26.86 41.36
N GLU B 194 24.14 27.71 40.78
CA GLU B 194 24.14 29.14 41.09
C GLU B 194 23.41 29.43 42.41
N MET C 4 17.06 84.22 -18.37
CA MET C 4 16.05 83.41 -19.08
C MET C 4 15.83 82.04 -18.44
N ARG C 5 14.65 81.88 -17.83
CA ARG C 5 14.31 80.77 -16.91
C ARG C 5 14.77 79.37 -17.34
N LEU C 6 14.57 79.02 -18.60
CA LEU C 6 15.01 77.71 -19.09
C LEU C 6 16.50 77.48 -18.88
N GLU C 7 17.28 78.55 -18.99
CA GLU C 7 18.71 78.44 -18.81
C GLU C 7 19.06 78.31 -17.33
N GLU C 8 18.26 78.92 -16.47
CA GLU C 8 18.42 78.74 -15.02
C GLU C 8 18.12 77.29 -14.62
N CYS C 9 17.09 76.71 -15.24
CA CYS C 9 16.81 75.28 -15.13
C CYS C 9 18.02 74.46 -15.54
N ARG C 10 18.39 74.53 -16.82
CA ARG C 10 19.54 73.79 -17.36
C ARG C 10 20.77 73.88 -16.44
N LYS C 11 21.09 75.09 -16.00
CA LYS C 11 22.21 75.31 -15.07
C LYS C 11 22.02 74.47 -13.84
N ARG C 12 20.94 74.75 -13.12
CA ARG C 12 20.68 74.06 -11.85
C ARG C 12 20.67 72.53 -11.99
N LEU C 13 20.18 72.01 -13.11
CA LEU C 13 20.17 70.58 -13.33
C LEU C 13 21.58 70.05 -13.56
N GLU C 14 22.42 70.80 -14.25
CA GLU C 14 23.81 70.35 -14.45
C GLU C 14 24.54 70.29 -13.10
N GLU C 15 24.36 71.37 -12.33
CA GLU C 15 24.86 71.44 -10.96
C GLU C 15 24.43 70.21 -10.13
N LEU C 16 23.12 69.98 -10.10
CA LEU C 16 22.59 68.87 -9.34
C LEU C 16 23.10 67.51 -9.82
N GLU C 17 23.18 67.27 -11.13
CA GLU C 17 23.65 65.97 -11.61
C GLU C 17 25.06 65.75 -11.07
N ALA C 18 25.88 66.79 -11.23
CA ALA C 18 27.24 66.71 -10.75
C ALA C 18 27.30 66.38 -9.25
N ALA C 19 26.62 67.22 -8.47
CA ALA C 19 26.63 67.12 -7.02
C ALA C 19 26.21 65.74 -6.58
N ARG C 20 25.14 65.23 -7.18
CA ARG C 20 24.63 63.90 -6.87
C ARG C 20 25.72 62.88 -7.09
N GLU C 21 26.44 63.02 -8.22
CA GLU C 21 27.50 62.03 -8.48
C GLU C 21 28.57 62.04 -7.38
N GLU C 22 29.13 63.23 -7.15
CA GLU C 22 30.21 63.38 -6.17
C GLU C 22 29.78 62.90 -4.79
N LEU C 23 28.67 63.47 -4.31
CA LEU C 23 28.05 63.15 -3.03
C LEU C 23 27.96 61.65 -2.87
N LEU C 24 27.37 60.99 -3.87
CA LEU C 24 27.27 59.53 -3.84
C LEU C 24 28.61 58.86 -3.65
N LYS C 25 29.63 59.35 -4.36
CA LYS C 25 30.97 58.75 -4.20
C LYS C 25 31.43 58.84 -2.73
N VAL C 26 31.37 60.06 -2.20
CA VAL C 26 31.78 60.32 -0.82
C VAL C 26 31.02 59.44 0.18
N LEU C 27 29.69 59.55 0.17
CA LEU C 27 28.82 58.70 0.98
C LEU C 27 29.22 57.22 0.92
N ARG C 28 29.44 56.69 -0.29
CA ARG C 28 29.85 55.29 -0.42
C ARG C 28 31.18 54.99 0.30
N GLU C 29 32.16 55.89 0.15
CA GLU C 29 33.41 55.66 0.85
C GLU C 29 33.19 55.65 2.37
N MET C 30 32.37 56.60 2.82
CA MET C 30 32.05 56.70 4.24
C MET C 30 31.48 55.39 4.71
N ARG C 31 30.50 54.88 3.95
CA ARG C 31 29.79 53.66 4.32
C ARG C 31 30.77 52.48 4.41
N ILE C 32 31.68 52.42 3.46
CA ILE C 32 32.69 51.37 3.48
C ILE C 32 33.52 51.43 4.75
N HIS C 33 33.95 52.63 5.13
CA HIS C 33 34.70 52.72 6.39
C HIS C 33 33.89 52.36 7.66
N SER C 34 32.63 52.81 7.73
CA SER C 34 31.76 52.41 8.84
C SER C 34 31.68 50.89 8.94
N THR C 35 31.39 50.26 7.80
CA THR C 35 31.17 48.83 7.76
C THR C 35 32.44 48.11 8.19
N LYS C 36 33.56 48.58 7.65
CA LYS C 36 34.84 47.97 7.98
C LYS C 36 35.06 48.06 9.50
N SER C 37 34.78 49.24 10.06
CA SER C 37 34.87 49.49 11.49
C SER C 37 34.11 48.43 12.29
N ILE C 38 32.82 48.27 11.97
CA ILE C 38 31.98 47.27 12.62
C ILE C 38 32.56 45.85 12.56
N ALA C 39 32.92 45.43 11.36
CA ALA C 39 33.52 44.11 11.19
C ALA C 39 34.79 43.93 12.05
N LEU C 40 35.63 44.96 12.07
CA LEU C 40 36.85 44.96 12.86
C LEU C 40 36.51 44.76 14.32
N ILE C 41 35.53 45.50 14.82
CA ILE C 41 35.13 45.31 16.21
C ILE C 41 34.70 43.88 16.48
N HIS C 42 33.92 43.29 15.57
CA HIS C 42 33.56 41.88 15.75
C HIS C 42 34.80 40.99 15.77
N ALA C 43 35.82 41.41 15.03
CA ALA C 43 37.05 40.61 14.92
C ALA C 43 38.02 40.80 16.09
N GLY C 44 37.78 41.80 16.93
CA GLY C 44 38.64 42.04 18.09
C GLY C 44 39.60 43.23 17.96
N LYS C 45 39.89 43.60 16.71
CA LYS C 45 40.84 44.66 16.44
C LYS C 45 40.21 46.04 16.62
N VAL C 46 39.98 46.44 17.86
CA VAL C 46 39.32 47.73 18.11
C VAL C 46 40.18 48.96 17.73
N GLU C 47 41.50 48.81 17.73
CA GLU C 47 42.38 49.92 17.37
C GLU C 47 42.16 50.35 15.91
N GLU C 48 42.27 49.41 14.97
CA GLU C 48 42.03 49.77 13.57
C GLU C 48 40.56 50.03 13.29
N ALA C 49 39.70 49.56 14.19
CA ALA C 49 38.31 49.95 14.14
C ALA C 49 38.21 51.47 14.38
N GLU C 50 38.94 51.95 15.39
CA GLU C 50 38.92 53.38 15.70
C GLU C 50 39.52 54.17 14.54
N GLN C 51 40.54 53.59 13.90
CA GLN C 51 41.14 54.26 12.76
CA GLN C 51 41.17 54.21 12.73
C GLN C 51 40.14 54.41 11.61
N GLU C 52 39.55 53.28 11.19
CA GLU C 52 38.55 53.28 10.13
C GLU C 52 37.43 54.26 10.45
N LEU C 53 37.04 54.28 11.72
CA LEU C 53 36.02 55.21 12.21
C LEU C 53 36.40 56.67 11.99
N LYS C 54 37.61 57.04 12.40
CA LYS C 54 38.10 58.40 12.17
C LYS C 54 38.03 58.76 10.68
N LYS C 55 38.43 57.79 9.84
CA LYS C 55 38.35 58.00 8.40
C LYS C 55 36.91 58.34 7.97
N ALA C 56 35.97 57.53 8.47
CA ALA C 56 34.55 57.76 8.25
C ALA C 56 34.14 59.20 8.60
N ILE C 57 34.48 59.64 9.81
CA ILE C 57 34.08 60.99 10.23
C ILE C 57 34.67 62.16 9.41
N GLU C 58 35.94 62.04 9.06
CA GLU C 58 36.51 63.05 8.15
C GLU C 58 35.66 63.11 6.87
N LEU C 59 35.42 61.91 6.33
CA LEU C 59 34.59 61.84 5.14
C LEU C 59 33.20 62.45 5.38
N LEU C 60 32.74 62.44 6.62
CA LEU C 60 31.45 63.04 6.96
C LEU C 60 31.51 64.56 6.87
N GLU C 61 32.64 65.15 7.21
CA GLU C 61 32.78 66.59 6.93
C GLU C 61 32.66 66.82 5.43
N LYS C 62 33.39 65.98 4.67
CA LYS C 62 33.30 66.11 3.22
C LYS C 62 31.84 66.01 2.71
N VAL C 63 31.08 65.07 3.29
CA VAL C 63 29.67 64.88 2.97
C VAL C 63 28.88 66.14 3.28
N LYS C 64 29.05 66.66 4.49
CA LYS C 64 28.33 67.85 4.96
C LYS C 64 28.52 69.01 4.01
N ALA C 65 29.65 69.03 3.30
CA ALA C 65 29.81 70.04 2.25
C ALA C 65 28.59 70.25 1.30
N TYR C 66 27.81 69.19 1.02
CA TYR C 66 26.75 69.26 0.01
C TYR C 66 25.37 69.64 0.53
N ARG C 67 25.30 70.23 1.70
CA ARG C 67 24.02 70.66 2.25
C ARG C 67 23.45 71.84 1.44
N GLU C 68 24.25 72.45 0.57
CA GLU C 68 23.81 73.60 -0.20
C GLU C 68 22.98 73.13 -1.40
N TYR C 69 22.73 71.84 -1.44
CA TYR C 69 21.80 71.26 -2.37
C TYR C 69 20.70 70.53 -1.58
N PRO C 70 19.79 71.31 -0.96
CA PRO C 70 18.72 70.73 -0.15
C PRO C 70 17.94 69.67 -0.91
N GLU C 71 17.35 69.99 -2.06
CA GLU C 71 16.85 68.95 -2.98
C GLU C 71 18.03 68.05 -3.28
N ILE C 72 17.78 66.76 -3.48
CA ILE C 72 18.81 65.74 -3.19
C ILE C 72 19.25 65.83 -1.71
N TYR C 73 20.53 65.79 -1.41
CA TYR C 73 21.04 65.68 -0.03
C TYR C 73 20.28 64.76 0.94
N PHE C 74 19.24 65.29 1.57
CA PHE C 74 18.44 64.54 2.55
C PHE C 74 17.82 63.25 2.02
N TYR C 75 17.53 63.21 0.71
CA TYR C 75 16.96 62.02 0.09
C TYR C 75 17.97 60.87 0.04
N LEU C 76 19.24 61.17 0.26
CA LEU C 76 20.25 60.15 0.03
C LEU C 76 21.44 60.16 0.99
N CYS C 77 21.30 60.84 2.11
CA CYS C 77 22.36 60.88 3.12
C CYS C 77 22.18 59.76 4.10
N ASN C 78 20.91 59.63 4.51
CA ASN C 78 20.47 58.73 5.56
C ASN C 78 21.29 57.46 5.77
N ASP C 79 21.29 56.57 4.78
CA ASP C 79 21.90 55.28 4.95
C ASP C 79 23.29 55.43 5.52
N ALA C 80 24.10 56.24 4.82
CA ALA C 80 25.49 56.40 5.26
C ALA C 80 25.53 56.92 6.68
N MET C 81 24.77 57.99 6.92
CA MET C 81 24.70 58.58 8.26
C MET C 81 24.30 57.53 9.31
N GLN C 82 23.28 56.74 9.00
CA GLN C 82 22.87 55.69 9.93
C GLN C 82 24.06 54.86 10.32
N GLU C 83 24.76 54.32 9.32
CA GLU C 83 25.82 53.38 9.63
C GLU C 83 26.88 54.04 10.50
N LEU C 84 27.15 55.32 10.22
CA LEU C 84 28.16 56.01 11.00
C LEU C 84 27.77 55.91 12.46
N VAL C 85 26.56 56.40 12.75
CA VAL C 85 26.06 56.39 14.12
C VAL C 85 26.13 54.97 14.66
N GLU C 86 25.62 54.02 13.87
CA GLU C 86 25.56 52.63 14.32
C GLU C 86 26.96 52.26 14.76
N ALA C 87 27.92 52.44 13.84
CA ALA C 87 29.30 52.00 14.08
C ALA C 87 29.82 52.62 15.37
N ILE C 88 29.60 53.93 15.50
CA ILE C 88 30.12 54.63 16.65
C ILE C 88 29.52 54.01 17.90
N ALA C 89 28.20 53.93 17.94
CA ALA C 89 27.55 53.47 19.14
C ALA C 89 28.14 52.10 19.46
N PHE C 90 28.36 51.31 18.42
CA PHE C 90 28.75 49.92 18.60
C PHE C 90 30.11 49.90 19.29
N LYS C 91 31.06 50.67 18.76
CA LYS C 91 32.39 50.71 19.35
C LYS C 91 32.22 51.09 20.83
N ASN C 92 31.45 52.16 21.05
CA ASN C 92 31.34 52.72 22.38
C ASN C 92 30.77 51.69 23.32
N ALA C 93 29.87 50.85 22.83
CA ALA C 93 29.25 49.91 23.74
C ALA C 93 30.31 48.94 24.22
N ILE C 94 31.13 48.43 23.30
CA ILE C 94 32.00 47.32 23.68
C ILE C 94 33.20 47.86 24.46
N SER C 95 33.41 49.16 24.41
CA SER C 95 34.48 49.79 25.17
C SER C 95 34.02 50.20 26.56
N GLY C 96 32.75 49.92 26.88
CA GLY C 96 32.21 50.24 28.19
C GLY C 96 32.08 51.73 28.37
N GLU C 97 31.91 52.42 27.25
CA GLU C 97 31.76 53.86 27.25
C GLU C 97 30.59 54.27 26.37
N PHE C 98 29.43 53.66 26.61
CA PHE C 98 28.29 53.91 25.74
C PHE C 98 27.66 55.27 26.03
N THR C 99 27.39 56.06 25.01
CA THR C 99 26.64 57.29 25.25
C THR C 99 25.58 57.58 24.17
N PHE C 100 24.50 58.28 24.58
CA PHE C 100 23.54 58.81 23.62
C PHE C 100 24.00 60.19 23.19
N GLU C 101 25.11 60.63 23.75
CA GLU C 101 25.65 61.96 23.47
C GLU C 101 26.72 61.91 22.41
N ILE C 102 26.33 61.46 21.22
CA ILE C 102 27.19 61.50 20.06
C ILE C 102 26.83 62.76 19.30
N ASP C 103 27.82 63.61 19.08
CA ASP C 103 27.56 64.92 18.51
C ASP C 103 27.98 65.01 17.06
N LEU C 104 27.05 64.74 16.15
CA LEU C 104 27.33 64.78 14.72
C LEU C 104 26.22 65.52 14.00
N GLU C 105 26.56 66.21 12.91
CA GLU C 105 25.54 66.91 12.11
C GLU C 105 24.89 65.91 11.18
N VAL C 106 23.81 65.31 11.66
CA VAL C 106 23.26 64.11 11.10
C VAL C 106 21.75 64.27 11.27
N THR C 107 20.93 63.61 10.46
CA THR C 107 19.48 63.78 10.61
C THR C 107 18.90 62.96 11.77
N PRO C 108 17.84 63.48 12.42
CA PRO C 108 17.14 62.78 13.51
C PRO C 108 16.85 61.32 13.18
N ALA C 109 16.23 61.12 12.03
CA ALA C 109 15.97 59.77 11.59
C ALA C 109 17.24 58.92 11.65
N ALA C 110 18.35 59.49 11.17
CA ALA C 110 19.57 58.69 11.07
C ALA C 110 20.17 58.40 12.43
N PHE C 111 20.14 59.39 13.31
CA PHE C 111 20.63 59.22 14.67
C PHE C 111 19.88 58.06 15.31
N LEU C 112 18.57 58.25 15.45
CA LEU C 112 17.67 57.25 16.03
C LEU C 112 17.93 55.86 15.44
N ASN C 113 17.94 55.81 14.11
CA ASN C 113 17.97 54.52 13.45
C ASN C 113 19.30 53.84 13.58
N GLY C 114 20.34 54.63 13.69
CA GLY C 114 21.67 54.07 13.89
C GLY C 114 21.73 53.39 15.24
N PHE C 115 21.23 54.11 16.25
CA PHE C 115 21.22 53.49 17.57
C PHE C 115 20.43 52.20 17.52
N ALA C 116 19.26 52.24 16.89
CA ALA C 116 18.46 51.03 16.75
C ALA C 116 19.26 49.88 16.12
N ALA C 117 20.00 50.20 15.05
CA ALA C 117 20.74 49.20 14.31
C ALA C 117 21.84 48.59 15.15
N ALA C 118 22.39 49.36 16.07
CA ALA C 118 23.46 48.82 16.90
C ALA C 118 23.01 47.57 17.68
N VAL C 119 21.74 47.55 18.04
CA VAL C 119 21.22 46.46 18.86
C VAL C 119 21.57 45.10 18.23
N GLY C 120 21.54 45.06 16.91
CA GLY C 120 21.76 43.82 16.19
C GLY C 120 23.20 43.36 16.31
N GLU C 121 24.11 44.31 16.10
CA GLU C 121 25.52 44.05 16.17
C GLU C 121 25.82 43.55 17.56
N LEU C 122 25.16 44.18 18.53
CA LEU C 122 25.31 43.79 19.92
C LEU C 122 24.85 42.37 20.18
N ARG C 123 23.75 41.96 19.56
CA ARG C 123 23.31 40.57 19.73
C ARG C 123 24.36 39.63 19.18
N ARG C 124 24.88 39.95 17.99
CA ARG C 124 25.92 39.13 17.38
C ARG C 124 27.12 38.96 18.31
N TYR C 125 27.56 40.08 18.85
CA TYR C 125 28.72 40.12 19.73
C TYR C 125 28.46 39.29 20.98
N ALA C 126 27.38 39.61 21.67
CA ALA C 126 27.06 38.98 22.92
C ALA C 126 26.94 37.49 22.72
N LEU C 127 26.54 37.11 21.51
CA LEU C 127 26.32 35.69 21.20
C LEU C 127 27.67 34.98 21.02
N THR C 128 28.60 35.60 20.27
CA THR C 128 29.88 34.92 20.14
C THR C 128 30.66 34.89 21.46
N LYS C 129 30.49 35.91 22.30
CA LYS C 129 31.12 35.91 23.63
C LYS C 129 30.45 34.85 24.51
N LEU C 130 29.14 34.72 24.37
CA LEU C 130 28.41 33.72 25.08
C LEU C 130 29.07 32.39 24.77
N ILE C 131 29.34 32.15 23.49
CA ILE C 131 30.02 30.90 23.12
C ILE C 131 31.46 30.79 23.66
N GLU C 132 32.22 31.88 23.61
CA GLU C 132 33.58 31.85 24.15
C GLU C 132 33.63 31.70 25.68
N GLY C 133 32.47 31.82 26.33
CA GLY C 133 32.39 31.62 27.77
C GLY C 133 32.37 32.88 28.61
N ASP C 134 32.60 34.01 27.96
CA ASP C 134 32.71 35.32 28.59
C ASP C 134 31.34 35.88 28.96
N PHE C 135 30.71 35.35 30.01
CA PHE C 135 29.36 35.84 30.38
C PHE C 135 29.30 37.31 30.75
N LYS C 136 30.40 37.87 31.26
CA LYS C 136 30.41 39.26 31.66
C LYS C 136 30.14 40.18 30.49
N SER C 137 30.88 39.97 29.41
CA SER C 137 30.73 40.84 28.26
C SER C 137 29.32 40.71 27.73
N ALA C 138 28.82 39.49 27.74
CA ALA C 138 27.49 39.22 27.26
C ALA C 138 26.46 40.02 28.04
N GLU C 139 26.46 39.89 29.35
CA GLU C 139 25.46 40.63 30.14
C GLU C 139 25.62 42.16 30.05
N ARG C 140 26.85 42.63 29.88
CA ARG C 140 27.04 44.06 29.64
C ARG C 140 26.35 44.47 28.32
N MET C 141 26.60 43.68 27.28
CA MET C 141 25.99 43.92 25.98
C MET C 141 24.46 43.96 26.09
N LEU C 142 23.90 42.88 26.61
CA LEU C 142 22.51 42.82 26.97
C LEU C 142 22.04 44.16 27.58
N GLU C 143 22.74 44.62 28.62
CA GLU C 143 22.36 45.88 29.27
C GLU C 143 22.33 47.08 28.33
N VAL C 144 23.34 47.23 27.47
CA VAL C 144 23.29 48.38 26.57
C VAL C 144 22.19 48.22 25.51
N MET C 145 21.86 46.97 25.18
CA MET C 145 20.77 46.67 24.26
C MET C 145 19.44 47.17 24.80
N GLU C 146 19.09 46.64 25.98
CA GLU C 146 17.89 47.05 26.69
C GLU C 146 17.84 48.56 26.90
N LYS C 147 18.99 49.17 27.17
CA LYS C 147 19.04 50.62 27.27
C LYS C 147 18.63 51.31 25.95
N ILE C 148 19.21 50.84 24.85
CA ILE C 148 18.93 51.45 23.56
C ILE C 148 17.46 51.32 23.23
N TYR C 149 16.93 50.11 23.37
CA TYR C 149 15.50 49.91 23.10
C TYR C 149 14.64 50.82 23.95
N GLU C 150 14.85 50.77 25.26
CA GLU C 150 13.98 51.51 26.20
C GLU C 150 13.98 52.99 25.90
N ARG C 151 15.15 53.54 25.62
CA ARG C 151 15.25 54.98 25.44
C ARG C 151 14.69 55.37 24.07
N LEU C 152 14.91 54.52 23.08
CA LEU C 152 14.52 54.83 21.72
C LEU C 152 13.01 54.68 21.48
N MET C 153 12.36 53.80 22.25
CA MET C 153 10.90 53.59 22.13
C MET C 153 10.14 54.88 22.33
N GLU C 154 10.72 55.77 23.13
CA GLU C 154 10.11 57.06 23.43
C GLU C 154 9.81 57.90 22.19
N PHE C 155 10.48 57.59 21.08
CA PHE C 155 10.31 58.34 19.83
C PHE C 155 9.29 57.68 18.89
N THR C 156 8.79 56.51 19.30
CA THR C 156 7.72 55.82 18.57
C THR C 156 6.48 56.72 18.40
N THR C 157 6.27 57.64 19.34
CA THR C 157 5.13 58.57 19.31
C THR C 157 5.06 59.45 18.06
N PHE C 158 6.07 59.39 17.20
CA PHE C 158 6.08 60.21 16.00
C PHE C 158 5.55 59.45 14.81
N PRO C 159 4.91 60.18 13.88
CA PRO C 159 4.50 59.60 12.60
C PRO C 159 5.69 58.94 11.95
N ASP C 160 5.50 57.71 11.49
CA ASP C 160 6.58 56.86 10.99
C ASP C 160 7.43 57.49 9.89
N LYS C 161 6.79 58.17 8.96
CA LYS C 161 7.54 58.79 7.87
C LYS C 161 8.66 59.71 8.37
N LEU C 162 8.44 60.35 9.51
CA LEU C 162 9.41 61.31 10.03
C LEU C 162 10.58 60.59 10.68
N VAL C 163 10.28 59.41 11.18
CA VAL C 163 11.20 58.73 12.04
C VAL C 163 11.71 57.47 11.32
N SER C 164 11.58 57.50 9.99
CA SER C 164 12.10 56.45 9.10
C SER C 164 11.55 55.08 9.46
N GLY C 165 12.39 54.05 9.47
CA GLY C 165 11.89 52.72 9.78
C GLY C 165 11.98 52.33 11.24
N LEU C 166 11.71 53.28 12.15
CA LEU C 166 12.07 53.12 13.56
C LEU C 166 11.30 52.04 14.28
N ARG C 167 9.98 52.05 14.13
CA ARG C 167 9.14 51.06 14.80
C ARG C 167 9.54 49.64 14.36
N LYS C 168 9.63 49.40 13.05
CA LYS C 168 10.05 48.09 12.55
C LYS C 168 11.40 47.67 13.16
N LYS C 169 12.38 48.56 13.09
CA LYS C 169 13.71 48.22 13.57
C LYS C 169 13.71 47.90 15.07
N LEU C 170 12.99 48.72 15.85
CA LEU C 170 12.85 48.45 17.27
C LEU C 170 12.17 47.12 17.57
N ASP C 171 11.16 46.73 16.78
CA ASP C 171 10.53 45.42 17.00
C ASP C 171 11.52 44.27 16.74
N VAL C 172 12.31 44.44 15.68
CA VAL C 172 13.40 43.51 15.44
C VAL C 172 14.40 43.45 16.63
N ALA C 173 14.73 44.62 17.16
CA ALA C 173 15.63 44.72 18.30
C ALA C 173 15.09 43.94 19.46
N ARG C 174 13.80 44.13 19.72
CA ARG C 174 13.12 43.52 20.86
C ARG C 174 13.20 42.00 20.76
N GLY C 175 12.92 41.49 19.57
CA GLY C 175 13.09 40.06 19.32
C GLY C 175 14.51 39.57 19.56
N GLY C 176 15.47 40.38 19.14
CA GLY C 176 16.86 40.07 19.40
C GLY C 176 17.21 40.02 20.88
N ILE C 177 16.75 41.00 21.65
CA ILE C 177 16.97 41.02 23.07
C ILE C 177 16.42 39.75 23.73
N GLU C 178 15.17 39.42 23.43
CA GLU C 178 14.66 38.15 23.98
C GLU C 178 15.53 36.93 23.59
N ARG C 179 15.91 36.85 22.32
CA ARG C 179 16.70 35.69 21.89
C ARG C 179 18.00 35.60 22.67
N THR C 180 18.63 36.76 22.87
CA THR C 180 19.91 36.84 23.53
C THR C 180 19.82 36.50 25.02
N LYS C 181 18.75 36.94 25.68
CA LYS C 181 18.53 36.52 27.04
C LYS C 181 18.40 34.99 27.14
N SER C 182 17.51 34.41 26.32
CA SER C 182 17.40 32.94 26.27
C SER C 182 18.76 32.27 26.07
N ASP C 183 19.54 32.79 25.13
CA ASP C 183 20.88 32.29 24.86
C ASP C 183 21.79 32.38 26.10
N TYR C 184 21.72 33.49 26.82
CA TYR C 184 22.49 33.66 28.04
C TYR C 184 22.14 32.56 29.05
N ILE C 185 20.85 32.41 29.37
CA ILE C 185 20.44 31.35 30.30
C ILE C 185 20.94 29.97 29.85
N ALA C 186 20.76 29.70 28.55
CA ALA C 186 21.14 28.43 27.96
C ALA C 186 22.65 28.18 28.00
N ALA C 187 23.41 29.27 27.92
CA ALA C 187 24.85 29.18 27.92
C ALA C 187 25.28 28.87 29.32
N LYS C 188 24.65 29.54 30.28
CA LYS C 188 24.93 29.30 31.70
C LYS C 188 24.75 27.83 31.99
N VAL C 189 23.55 27.32 31.76
CA VAL C 189 23.31 25.91 32.03
C VAL C 189 24.21 24.96 31.22
N ALA C 190 24.49 25.31 29.97
CA ALA C 190 25.39 24.52 29.13
C ALA C 190 26.77 24.35 29.76
N ARG C 191 27.39 25.46 30.15
CA ARG C 191 28.71 25.49 30.74
C ARG C 191 28.63 25.03 32.21
N LEU C 192 28.67 23.71 32.41
CA LEU C 192 28.68 23.11 33.76
C LEU C 192 29.64 21.93 33.83
N MET D 4 20.62 40.41 -47.99
CA MET D 4 19.43 41.20 -47.69
C MET D 4 19.13 41.24 -46.20
N ARG D 5 19.90 42.06 -45.49
CA ARG D 5 19.66 42.49 -44.10
C ARG D 5 18.52 41.87 -43.27
N LEU D 6 17.28 42.19 -43.62
CA LEU D 6 16.17 41.54 -42.96
C LEU D 6 16.28 40.01 -42.92
N GLU D 7 16.82 39.41 -43.99
CA GLU D 7 17.01 37.97 -44.01
C GLU D 7 18.11 37.52 -43.05
N GLU D 8 19.12 38.37 -42.88
CA GLU D 8 20.14 38.11 -41.88
C GLU D 8 19.51 38.12 -40.48
N CYS D 9 18.67 39.12 -40.23
CA CYS D 9 17.88 39.15 -39.00
C CYS D 9 17.12 37.86 -38.78
N ARG D 10 16.30 37.47 -39.75
N ARG D 10 16.32 37.47 -39.76
CA ARG D 10 15.51 36.25 -39.69
CA ARG D 10 15.51 36.26 -39.66
C ARG D 10 16.39 35.07 -39.32
C ARG D 10 16.39 35.06 -39.32
N LYS D 11 17.52 34.95 -40.00
CA LYS D 11 18.45 33.85 -39.76
C LYS D 11 18.96 33.87 -38.31
N ARG D 12 19.53 34.98 -37.89
CA ARG D 12 20.05 35.12 -36.54
C ARG D 12 18.99 34.85 -35.48
N LEU D 13 17.74 35.23 -35.75
CA LEU D 13 16.68 34.97 -34.80
C LEU D 13 16.32 33.50 -34.78
N GLU D 14 16.42 32.82 -35.92
CA GLU D 14 16.15 31.38 -35.95
C GLU D 14 17.20 30.64 -35.11
N GLU D 15 18.46 31.05 -35.30
CA GLU D 15 19.53 30.50 -34.51
C GLU D 15 19.30 30.76 -33.03
N LEU D 16 19.09 32.02 -32.66
CA LEU D 16 18.94 32.41 -31.26
C LEU D 16 17.79 31.65 -30.62
N GLU D 17 16.69 31.47 -31.35
CA GLU D 17 15.57 30.72 -30.79
C GLU D 17 15.98 29.27 -30.51
N ALA D 18 16.57 28.63 -31.52
CA ALA D 18 17.05 27.25 -31.36
C ALA D 18 17.94 27.12 -30.13
N ALA D 19 18.90 28.03 -30.06
CA ALA D 19 19.91 27.99 -29.03
C ALA D 19 19.20 28.13 -27.71
N ARG D 20 18.44 29.19 -27.54
CA ARG D 20 17.72 29.43 -26.30
C ARG D 20 17.03 28.16 -25.84
N GLU D 21 16.38 27.46 -26.77
CA GLU D 21 15.66 26.26 -26.38
C GLU D 21 16.62 25.18 -25.85
N GLU D 22 17.71 24.98 -26.58
CA GLU D 22 18.63 23.92 -26.19
C GLU D 22 19.32 24.24 -24.86
N LEU D 23 19.93 25.42 -24.80
CA LEU D 23 20.54 25.97 -23.61
C LEU D 23 19.62 25.78 -22.42
N LEU D 24 18.35 26.16 -22.57
CA LEU D 24 17.39 25.92 -21.51
C LEU D 24 17.36 24.47 -21.11
N LYS D 25 17.16 23.55 -22.05
CA LYS D 25 17.13 22.13 -21.66
C LYS D 25 18.37 21.69 -20.86
N VAL D 26 19.54 22.06 -21.36
CA VAL D 26 20.78 21.66 -20.74
C VAL D 26 20.93 22.24 -19.34
N LEU D 27 20.71 23.54 -19.21
CA LEU D 27 20.73 24.22 -17.92
C LEU D 27 19.79 23.53 -16.94
N ARG D 28 18.59 23.17 -17.40
CA ARG D 28 17.63 22.43 -16.54
C ARG D 28 18.20 21.10 -16.06
N GLU D 29 18.83 20.34 -16.96
CA GLU D 29 19.51 19.11 -16.54
C GLU D 29 20.54 19.41 -15.44
N MET D 30 21.45 20.33 -15.74
CA MET D 30 22.51 20.72 -14.81
C MET D 30 21.92 21.05 -13.42
N ARG D 31 20.95 21.94 -13.40
CA ARG D 31 20.26 22.33 -12.18
C ARG D 31 19.76 21.11 -11.42
N ILE D 32 19.06 20.22 -12.15
CA ILE D 32 18.49 19.02 -11.53
C ILE D 32 19.57 18.19 -10.84
N HIS D 33 20.70 18.01 -11.52
CA HIS D 33 21.80 17.31 -10.86
C HIS D 33 22.36 18.05 -9.64
N SER D 34 22.57 19.36 -9.74
CA SER D 34 23.07 20.14 -8.61
C SER D 34 22.20 19.91 -7.38
N THR D 35 20.91 20.12 -7.61
CA THR D 35 19.92 19.97 -6.58
C THR D 35 19.98 18.58 -5.96
N LYS D 36 19.99 17.56 -6.81
CA LYS D 36 20.03 16.19 -6.30
C LYS D 36 21.27 16.00 -5.42
N SER D 37 22.41 16.52 -5.85
CA SER D 37 23.65 16.38 -5.10
C SER D 37 23.50 16.97 -3.70
N ILE D 38 22.92 18.17 -3.65
CA ILE D 38 22.70 18.81 -2.36
C ILE D 38 21.78 17.98 -1.43
N ALA D 39 20.60 17.64 -1.92
CA ALA D 39 19.68 16.79 -1.13
C ALA D 39 20.32 15.46 -0.65
N LEU D 40 21.19 14.91 -1.50
CA LEU D 40 21.89 13.68 -1.19
C LEU D 40 22.86 13.89 -0.04
N ILE D 41 23.69 14.92 -0.12
CA ILE D 41 24.51 15.26 1.03
C ILE D 41 23.68 15.40 2.31
N HIS D 42 22.55 16.09 2.23
CA HIS D 42 21.68 16.16 3.41
C HIS D 42 21.24 14.78 3.88
N ALA D 43 21.06 13.85 2.94
CA ALA D 43 20.55 12.53 3.31
C ALA D 43 21.61 11.52 3.79
N GLY D 44 22.89 11.88 3.69
CA GLY D 44 23.96 10.98 4.10
C GLY D 44 24.77 10.48 2.93
N LYS D 45 24.06 10.21 1.83
CA LYS D 45 24.66 9.63 0.61
C LYS D 45 25.67 10.56 -0.10
N VAL D 46 26.82 10.75 0.54
CA VAL D 46 27.77 11.80 0.17
C VAL D 46 28.56 11.49 -1.12
N GLU D 47 28.86 10.22 -1.31
CA GLU D 47 29.47 9.71 -2.54
C GLU D 47 28.53 9.83 -3.76
N GLU D 48 27.28 9.40 -3.60
CA GLU D 48 26.28 9.46 -4.67
C GLU D 48 26.09 10.93 -5.05
N ALA D 49 26.15 11.77 -4.01
CA ALA D 49 26.15 13.21 -4.16
C ALA D 49 27.30 13.60 -5.06
N GLU D 50 28.49 13.10 -4.75
CA GLU D 50 29.65 13.37 -5.61
C GLU D 50 29.37 13.01 -7.06
N GLN D 51 28.69 11.88 -7.27
CA GLN D 51 28.32 11.48 -8.63
C GLN D 51 27.49 12.55 -9.31
N GLU D 52 26.39 12.92 -8.65
CA GLU D 52 25.53 13.96 -9.21
C GLU D 52 26.30 15.26 -9.53
N LEU D 53 27.20 15.65 -8.63
CA LEU D 53 28.03 16.83 -8.86
C LEU D 53 28.89 16.71 -10.13
N LYS D 54 29.47 15.52 -10.32
CA LYS D 54 30.28 15.26 -11.50
C LYS D 54 29.44 15.43 -12.76
N LYS D 55 28.27 14.79 -12.76
CA LYS D 55 27.35 14.97 -13.89
C LYS D 55 27.09 16.44 -14.16
N ALA D 56 26.67 17.17 -13.14
CA ALA D 56 26.42 18.60 -13.26
C ALA D 56 27.58 19.30 -13.96
N ILE D 57 28.80 19.04 -13.51
CA ILE D 57 29.95 19.71 -14.10
C ILE D 57 30.20 19.36 -15.59
N GLU D 58 29.97 18.10 -15.95
CA GLU D 58 30.05 17.72 -17.37
C GLU D 58 29.02 18.51 -18.20
N LEU D 59 27.79 18.51 -17.70
CA LEU D 59 26.73 19.26 -18.35
C LEU D 59 27.16 20.71 -18.51
N LEU D 60 27.93 21.22 -17.54
CA LEU D 60 28.44 22.58 -17.62
C LEU D 60 29.42 22.72 -18.77
N GLU D 61 30.24 21.68 -18.99
CA GLU D 61 31.08 21.68 -20.20
C GLU D 61 30.20 21.81 -21.44
N LYS D 62 29.06 21.12 -21.45
CA LYS D 62 28.13 21.26 -22.58
C LYS D 62 27.50 22.66 -22.70
N VAL D 63 27.24 23.29 -21.57
CA VAL D 63 26.72 24.66 -21.54
C VAL D 63 27.71 25.66 -22.12
N LYS D 64 29.00 25.45 -21.81
CA LYS D 64 30.07 26.34 -22.30
C LYS D 64 30.09 26.52 -23.83
N ALA D 65 29.25 25.77 -24.54
CA ALA D 65 29.19 25.87 -25.99
C ALA D 65 28.56 27.20 -26.42
N TYR D 66 27.51 27.60 -25.71
CA TYR D 66 26.62 28.64 -26.19
C TYR D 66 27.07 30.08 -25.98
N ARG D 67 28.31 30.31 -25.56
CA ARG D 67 28.77 31.68 -25.42
C ARG D 67 28.85 32.40 -26.77
N GLU D 68 28.75 31.65 -27.86
CA GLU D 68 28.72 32.25 -29.19
C GLU D 68 27.37 32.94 -29.39
N TYR D 69 26.53 32.84 -28.39
CA TYR D 69 25.27 33.57 -28.38
C TYR D 69 25.21 34.46 -27.16
N PRO D 70 26.01 35.54 -27.17
CA PRO D 70 26.05 36.40 -25.97
C PRO D 70 24.75 37.15 -25.76
N GLU D 71 23.95 37.36 -26.81
CA GLU D 71 22.68 38.08 -26.67
C GLU D 71 21.81 37.37 -25.65
N ILE D 72 21.99 36.06 -25.56
CA ILE D 72 21.31 35.30 -24.53
C ILE D 72 22.37 34.83 -23.54
N TYR D 73 22.56 33.53 -23.41
CA TYR D 73 23.61 32.95 -22.55
C TYR D 73 23.66 33.43 -21.09
N PHE D 74 24.22 34.60 -20.86
CA PHE D 74 24.36 35.11 -19.50
C PHE D 74 23.03 35.21 -18.74
N TYR D 75 22.12 35.99 -19.34
CA TYR D 75 20.75 36.11 -18.86
C TYR D 75 20.18 34.72 -18.52
N LEU D 76 20.35 33.77 -19.42
CA LEU D 76 19.81 32.44 -19.22
C LEU D 76 20.57 31.63 -18.19
N CYS D 77 21.88 31.79 -18.15
CA CYS D 77 22.74 30.89 -17.38
C CYS D 77 22.79 31.19 -15.90
N ASN D 78 22.65 32.47 -15.55
CA ASN D 78 22.78 32.92 -14.16
C ASN D 78 22.30 31.96 -13.04
N ASP D 79 21.04 31.58 -13.10
CA ASP D 79 20.46 30.76 -12.04
C ASP D 79 21.13 29.39 -11.93
N ALA D 80 21.25 28.67 -13.05
CA ALA D 80 21.86 27.34 -13.01
C ALA D 80 23.33 27.42 -12.57
N MET D 81 24.01 28.44 -13.05
CA MET D 81 25.37 28.71 -12.62
C MET D 81 25.49 28.84 -11.10
N GLN D 82 24.79 29.82 -10.54
CA GLN D 82 24.93 30.03 -9.11
C GLN D 82 24.46 28.81 -8.32
N GLU D 83 23.50 28.07 -8.87
CA GLU D 83 23.06 26.84 -8.23
C GLU D 83 24.20 25.84 -8.13
N LEU D 84 24.93 25.72 -9.24
CA LEU D 84 26.06 24.79 -9.32
C LEU D 84 27.14 25.20 -8.34
N VAL D 85 27.48 26.49 -8.32
CA VAL D 85 28.46 26.97 -7.35
C VAL D 85 28.03 26.63 -5.92
N GLU D 86 26.74 26.81 -5.63
CA GLU D 86 26.19 26.47 -4.33
C GLU D 86 26.47 25.02 -4.00
N ALA D 87 26.16 24.13 -4.95
CA ALA D 87 26.32 22.70 -4.67
C ALA D 87 27.79 22.35 -4.43
N ILE D 88 28.67 22.98 -5.20
CA ILE D 88 30.08 22.70 -5.06
C ILE D 88 30.58 23.15 -3.69
N ALA D 89 30.19 24.36 -3.32
CA ALA D 89 30.65 24.93 -2.08
C ALA D 89 30.14 24.09 -0.91
N PHE D 90 28.89 23.67 -1.01
CA PHE D 90 28.29 22.86 0.05
C PHE D 90 29.07 21.58 0.20
N LYS D 91 29.35 20.93 -0.93
CA LYS D 91 30.06 19.64 -0.88
C LYS D 91 31.46 19.79 -0.30
N ASN D 92 32.20 20.77 -0.79
CA ASN D 92 33.50 21.08 -0.25
C ASN D 92 33.40 21.21 1.26
N ALA D 93 32.48 22.06 1.70
CA ALA D 93 32.33 22.37 3.11
C ALA D 93 32.06 21.13 3.97
N ILE D 94 31.05 20.33 3.63
CA ILE D 94 30.71 19.18 4.49
C ILE D 94 31.83 18.16 4.63
N SER D 95 32.74 18.14 3.66
CA SER D 95 33.81 17.14 3.64
C SER D 95 35.17 17.69 4.09
N GLY D 96 35.15 18.83 4.76
CA GLY D 96 36.36 19.38 5.37
C GLY D 96 37.38 19.90 4.40
N GLU D 97 36.93 20.11 3.17
CA GLU D 97 37.79 20.63 2.10
C GLU D 97 37.28 21.97 1.56
N PHE D 98 36.74 22.82 2.43
CA PHE D 98 36.20 24.07 1.94
C PHE D 98 37.28 25.00 1.41
N THR D 99 36.96 25.67 0.30
CA THR D 99 37.85 26.65 -0.31
C THR D 99 37.05 27.54 -1.25
N PHE D 100 37.54 28.75 -1.47
CA PHE D 100 36.96 29.62 -2.49
C PHE D 100 37.51 29.27 -3.84
N GLU D 101 38.69 28.68 -3.85
CA GLU D 101 39.37 28.35 -5.08
C GLU D 101 38.70 27.19 -5.79
N ILE D 102 37.66 27.49 -6.56
CA ILE D 102 37.09 26.46 -7.41
C ILE D 102 37.27 26.87 -8.86
N ASP D 103 37.59 25.88 -9.68
CA ASP D 103 37.87 26.13 -11.09
C ASP D 103 36.61 25.94 -11.93
N LEU D 104 35.90 27.04 -12.23
CA LEU D 104 34.72 26.95 -13.08
C LEU D 104 34.58 28.14 -14.03
N GLU D 105 34.38 29.32 -13.46
CA GLU D 105 34.06 30.53 -14.23
C GLU D 105 32.99 30.28 -15.30
N VAL D 106 31.68 30.45 -15.03
CA VAL D 106 31.03 31.13 -13.88
C VAL D 106 31.27 32.63 -13.78
N THR D 107 30.18 33.39 -13.87
CA THR D 107 30.20 34.85 -13.80
C THR D 107 30.31 35.30 -12.34
N PRO D 108 30.84 36.52 -12.09
CA PRO D 108 31.07 36.97 -10.71
C PRO D 108 29.86 36.90 -9.79
N ALA D 109 28.72 37.43 -10.24
CA ALA D 109 27.53 37.35 -9.43
C ALA D 109 27.17 35.91 -9.16
N ALA D 110 27.20 35.07 -10.20
CA ALA D 110 26.86 33.66 -10.00
C ALA D 110 27.73 33.03 -8.90
N PHE D 111 29.02 33.35 -8.93
CA PHE D 111 29.99 32.84 -7.98
C PHE D 111 29.64 33.28 -6.55
N LEU D 112 29.72 34.60 -6.34
CA LEU D 112 29.40 35.22 -5.06
C LEU D 112 28.08 34.72 -4.46
N ASN D 113 27.02 34.84 -5.26
CA ASN D 113 25.68 34.46 -4.83
C ASN D 113 25.55 32.98 -4.55
N GLY D 114 26.30 32.17 -5.26
CA GLY D 114 26.31 30.75 -4.99
C GLY D 114 26.90 30.48 -3.62
N PHE D 115 28.04 31.10 -3.35
CA PHE D 115 28.61 30.88 -2.02
C PHE D 115 27.65 31.33 -0.95
N ALA D 116 27.02 32.47 -1.14
CA ALA D 116 26.16 32.97 -0.07
C ALA D 116 25.01 32.00 0.12
N ALA D 117 24.46 31.53 -0.99
CA ALA D 117 23.38 30.55 -0.97
C ALA D 117 23.78 29.33 -0.17
N ALA D 118 25.06 28.97 -0.21
CA ALA D 118 25.51 27.79 0.52
C ALA D 118 25.30 27.90 2.04
N VAL D 119 25.25 29.12 2.56
CA VAL D 119 25.20 29.33 4.01
C VAL D 119 23.96 28.68 4.64
N GLY D 120 22.82 28.77 3.97
CA GLY D 120 21.59 28.21 4.50
C GLY D 120 21.59 26.70 4.51
N GLU D 121 22.23 26.13 3.49
CA GLU D 121 22.39 24.69 3.36
C GLU D 121 23.26 24.20 4.51
N LEU D 122 24.31 24.97 4.76
CA LEU D 122 25.19 24.71 5.88
C LEU D 122 24.45 24.80 7.21
N ARG D 123 23.51 25.74 7.34
CA ARG D 123 22.72 25.78 8.57
C ARG D 123 21.87 24.52 8.72
N ARG D 124 21.12 24.15 7.68
CA ARG D 124 20.29 22.94 7.78
C ARG D 124 21.09 21.69 8.15
N TYR D 125 22.23 21.54 7.50
CA TYR D 125 23.17 20.47 7.82
C TYR D 125 23.61 20.54 9.28
N ALA D 126 24.07 21.71 9.70
CA ALA D 126 24.57 21.95 11.05
C ALA D 126 23.55 21.54 12.09
N LEU D 127 22.30 21.78 11.75
CA LEU D 127 21.21 21.60 12.68
C LEU D 127 20.91 20.13 12.77
N THR D 128 20.95 19.47 11.63
CA THR D 128 20.78 18.02 11.66
C THR D 128 21.88 17.38 12.52
N LYS D 129 23.12 17.70 12.21
CA LYS D 129 24.25 17.25 13.01
C LYS D 129 24.03 17.49 14.51
N LEU D 130 23.57 18.69 14.85
CA LEU D 130 23.25 19.00 16.22
C LEU D 130 22.27 18.00 16.82
N ILE D 131 21.12 17.81 16.17
CA ILE D 131 20.15 16.85 16.71
C ILE D 131 20.77 15.45 16.87
N GLU D 132 21.68 15.11 15.95
CA GLU D 132 22.31 13.79 15.95
C GLU D 132 23.42 13.68 16.99
N GLY D 133 23.82 14.82 17.56
CA GLY D 133 24.84 14.81 18.59
C GLY D 133 26.25 15.12 18.13
N ASP D 134 26.44 15.16 16.82
CA ASP D 134 27.74 15.45 16.24
C ASP D 134 28.14 16.93 16.37
N PHE D 135 28.63 17.35 17.53
CA PHE D 135 28.98 18.76 17.72
C PHE D 135 30.18 19.21 16.90
N LYS D 136 31.14 18.32 16.66
CA LYS D 136 32.34 18.74 15.94
C LYS D 136 31.92 19.19 14.53
N SER D 137 30.95 18.48 13.95
CA SER D 137 30.47 18.81 12.61
C SER D 137 29.82 20.20 12.58
N ALA D 138 28.92 20.45 13.53
CA ALA D 138 28.28 21.76 13.64
C ALA D 138 29.30 22.86 13.86
N GLU D 139 30.33 22.59 14.66
CA GLU D 139 31.37 23.57 14.89
C GLU D 139 32.02 23.88 13.57
N ARG D 140 32.30 22.83 12.79
CA ARG D 140 32.97 23.01 11.50
C ARG D 140 32.13 23.88 10.57
N MET D 141 30.86 23.49 10.43
CA MET D 141 29.92 24.22 9.58
C MET D 141 29.81 25.69 10.00
N LEU D 142 29.69 25.91 11.29
CA LEU D 142 29.62 27.25 11.85
C LEU D 142 30.84 28.03 11.39
N GLU D 143 32.02 27.41 11.52
CA GLU D 143 33.25 28.06 11.07
C GLU D 143 33.21 28.45 9.59
N VAL D 144 32.77 27.54 8.72
CA VAL D 144 32.75 27.92 7.29
C VAL D 144 31.66 28.95 6.94
N MET D 145 30.56 28.91 7.68
CA MET D 145 29.51 29.91 7.52
C MET D 145 30.09 31.29 7.84
N GLU D 146 30.65 31.40 9.04
CA GLU D 146 31.36 32.60 9.44
C GLU D 146 32.36 33.07 8.37
N LYS D 147 33.14 32.13 7.81
CA LYS D 147 34.15 32.49 6.80
C LYS D 147 33.55 33.09 5.53
N ILE D 148 32.60 32.35 4.97
CA ILE D 148 31.87 32.81 3.81
C ILE D 148 31.32 34.21 4.04
N TYR D 149 30.73 34.45 5.21
CA TYR D 149 30.15 35.75 5.48
C TYR D 149 31.21 36.83 5.49
N GLU D 150 32.23 36.63 6.31
CA GLU D 150 33.30 37.63 6.50
C GLU D 150 33.91 38.01 5.17
N ARG D 151 34.10 37.01 4.32
CA ARG D 151 34.83 37.20 3.09
C ARG D 151 33.95 37.83 2.00
N LEU D 152 32.75 37.28 1.81
CA LEU D 152 31.82 37.87 0.86
C LEU D 152 31.48 39.32 1.18
N MET D 153 31.36 39.65 2.47
CA MET D 153 30.92 40.99 2.84
C MET D 153 31.79 42.09 2.22
N GLU D 154 33.02 41.72 1.86
CA GLU D 154 33.94 42.66 1.23
C GLU D 154 33.44 43.12 -0.13
N PHE D 155 32.66 42.28 -0.80
CA PHE D 155 32.16 42.60 -2.13
C PHE D 155 30.91 43.46 -2.09
N THR D 156 30.49 43.87 -0.89
CA THR D 156 29.26 44.67 -0.75
C THR D 156 29.54 46.12 -1.12
N THR D 157 30.81 46.46 -1.25
CA THR D 157 31.22 47.79 -1.71
C THR D 157 30.60 48.10 -3.07
N PHE D 158 30.36 47.06 -3.84
CA PHE D 158 29.95 47.22 -5.22
C PHE D 158 28.49 47.64 -5.38
N PRO D 159 28.20 48.39 -6.45
CA PRO D 159 26.84 48.73 -6.88
C PRO D 159 26.01 47.47 -7.02
N ASP D 160 24.89 47.41 -6.29
CA ASP D 160 23.98 46.26 -6.26
C ASP D 160 23.78 45.55 -7.61
N LYS D 161 23.49 46.33 -8.65
CA LYS D 161 23.22 45.79 -9.97
C LYS D 161 24.30 44.78 -10.42
N LEU D 162 25.56 45.13 -10.21
CA LEU D 162 26.68 44.35 -10.73
C LEU D 162 26.83 43.03 -10.03
N VAL D 163 26.23 42.94 -8.85
CA VAL D 163 26.49 41.81 -7.99
C VAL D 163 25.14 41.27 -7.53
N SER D 164 24.11 41.75 -8.22
CA SER D 164 22.71 41.36 -8.00
C SER D 164 22.29 41.35 -6.53
N GLY D 165 21.75 40.23 -6.07
CA GLY D 165 21.11 40.20 -4.76
C GLY D 165 22.02 40.06 -3.56
N LEU D 166 23.30 40.36 -3.74
CA LEU D 166 24.33 39.99 -2.77
C LEU D 166 24.07 40.49 -1.35
N ARG D 167 23.86 41.78 -1.19
CA ARG D 167 23.70 42.35 0.15
C ARG D 167 22.58 41.66 0.90
N LYS D 168 21.43 41.51 0.25
CA LYS D 168 20.27 40.85 0.85
C LYS D 168 20.63 39.43 1.30
N LYS D 169 21.08 38.65 0.34
CA LYS D 169 21.41 37.25 0.57
C LYS D 169 22.39 37.11 1.74
N LEU D 170 23.29 38.08 1.84
CA LEU D 170 24.20 38.14 2.97
C LEU D 170 23.49 38.45 4.30
N ASP D 171 22.56 39.40 4.31
CA ASP D 171 21.81 39.70 5.54
C ASP D 171 21.14 38.44 6.04
N VAL D 172 20.35 37.85 5.17
CA VAL D 172 19.75 36.55 5.45
C VAL D 172 20.76 35.50 5.96
N ALA D 173 21.91 35.43 5.32
CA ALA D 173 22.96 34.53 5.79
C ALA D 173 23.34 34.82 7.25
N ARG D 174 23.56 36.09 7.57
CA ARG D 174 23.93 36.52 8.91
C ARG D 174 22.92 36.02 9.89
N GLY D 175 21.65 36.23 9.52
CA GLY D 175 20.55 35.74 10.32
C GLY D 175 20.70 34.26 10.61
N GLY D 176 20.94 33.49 9.55
CA GLY D 176 21.10 32.06 9.69
C GLY D 176 22.25 31.67 10.61
N ILE D 177 23.35 32.40 10.50
CA ILE D 177 24.53 32.14 11.32
C ILE D 177 24.18 32.36 12.79
N GLU D 178 23.53 33.47 13.10
CA GLU D 178 23.14 33.70 14.48
C GLU D 178 22.21 32.62 15.03
N ARG D 179 21.13 32.33 14.29
CA ARG D 179 20.22 31.26 14.71
C ARG D 179 20.95 29.93 14.91
N THR D 180 21.93 29.64 14.07
CA THR D 180 22.74 28.44 14.25
C THR D 180 23.57 28.48 15.53
N LYS D 181 24.23 29.61 15.81
CA LYS D 181 24.99 29.78 17.05
C LYS D 181 24.10 29.52 18.27
N SER D 182 22.89 30.10 18.26
CA SER D 182 21.90 29.81 19.31
C SER D 182 21.55 28.34 19.41
N ASP D 183 21.29 27.72 18.27
CA ASP D 183 20.89 26.33 18.27
C ASP D 183 22.01 25.44 18.80
N TYR D 184 23.24 25.90 18.61
CA TYR D 184 24.39 25.17 19.08
C TYR D 184 24.57 25.35 20.59
N ILE D 185 24.24 26.53 21.10
CA ILE D 185 24.34 26.74 22.54
C ILE D 185 23.36 25.86 23.31
N ALA D 186 22.07 25.91 22.97
CA ALA D 186 21.18 24.81 23.35
C ALA D 186 21.74 23.58 22.66
N ALA D 187 21.21 22.40 22.96
CA ALA D 187 21.85 21.16 22.46
C ALA D 187 23.21 20.85 23.12
N LYS D 188 24.02 21.87 23.36
CA LYS D 188 25.22 21.73 24.21
C LYS D 188 24.80 21.59 25.67
N VAL D 189 23.57 21.99 25.97
CA VAL D 189 22.95 21.76 27.26
C VAL D 189 22.30 20.36 27.22
N ALA D 190 23.15 19.35 27.07
CA ALA D 190 22.70 17.96 26.96
C ALA D 190 23.86 16.98 27.10
N MET E 4 -34.66 -37.60 80.12
CA MET E 4 -33.38 -37.30 80.74
C MET E 4 -32.33 -36.73 79.75
N ARG E 5 -32.79 -35.87 78.85
CA ARG E 5 -31.90 -35.11 77.95
C ARG E 5 -31.25 -35.93 76.86
N LEU E 6 -30.47 -36.95 77.21
CA LEU E 6 -30.06 -37.94 76.22
C LEU E 6 -31.32 -38.55 75.57
N GLU E 7 -32.36 -38.70 76.38
CA GLU E 7 -33.60 -39.27 75.91
C GLU E 7 -34.22 -38.34 74.86
N GLU E 8 -34.44 -37.09 75.25
CA GLU E 8 -35.04 -36.10 74.37
C GLU E 8 -34.24 -35.90 73.09
N CYS E 9 -32.92 -35.99 73.20
CA CYS E 9 -32.07 -36.03 72.03
C CYS E 9 -32.51 -37.14 71.12
N ARG E 10 -32.47 -38.38 71.62
CA ARG E 10 -32.88 -39.53 70.81
C ARG E 10 -34.23 -39.28 70.15
N LYS E 11 -35.18 -38.73 70.92
CA LYS E 11 -36.53 -38.47 70.40
C LYS E 11 -36.54 -37.48 69.22
N ARG E 12 -36.01 -36.28 69.46
CA ARG E 12 -35.96 -35.25 68.43
C ARG E 12 -35.21 -35.75 67.23
N LEU E 13 -34.08 -36.41 67.46
CA LEU E 13 -33.27 -36.96 66.38
C LEU E 13 -34.09 -37.93 65.50
N GLU E 14 -34.87 -38.82 66.11
CA GLU E 14 -35.67 -39.77 65.35
C GLU E 14 -36.72 -39.05 64.50
N GLU E 15 -37.39 -38.12 65.16
CA GLU E 15 -38.33 -37.25 64.48
C GLU E 15 -37.69 -36.56 63.25
N LEU E 16 -36.49 -36.01 63.43
CA LEU E 16 -35.84 -35.28 62.35
C LEU E 16 -35.44 -36.24 61.25
N GLU E 17 -35.02 -37.45 61.60
CA GLU E 17 -34.65 -38.44 60.60
C GLU E 17 -35.81 -38.65 59.67
N ALA E 18 -36.93 -39.08 60.26
CA ALA E 18 -38.17 -39.35 59.50
C ALA E 18 -38.69 -38.17 58.64
N ALA E 19 -38.89 -37.03 59.30
CA ALA E 19 -39.25 -35.79 58.62
C ALA E 19 -38.33 -35.53 57.44
N ARG E 20 -37.02 -35.49 57.69
CA ARG E 20 -36.02 -35.26 56.64
C ARG E 20 -36.24 -36.17 55.42
N GLU E 21 -36.38 -37.48 55.62
CA GLU E 21 -36.62 -38.37 54.49
C GLU E 21 -37.84 -37.97 53.68
N GLU E 22 -38.92 -37.68 54.40
CA GLU E 22 -40.15 -37.28 53.69
C GLU E 22 -40.01 -35.97 52.93
N LEU E 23 -39.51 -34.95 53.63
CA LEU E 23 -39.23 -33.64 53.06
C LEU E 23 -38.37 -33.76 51.80
N LEU E 24 -37.38 -34.64 51.82
CA LEU E 24 -36.56 -34.87 50.63
C LEU E 24 -37.42 -35.39 49.50
N LYS E 25 -38.28 -36.38 49.80
CA LYS E 25 -39.08 -36.99 48.72
C LYS E 25 -40.02 -35.97 48.06
N VAL E 26 -40.64 -35.17 48.92
CA VAL E 26 -41.61 -34.19 48.48
C VAL E 26 -40.96 -33.06 47.70
N LEU E 27 -39.81 -32.60 48.17
CA LEU E 27 -39.01 -31.62 47.44
C LEU E 27 -38.56 -32.11 46.05
N ARG E 28 -38.06 -33.34 45.96
CA ARG E 28 -37.63 -33.84 44.64
C ARG E 28 -38.83 -33.88 43.70
N GLU E 29 -39.98 -34.31 44.19
CA GLU E 29 -41.20 -34.19 43.38
C GLU E 29 -41.55 -32.75 42.94
N MET E 30 -41.66 -31.83 43.90
CA MET E 30 -42.09 -30.47 43.60
C MET E 30 -41.20 -29.87 42.52
N ARG E 31 -39.90 -30.05 42.73
CA ARG E 31 -38.88 -29.58 41.79
C ARG E 31 -39.10 -30.20 40.36
N ILE E 32 -39.20 -31.52 40.29
CA ILE E 32 -39.49 -32.18 39.01
C ILE E 32 -40.71 -31.60 38.28
N HIS E 33 -41.83 -31.44 38.99
CA HIS E 33 -42.99 -30.81 38.37
C HIS E 33 -42.74 -29.38 37.89
N SER E 34 -42.01 -28.56 38.66
CA SER E 34 -41.73 -27.20 38.19
C SER E 34 -40.94 -27.19 36.87
N THR E 35 -39.87 -27.98 36.86
CA THR E 35 -39.03 -28.07 35.67
C THR E 35 -39.88 -28.52 34.48
N LYS E 36 -40.66 -29.59 34.72
CA LYS E 36 -41.51 -30.15 33.68
C LYS E 36 -42.38 -29.03 33.10
N SER E 37 -42.97 -28.23 33.99
CA SER E 37 -43.86 -27.18 33.53
C SER E 37 -43.13 -26.22 32.59
N ILE E 38 -41.91 -25.83 32.95
CA ILE E 38 -41.18 -24.91 32.08
C ILE E 38 -40.85 -25.53 30.70
N ALA E 39 -40.36 -26.76 30.76
CA ALA E 39 -40.07 -27.53 29.56
C ALA E 39 -41.27 -27.57 28.65
N LEU E 40 -42.42 -27.83 29.25
CA LEU E 40 -43.67 -28.02 28.53
C LEU E 40 -44.05 -26.76 27.79
N ILE E 41 -43.91 -25.62 28.46
CA ILE E 41 -44.21 -24.36 27.78
C ILE E 41 -43.33 -24.21 26.55
N HIS E 42 -42.04 -24.50 26.71
CA HIS E 42 -41.17 -24.45 25.54
C HIS E 42 -41.57 -25.44 24.42
N ALA E 43 -42.13 -26.58 24.79
CA ALA E 43 -42.55 -27.56 23.79
C ALA E 43 -43.91 -27.20 23.21
N GLY E 44 -44.36 -25.97 23.49
CA GLY E 44 -45.65 -25.51 23.02
C GLY E 44 -46.87 -26.27 23.51
N LYS E 45 -46.72 -26.97 24.64
CA LYS E 45 -47.85 -27.64 25.30
C LYS E 45 -48.25 -26.86 26.57
N VAL E 46 -48.83 -25.68 26.36
CA VAL E 46 -49.12 -24.75 27.45
C VAL E 46 -50.12 -25.27 28.53
N GLU E 47 -51.17 -25.95 28.10
CA GLU E 47 -52.14 -26.50 29.04
C GLU E 47 -51.48 -27.54 29.95
N GLU E 48 -50.72 -28.45 29.35
CA GLU E 48 -50.07 -29.49 30.15
C GLU E 48 -49.09 -28.89 31.16
N ALA E 49 -48.35 -27.88 30.72
CA ALA E 49 -47.51 -27.10 31.62
C ALA E 49 -48.33 -26.52 32.78
N GLU E 50 -49.54 -26.07 32.47
CA GLU E 50 -50.43 -25.54 33.50
C GLU E 50 -50.71 -26.62 34.55
N GLN E 51 -51.02 -27.83 34.07
CA GLN E 51 -51.23 -28.95 34.97
C GLN E 51 -50.04 -29.19 35.89
N GLU E 52 -48.86 -29.34 35.29
CA GLU E 52 -47.65 -29.59 36.07
C GLU E 52 -47.38 -28.53 37.13
N LEU E 53 -47.55 -27.25 36.76
CA LEU E 53 -47.40 -26.15 37.72
C LEU E 53 -48.38 -26.28 38.88
N LYS E 54 -49.61 -26.70 38.55
CA LYS E 54 -50.59 -26.97 39.59
C LYS E 54 -50.03 -28.02 40.56
N LYS E 55 -49.57 -29.16 40.03
CA LYS E 55 -49.07 -30.24 40.90
C LYS E 55 -47.96 -29.74 41.83
N ALA E 56 -47.05 -28.95 41.27
CA ALA E 56 -45.98 -28.30 42.04
C ALA E 56 -46.49 -27.45 43.20
N ILE E 57 -47.32 -26.46 42.88
CA ILE E 57 -47.86 -25.58 43.91
C ILE E 57 -48.66 -26.33 45.00
N GLU E 58 -49.28 -27.44 44.62
CA GLU E 58 -49.98 -28.26 45.58
C GLU E 58 -48.99 -28.98 46.50
N LEU E 59 -47.86 -29.43 45.94
CA LEU E 59 -46.81 -30.00 46.79
C LEU E 59 -46.21 -28.99 47.76
N LEU E 60 -46.14 -27.73 47.35
CA LEU E 60 -45.58 -26.68 48.20
C LEU E 60 -46.25 -26.57 49.58
N GLU E 61 -47.50 -27.03 49.69
CA GLU E 61 -48.22 -26.98 50.97
C GLU E 61 -47.76 -28.13 51.87
N LYS E 62 -47.68 -29.34 51.29
CA LYS E 62 -47.08 -30.49 51.97
C LYS E 62 -45.70 -30.09 52.48
N VAL E 63 -44.98 -29.35 51.64
CA VAL E 63 -43.65 -28.87 51.99
C VAL E 63 -43.71 -27.94 53.19
N LYS E 64 -44.53 -26.90 53.09
CA LYS E 64 -44.62 -25.90 54.16
C LYS E 64 -45.04 -26.50 55.51
N ALA E 65 -45.63 -27.70 55.52
CA ALA E 65 -45.89 -28.39 56.79
C ALA E 65 -44.62 -28.55 57.66
N TYR E 66 -43.47 -28.65 57.00
CA TYR E 66 -42.21 -28.96 57.68
C TYR E 66 -41.49 -27.76 58.28
N ARG E 67 -42.13 -26.61 58.36
CA ARG E 67 -41.47 -25.46 58.95
C ARG E 67 -41.33 -25.71 60.47
N GLU E 68 -42.05 -26.72 60.95
CA GLU E 68 -41.92 -27.17 62.33
C GLU E 68 -40.49 -27.62 62.66
N TYR E 69 -39.69 -27.85 61.63
CA TYR E 69 -38.36 -28.39 61.84
C TYR E 69 -37.29 -27.46 61.31
N PRO E 70 -37.13 -26.29 61.92
CA PRO E 70 -36.25 -25.27 61.35
C PRO E 70 -34.78 -25.68 61.40
N GLU E 71 -34.45 -26.72 62.16
CA GLU E 71 -33.11 -27.28 62.12
C GLU E 71 -32.77 -27.79 60.71
N ILE E 72 -33.78 -28.22 59.94
CA ILE E 72 -33.53 -28.72 58.59
C ILE E 72 -34.31 -28.06 57.46
N TYR E 73 -35.38 -27.34 57.79
CA TYR E 73 -36.28 -26.80 56.75
C TYR E 73 -35.60 -25.84 55.74
N PHE E 74 -34.95 -24.80 56.26
CA PHE E 74 -34.33 -23.80 55.39
C PHE E 74 -33.10 -24.32 54.64
N TYR E 75 -32.32 -25.18 55.30
CA TYR E 75 -31.15 -25.80 54.68
C TYR E 75 -31.53 -26.58 53.43
N LEU E 76 -32.71 -27.20 53.44
CA LEU E 76 -33.12 -28.11 52.39
C LEU E 76 -34.03 -27.50 51.30
N CYS E 77 -34.94 -26.63 51.71
CA CYS E 77 -36.00 -26.19 50.80
C CYS E 77 -35.55 -25.27 49.69
N ASN E 78 -34.31 -24.78 49.81
CA ASN E 78 -33.81 -23.75 48.91
C ASN E 78 -33.94 -24.04 47.43
N ASP E 79 -33.26 -25.08 46.95
CA ASP E 79 -33.25 -25.42 45.53
C ASP E 79 -34.67 -25.46 44.91
N ALA E 80 -35.52 -26.30 45.49
CA ALA E 80 -36.87 -26.48 44.94
C ALA E 80 -37.71 -25.19 45.01
N MET E 81 -37.57 -24.40 46.08
CA MET E 81 -38.34 -23.15 46.11
C MET E 81 -37.87 -22.17 45.05
N GLN E 82 -36.56 -22.14 44.81
CA GLN E 82 -36.02 -21.43 43.66
C GLN E 82 -36.62 -21.88 42.29
N GLU E 83 -36.72 -23.20 42.06
CA GLU E 83 -37.32 -23.69 40.81
C GLU E 83 -38.82 -23.36 40.68
N LEU E 84 -39.50 -23.34 41.81
CA LEU E 84 -40.92 -22.99 41.82
C LEU E 84 -41.09 -21.52 41.47
N VAL E 85 -40.31 -20.66 42.11
CA VAL E 85 -40.32 -19.25 41.73
C VAL E 85 -39.99 -19.08 40.25
N GLU E 86 -38.96 -19.77 39.75
CA GLU E 86 -38.58 -19.65 38.35
C GLU E 86 -39.77 -19.95 37.43
N ALA E 87 -40.37 -21.11 37.64
CA ALA E 87 -41.54 -21.55 36.85
C ALA E 87 -42.70 -20.56 36.89
N ILE E 88 -42.98 -20.03 38.08
CA ILE E 88 -44.06 -19.05 38.22
C ILE E 88 -43.75 -17.74 37.50
N ALA E 89 -42.61 -17.15 37.83
CA ALA E 89 -42.17 -15.92 37.15
C ALA E 89 -42.24 -16.07 35.63
N PHE E 90 -41.71 -17.19 35.12
CA PHE E 90 -41.73 -17.45 33.70
C PHE E 90 -43.16 -17.46 33.14
N LYS E 91 -44.01 -18.33 33.70
CA LYS E 91 -45.42 -18.40 33.24
C LYS E 91 -46.06 -17.03 33.23
N ASN E 92 -45.88 -16.29 34.32
CA ASN E 92 -46.39 -14.93 34.42
C ASN E 92 -45.95 -14.05 33.26
N ALA E 93 -44.64 -14.05 32.98
CA ALA E 93 -44.11 -13.19 31.94
C ALA E 93 -44.67 -13.54 30.55
N ILE E 94 -44.65 -14.82 30.18
CA ILE E 94 -45.15 -15.15 28.85
C ILE E 94 -46.66 -14.97 28.78
N SER E 95 -47.31 -14.81 29.93
CA SER E 95 -48.76 -14.66 29.99
C SER E 95 -49.19 -13.20 30.14
N GLY E 96 -48.37 -12.28 29.64
CA GLY E 96 -48.76 -10.89 29.50
C GLY E 96 -48.82 -10.08 30.78
N GLU E 97 -48.99 -10.77 31.89
CA GLU E 97 -49.06 -10.08 33.16
C GLU E 97 -47.79 -10.36 33.98
N PHE E 98 -46.65 -9.86 33.51
CA PHE E 98 -45.44 -10.03 34.31
C PHE E 98 -45.51 -9.11 35.52
N THR E 99 -45.04 -9.64 36.65
CA THR E 99 -45.01 -8.89 37.87
C THR E 99 -44.16 -9.59 38.93
N PHE E 100 -43.54 -8.79 39.79
CA PHE E 100 -42.83 -9.33 40.94
C PHE E 100 -43.79 -9.69 42.08
N GLU E 101 -45.09 -9.67 41.82
CA GLU E 101 -46.07 -9.96 42.86
C GLU E 101 -46.61 -11.36 42.67
N ILE E 102 -45.84 -12.35 43.10
CA ILE E 102 -46.36 -13.70 43.18
C ILE E 102 -46.67 -14.06 44.63
N ASP E 103 -47.96 -14.27 44.93
CA ASP E 103 -48.36 -14.48 46.30
C ASP E 103 -48.24 -15.93 46.74
N LEU E 104 -47.05 -16.24 47.25
CA LEU E 104 -46.73 -17.44 48.00
C LEU E 104 -45.26 -17.32 48.31
N GLU E 105 -44.91 -17.16 49.58
CA GLU E 105 -43.49 -17.19 49.90
C GLU E 105 -43.23 -18.40 50.80
N VAL E 106 -42.01 -18.97 50.89
CA VAL E 106 -40.76 -18.72 50.11
C VAL E 106 -39.72 -17.73 50.71
N THR E 107 -38.47 -18.18 50.79
CA THR E 107 -37.37 -17.38 51.35
C THR E 107 -36.95 -16.27 50.37
N PRO E 108 -36.39 -15.17 50.88
CA PRO E 108 -35.88 -14.08 50.03
C PRO E 108 -34.97 -14.53 48.90
N ALA E 109 -33.94 -15.29 49.25
CA ALA E 109 -32.96 -15.74 48.27
C ALA E 109 -33.53 -16.65 47.19
N ALA E 110 -34.53 -17.48 47.53
CA ALA E 110 -35.16 -18.34 46.53
C ALA E 110 -36.00 -17.55 45.54
N PHE E 111 -36.53 -16.43 46.01
CA PHE E 111 -37.37 -15.56 45.22
C PHE E 111 -36.46 -14.90 44.21
N LEU E 112 -35.47 -14.18 44.74
CA LEU E 112 -34.50 -13.45 43.91
C LEU E 112 -33.81 -14.35 42.87
N ASN E 113 -33.32 -15.50 43.34
CA ASN E 113 -32.66 -16.49 42.49
C ASN E 113 -33.62 -17.06 41.45
N GLY E 114 -34.86 -17.32 41.85
CA GLY E 114 -35.86 -17.82 40.93
C GLY E 114 -36.10 -16.87 39.77
N PHE E 115 -36.22 -15.58 40.07
CA PHE E 115 -36.46 -14.61 38.99
C PHE E 115 -35.25 -14.49 38.08
N ALA E 116 -34.08 -14.39 38.70
CA ALA E 116 -32.82 -14.35 37.93
C ALA E 116 -32.74 -15.56 36.98
N ALA E 117 -33.04 -16.73 37.51
CA ALA E 117 -33.12 -17.96 36.73
C ALA E 117 -34.06 -17.83 35.57
N ALA E 118 -35.23 -17.23 35.82
CA ALA E 118 -36.26 -17.13 34.79
C ALA E 118 -35.80 -16.33 33.58
N VAL E 119 -34.90 -15.36 33.82
CA VAL E 119 -34.28 -14.63 32.69
C VAL E 119 -33.83 -15.51 31.48
N GLY E 120 -33.18 -16.63 31.76
CA GLY E 120 -32.71 -17.54 30.72
C GLY E 120 -33.83 -18.24 29.97
N GLU E 121 -34.91 -18.59 30.70
CA GLU E 121 -36.04 -19.24 30.05
C GLU E 121 -36.68 -18.21 29.13
N LEU E 122 -36.71 -16.97 29.61
CA LEU E 122 -37.19 -15.89 28.79
C LEU E 122 -36.34 -15.79 27.52
N ARG E 123 -35.03 -15.90 27.66
CA ARG E 123 -34.19 -15.90 26.47
C ARG E 123 -34.63 -16.97 25.46
N ARG E 124 -34.71 -18.24 25.89
CA ARG E 124 -35.21 -19.28 24.96
C ARG E 124 -36.51 -18.87 24.28
N TYR E 125 -37.51 -18.50 25.09
CA TYR E 125 -38.80 -18.09 24.57
C TYR E 125 -38.74 -16.96 23.54
N ALA E 126 -37.99 -15.90 23.83
CA ALA E 126 -37.82 -14.77 22.89
C ALA E 126 -37.16 -15.20 21.57
N LEU E 127 -36.19 -16.09 21.69
CA LEU E 127 -35.55 -16.68 20.51
C LEU E 127 -36.54 -17.45 19.65
N THR E 128 -37.37 -18.28 20.28
CA THR E 128 -38.36 -19.03 19.51
C THR E 128 -39.51 -18.15 18.95
N LYS E 129 -39.83 -17.06 19.64
CA LYS E 129 -40.72 -16.05 19.09
C LYS E 129 -40.10 -15.47 17.81
N LEU E 130 -38.86 -15.01 17.93
CA LEU E 130 -38.08 -14.51 16.79
C LEU E 130 -38.17 -15.47 15.62
N ILE E 131 -37.90 -16.75 15.87
CA ILE E 131 -38.01 -17.78 14.83
C ILE E 131 -39.41 -17.82 14.21
N GLU E 132 -40.45 -17.74 15.03
CA GLU E 132 -41.82 -17.75 14.53
C GLU E 132 -42.19 -16.42 13.85
N GLY E 133 -41.32 -15.42 13.95
CA GLY E 133 -41.56 -14.14 13.33
C GLY E 133 -42.36 -13.13 14.14
N ASP E 134 -42.58 -13.41 15.41
CA ASP E 134 -43.34 -12.53 16.30
C ASP E 134 -42.43 -11.53 17.00
N PHE E 135 -41.99 -10.50 16.29
CA PHE E 135 -41.03 -9.55 16.84
C PHE E 135 -41.53 -8.74 18.04
N LYS E 136 -42.81 -8.40 18.06
CA LYS E 136 -43.36 -7.63 19.15
C LYS E 136 -43.22 -8.43 20.45
N SER E 137 -43.55 -9.71 20.37
CA SER E 137 -43.47 -10.60 21.52
C SER E 137 -42.03 -10.68 22.05
N ALA E 138 -41.07 -10.87 21.14
CA ALA E 138 -39.66 -10.90 21.54
C ALA E 138 -39.23 -9.58 22.18
N GLU E 139 -39.75 -8.46 21.66
CA GLU E 139 -39.49 -7.15 22.25
C GLU E 139 -39.96 -7.12 23.71
N ARG E 140 -41.19 -7.55 23.94
CA ARG E 140 -41.71 -7.55 25.30
C ARG E 140 -40.79 -8.38 26.20
N MET E 141 -40.47 -9.58 25.75
CA MET E 141 -39.55 -10.43 26.51
C MET E 141 -38.25 -9.72 26.85
N LEU E 142 -37.64 -9.09 25.85
CA LEU E 142 -36.42 -8.33 26.09
C LEU E 142 -36.66 -7.34 27.23
N GLU E 143 -37.82 -6.66 27.17
CA GLU E 143 -38.13 -5.61 28.13
C GLU E 143 -38.20 -6.17 29.54
N VAL E 144 -39.00 -7.24 29.73
CA VAL E 144 -39.07 -7.90 31.05
C VAL E 144 -37.68 -8.38 31.53
N MET E 145 -36.94 -9.09 30.67
CA MET E 145 -35.59 -9.55 30.96
C MET E 145 -34.75 -8.43 31.54
N GLU E 146 -34.66 -7.35 30.78
CA GLU E 146 -33.97 -6.16 31.23
C GLU E 146 -34.50 -5.65 32.59
N LYS E 147 -35.82 -5.70 32.79
CA LYS E 147 -36.43 -5.20 34.02
C LYS E 147 -35.91 -6.00 35.21
N ILE E 148 -36.11 -7.31 35.15
CA ILE E 148 -35.63 -8.23 36.16
C ILE E 148 -34.16 -7.99 36.45
N TYR E 149 -33.34 -7.87 35.41
CA TYR E 149 -31.92 -7.58 35.66
C TYR E 149 -31.76 -6.33 36.49
N GLU E 150 -32.38 -5.24 36.02
CA GLU E 150 -32.30 -3.93 36.67
C GLU E 150 -32.72 -3.97 38.15
N ARG E 151 -33.91 -4.49 38.42
CA ARG E 151 -34.42 -4.56 39.78
C ARG E 151 -33.58 -5.47 40.68
N LEU E 152 -33.25 -6.66 40.20
CA LEU E 152 -32.49 -7.62 41.00
C LEU E 152 -31.06 -7.15 41.29
N MET E 153 -30.51 -6.29 40.45
CA MET E 153 -29.14 -5.84 40.69
C MET E 153 -29.06 -5.04 42.00
N GLU E 154 -30.17 -4.43 42.37
CA GLU E 154 -30.20 -3.58 43.55
C GLU E 154 -30.07 -4.42 44.84
N PHE E 155 -30.04 -5.74 44.70
CA PHE E 155 -29.88 -6.64 45.85
C PHE E 155 -28.47 -7.18 46.01
N THR E 156 -27.58 -6.80 45.11
CA THR E 156 -26.21 -7.29 45.13
C THR E 156 -25.44 -6.75 46.34
N THR E 157 -25.86 -5.57 46.82
CA THR E 157 -25.21 -4.86 47.94
C THR E 157 -25.10 -5.69 49.21
N PHE E 158 -26.11 -6.54 49.40
CA PHE E 158 -26.18 -7.49 50.51
C PHE E 158 -25.08 -8.52 50.42
N PRO E 159 -24.78 -9.20 51.55
CA PRO E 159 -23.71 -10.20 51.47
C PRO E 159 -24.21 -11.40 50.69
N ASP E 160 -23.33 -12.20 50.09
CA ASP E 160 -23.80 -13.48 49.53
C ASP E 160 -24.32 -14.33 50.68
N LYS E 161 -24.29 -15.64 50.52
CA LYS E 161 -24.87 -16.50 51.55
C LYS E 161 -26.34 -16.09 51.79
N LEU E 162 -26.52 -14.91 52.40
CA LEU E 162 -27.82 -14.27 52.58
C LEU E 162 -28.61 -14.21 51.28
N VAL E 163 -27.86 -14.12 50.18
CA VAL E 163 -28.44 -13.94 48.86
C VAL E 163 -27.86 -15.06 47.98
N SER E 164 -26.81 -15.69 48.46
CA SER E 164 -26.14 -16.85 47.82
C SER E 164 -25.80 -16.69 46.33
N GLY E 165 -26.48 -17.45 45.49
CA GLY E 165 -26.10 -17.51 44.08
C GLY E 165 -26.33 -16.28 43.22
N LEU E 166 -27.03 -15.27 43.75
CA LEU E 166 -27.52 -14.15 42.95
C LEU E 166 -26.51 -13.53 41.96
N ARG E 167 -25.36 -13.09 42.45
CA ARG E 167 -24.40 -12.41 41.57
C ARG E 167 -24.04 -13.21 40.32
N LYS E 168 -23.69 -14.49 40.51
CA LYS E 168 -23.39 -15.36 39.38
C LYS E 168 -24.59 -15.47 38.45
N LYS E 169 -25.78 -15.70 39.00
CA LYS E 169 -26.98 -15.86 38.19
C LYS E 169 -27.22 -14.63 37.35
N LEU E 170 -27.09 -13.46 37.98
CA LEU E 170 -27.33 -12.19 37.31
C LEU E 170 -26.31 -11.95 36.22
N ASP E 171 -25.06 -12.35 36.43
CA ASP E 171 -24.07 -12.24 35.36
C ASP E 171 -24.45 -13.09 34.16
N VAL E 172 -24.79 -14.35 34.42
CA VAL E 172 -25.34 -15.21 33.38
C VAL E 172 -26.50 -14.51 32.67
N ALA E 173 -27.46 -14.01 33.45
CA ALA E 173 -28.59 -13.29 32.90
C ALA E 173 -28.16 -12.14 31.97
N ARG E 174 -27.18 -11.34 32.39
CA ARG E 174 -26.69 -10.22 31.61
C ARG E 174 -26.25 -10.73 30.26
N GLY E 175 -25.43 -11.78 30.30
CA GLY E 175 -24.99 -12.43 29.07
C GLY E 175 -26.14 -12.82 28.17
N GLY E 176 -27.11 -13.52 28.73
CA GLY E 176 -28.30 -13.90 28.00
C GLY E 176 -28.99 -12.72 27.34
N ILE E 177 -29.26 -11.67 28.11
CA ILE E 177 -29.92 -10.48 27.57
C ILE E 177 -29.15 -9.97 26.34
N GLU E 178 -27.84 -9.82 26.48
CA GLU E 178 -27.08 -9.29 25.36
C GLU E 178 -27.17 -10.19 24.16
N ARG E 179 -27.02 -11.48 24.40
CA ARG E 179 -27.06 -12.45 23.32
C ARG E 179 -28.41 -12.27 22.60
N THR E 180 -29.47 -12.20 23.38
CA THR E 180 -30.80 -12.04 22.82
C THR E 180 -30.90 -10.75 21.99
N LYS E 181 -30.32 -9.67 22.49
CA LYS E 181 -30.34 -8.40 21.77
C LYS E 181 -29.68 -8.60 20.42
N SER E 182 -28.51 -9.22 20.44
CA SER E 182 -27.77 -9.52 19.22
C SER E 182 -28.61 -10.32 18.21
N ASP E 183 -29.33 -11.33 18.69
CA ASP E 183 -30.20 -12.14 17.86
C ASP E 183 -31.34 -11.32 17.28
N TYR E 184 -31.94 -10.51 18.14
CA TYR E 184 -33.02 -9.64 17.74
C TYR E 184 -32.57 -8.70 16.64
N ILE E 185 -31.36 -8.17 16.79
CA ILE E 185 -30.78 -7.27 15.81
C ILE E 185 -30.60 -8.03 14.51
N ALA E 186 -30.03 -9.23 14.58
CA ALA E 186 -29.82 -10.07 13.40
C ALA E 186 -31.12 -10.35 12.67
N ALA E 187 -32.24 -10.28 13.38
CA ALA E 187 -33.52 -10.59 12.75
C ALA E 187 -34.10 -9.38 12.04
N LYS E 188 -33.59 -8.19 12.34
CA LYS E 188 -34.20 -6.96 11.81
C LYS E 188 -34.07 -6.85 10.30
N VAL E 189 -33.64 -7.93 9.65
CA VAL E 189 -33.66 -8.01 8.20
C VAL E 189 -35.08 -8.32 7.78
N ALA E 190 -36.01 -8.13 8.72
CA ALA E 190 -37.43 -8.12 8.43
C ALA E 190 -38.18 -7.31 9.50
N ARG E 191 -38.52 -6.03 9.26
CA ARG E 191 -38.19 -5.16 8.11
C ARG E 191 -38.60 -5.61 6.71
N LEU E 192 -37.62 -5.87 5.85
CA LEU E 192 -37.91 -6.32 4.47
C LEU E 192 -38.71 -7.64 4.48
N ASN E 193 -39.80 -7.67 3.72
CA ASN E 193 -40.69 -8.84 3.66
C ASN E 193 -41.21 -9.27 5.04
N MET F 4 -15.40 -69.69 43.93
CA MET F 4 -14.40 -68.99 44.74
C MET F 4 -14.35 -67.50 44.40
N ARG F 5 -15.27 -66.72 45.01
CA ARG F 5 -15.63 -65.34 44.60
C ARG F 5 -14.51 -64.38 44.12
N LEU F 6 -13.32 -64.47 44.69
CA LEU F 6 -12.21 -63.67 44.18
C LEU F 6 -11.77 -64.11 42.78
N GLU F 7 -11.71 -65.42 42.56
CA GLU F 7 -11.31 -65.91 41.25
C GLU F 7 -12.37 -65.53 40.19
N GLU F 8 -13.64 -65.54 40.60
CA GLU F 8 -14.72 -65.04 39.75
C GLU F 8 -14.53 -63.54 39.43
N CYS F 9 -14.21 -62.75 40.45
CA CYS F 9 -13.86 -61.35 40.23
C CYS F 9 -12.79 -61.27 39.18
N ARG F 10 -11.70 -62.01 39.37
CA ARG F 10 -10.57 -61.97 38.45
C ARG F 10 -10.98 -62.33 37.01
N LYS F 11 -11.83 -63.34 36.88
CA LYS F 11 -12.31 -63.78 35.56
C LYS F 11 -13.07 -62.65 34.89
N ARG F 12 -14.16 -62.23 35.52
CA ARG F 12 -15.04 -61.21 34.97
C ARG F 12 -14.29 -59.90 34.67
N LEU F 13 -13.31 -59.56 35.51
CA LEU F 13 -12.47 -58.38 35.31
C LEU F 13 -11.57 -58.53 34.09
N GLU F 14 -11.06 -59.73 33.88
CA GLU F 14 -10.19 -59.98 32.73
C GLU F 14 -10.97 -59.82 31.44
N GLU F 15 -12.13 -60.49 31.40
CA GLU F 15 -13.07 -60.34 30.30
C GLU F 15 -13.46 -58.87 30.03
N LEU F 16 -13.91 -58.17 31.07
CA LEU F 16 -14.24 -56.76 30.93
C LEU F 16 -13.09 -55.91 30.40
N GLU F 17 -11.88 -56.13 30.91
CA GLU F 17 -10.72 -55.41 30.40
C GLU F 17 -10.52 -55.60 28.90
N ALA F 18 -10.56 -56.87 28.47
CA ALA F 18 -10.36 -57.21 27.06
C ALA F 18 -11.44 -56.57 26.20
N ALA F 19 -12.67 -56.81 26.60
CA ALA F 19 -13.83 -56.28 25.91
C ALA F 19 -13.69 -54.77 25.75
N ARG F 20 -13.24 -54.10 26.81
CA ARG F 20 -13.09 -52.65 26.77
C ARG F 20 -12.07 -52.25 25.70
N GLU F 21 -10.93 -52.96 25.64
CA GLU F 21 -9.94 -52.64 24.61
C GLU F 21 -10.52 -52.79 23.20
N GLU F 22 -11.04 -53.98 22.91
CA GLU F 22 -11.63 -54.27 21.60
C GLU F 22 -12.73 -53.26 21.21
N LEU F 23 -13.75 -53.16 22.06
CA LEU F 23 -14.87 -52.25 21.90
C LEU F 23 -14.40 -50.83 21.59
N LEU F 24 -13.52 -50.29 22.42
CA LEU F 24 -13.00 -48.96 22.14
C LEU F 24 -12.40 -48.85 20.75
N LYS F 25 -11.63 -49.86 20.33
CA LYS F 25 -11.03 -49.82 18.98
C LYS F 25 -12.11 -49.72 17.88
N VAL F 26 -13.09 -50.63 17.96
CA VAL F 26 -14.23 -50.63 17.06
C VAL F 26 -14.96 -49.27 17.04
N LEU F 27 -15.49 -48.88 18.19
CA LEU F 27 -16.16 -47.59 18.38
C LEU F 27 -15.40 -46.43 17.76
N ARG F 28 -14.10 -46.39 17.97
CA ARG F 28 -13.36 -45.28 17.41
C ARG F 28 -13.29 -45.37 15.87
N GLU F 29 -13.24 -46.59 15.34
CA GLU F 29 -13.29 -46.69 13.88
C GLU F 29 -14.63 -46.19 13.31
N MET F 30 -15.71 -46.66 13.89
CA MET F 30 -17.05 -46.20 13.53
C MET F 30 -17.17 -44.67 13.60
N ARG F 31 -16.69 -44.09 14.70
CA ARG F 31 -16.74 -42.64 14.84
C ARG F 31 -15.93 -41.92 13.76
N ILE F 32 -14.75 -42.44 13.47
CA ILE F 32 -13.90 -41.85 12.43
C ILE F 32 -14.66 -41.82 11.10
N HIS F 33 -15.22 -42.97 10.73
CA HIS F 33 -15.98 -43.09 9.49
C HIS F 33 -17.16 -42.12 9.42
N SER F 34 -17.91 -42.00 10.52
CA SER F 34 -19.04 -41.08 10.55
C SER F 34 -18.59 -39.63 10.31
N THR F 35 -17.52 -39.26 11.00
CA THR F 35 -17.04 -37.90 10.92
C THR F 35 -16.59 -37.64 9.48
N LYS F 36 -15.93 -38.64 8.91
CA LYS F 36 -15.49 -38.58 7.52
C LYS F 36 -16.67 -38.32 6.61
N SER F 37 -17.72 -39.15 6.72
CA SER F 37 -18.82 -39.06 5.80
C SER F 37 -19.44 -37.68 5.88
N ILE F 38 -19.50 -37.13 7.10
CA ILE F 38 -20.06 -35.78 7.26
C ILE F 38 -19.23 -34.77 6.49
N ALA F 39 -17.90 -34.87 6.65
CA ALA F 39 -16.99 -33.90 6.01
C ALA F 39 -17.10 -34.01 4.50
N LEU F 40 -17.21 -35.24 4.01
CA LEU F 40 -17.37 -35.47 2.60
C LEU F 40 -18.63 -34.79 2.10
N ILE F 41 -19.76 -34.99 2.80
CA ILE F 41 -21.00 -34.34 2.40
C ILE F 41 -20.83 -32.82 2.25
N HIS F 42 -20.16 -32.18 3.21
CA HIS F 42 -19.91 -30.74 3.04
C HIS F 42 -19.05 -30.50 1.80
N ALA F 43 -18.07 -31.38 1.61
CA ALA F 43 -17.16 -31.27 0.49
C ALA F 43 -17.80 -31.51 -0.89
N GLY F 44 -19.05 -31.95 -0.94
CA GLY F 44 -19.71 -32.20 -2.21
C GLY F 44 -19.62 -33.63 -2.73
N LYS F 45 -18.76 -34.43 -2.11
CA LYS F 45 -18.54 -35.80 -2.55
C LYS F 45 -19.51 -36.78 -1.88
N VAL F 46 -20.78 -36.75 -2.30
CA VAL F 46 -21.83 -37.53 -1.64
C VAL F 46 -21.73 -39.07 -1.80
N GLU F 47 -21.18 -39.53 -2.92
CA GLU F 47 -20.92 -40.96 -3.08
C GLU F 47 -19.87 -41.49 -2.10
N GLU F 48 -18.75 -40.77 -1.96
CA GLU F 48 -17.70 -41.16 -1.02
C GLU F 48 -18.23 -41.12 0.43
N ALA F 49 -19.01 -40.09 0.73
CA ALA F 49 -19.78 -40.05 1.96
C ALA F 49 -20.62 -41.30 2.19
N GLU F 50 -21.34 -41.73 1.15
CA GLU F 50 -22.16 -42.93 1.24
C GLU F 50 -21.32 -44.14 1.58
N GLN F 51 -20.16 -44.26 0.94
CA GLN F 51 -19.25 -45.38 1.24
C GLN F 51 -18.85 -45.38 2.72
N GLU F 52 -18.44 -44.21 3.23
CA GLU F 52 -18.09 -44.10 4.65
C GLU F 52 -19.24 -44.51 5.55
N LEU F 53 -20.41 -43.89 5.35
CA LEU F 53 -21.61 -44.25 6.09
C LEU F 53 -21.81 -45.75 6.12
N LYS F 54 -21.57 -46.40 4.98
CA LYS F 54 -21.74 -47.83 4.88
C LYS F 54 -20.73 -48.55 5.78
N LYS F 55 -19.46 -48.13 5.77
CA LYS F 55 -18.47 -48.82 6.59
C LYS F 55 -18.81 -48.67 8.08
N ALA F 56 -19.30 -47.49 8.43
CA ALA F 56 -19.73 -47.21 9.79
C ALA F 56 -20.83 -48.17 10.21
N ILE F 57 -21.93 -48.17 9.45
CA ILE F 57 -23.06 -49.04 9.78
C ILE F 57 -22.64 -50.49 9.85
N GLU F 58 -21.70 -50.88 9.00
CA GLU F 58 -21.14 -52.22 9.05
C GLU F 58 -20.53 -52.45 10.44
N LEU F 59 -19.69 -51.51 10.86
CA LEU F 59 -19.05 -51.58 12.18
C LEU F 59 -20.05 -51.75 13.33
N LEU F 60 -21.17 -51.04 13.27
CA LEU F 60 -22.15 -51.13 14.36
C LEU F 60 -22.57 -52.57 14.61
N GLU F 61 -22.48 -53.40 13.59
CA GLU F 61 -22.87 -54.79 13.79
C GLU F 61 -21.85 -55.47 14.72
N LYS F 62 -20.58 -55.07 14.59
CA LYS F 62 -19.51 -55.55 15.48
C LYS F 62 -19.75 -55.01 16.88
N VAL F 63 -19.96 -53.70 16.98
CA VAL F 63 -20.21 -53.05 18.26
C VAL F 63 -21.30 -53.76 19.03
N LYS F 64 -22.38 -54.10 18.33
CA LYS F 64 -23.54 -54.72 18.96
C LYS F 64 -23.18 -55.99 19.73
N ALA F 65 -22.11 -56.65 19.33
CA ALA F 65 -21.69 -57.90 19.97
C ALA F 65 -21.37 -57.72 21.46
N TYR F 66 -21.08 -56.49 21.85
CA TYR F 66 -20.60 -56.19 23.19
C TYR F 66 -21.73 -55.90 24.19
N ARG F 67 -22.98 -56.10 23.75
CA ARG F 67 -24.11 -55.91 24.65
C ARG F 67 -24.07 -56.87 25.84
N GLU F 68 -23.28 -57.95 25.74
CA GLU F 68 -23.21 -58.95 26.80
C GLU F 68 -22.39 -58.46 27.99
N TYR F 69 -21.79 -57.28 27.83
CA TYR F 69 -21.11 -56.60 28.92
C TYR F 69 -21.83 -55.31 29.28
N PRO F 70 -22.95 -55.40 30.00
CA PRO F 70 -23.73 -54.17 30.21
C PRO F 70 -23.01 -53.15 31.07
N GLU F 71 -22.33 -53.60 32.12
CA GLU F 71 -21.31 -52.77 32.76
C GLU F 71 -20.38 -52.46 31.62
N ILE F 72 -19.93 -51.21 31.51
CA ILE F 72 -19.16 -50.75 30.35
C ILE F 72 -19.87 -50.50 29.00
N TYR F 73 -20.78 -51.36 28.55
CA TYR F 73 -21.32 -51.20 27.17
C TYR F 73 -22.05 -49.88 26.89
N PHE F 74 -23.06 -49.61 27.69
CA PHE F 74 -23.83 -48.40 27.51
C PHE F 74 -23.03 -47.15 27.84
N TYR F 75 -22.14 -47.22 28.83
CA TYR F 75 -21.27 -46.08 29.11
C TYR F 75 -20.35 -45.75 27.93
N LEU F 76 -19.91 -46.79 27.23
CA LEU F 76 -18.91 -46.63 26.18
C LEU F 76 -19.50 -46.23 24.83
N CYS F 77 -20.65 -46.81 24.47
CA CYS F 77 -21.11 -46.70 23.08
C CYS F 77 -21.73 -45.35 22.66
N ASN F 78 -22.03 -44.51 23.65
CA ASN F 78 -22.87 -43.35 23.40
C ASN F 78 -22.39 -42.40 22.34
N ASP F 79 -21.14 -41.94 22.46
CA ASP F 79 -20.69 -40.91 21.55
C ASP F 79 -20.61 -41.40 20.12
N ALA F 80 -20.14 -42.62 19.90
CA ALA F 80 -20.04 -43.13 18.54
C ALA F 80 -21.45 -43.27 17.96
N MET F 81 -22.36 -43.84 18.74
CA MET F 81 -23.71 -44.07 18.26
C MET F 81 -24.38 -42.77 17.83
N GLN F 82 -24.26 -41.78 18.70
CA GLN F 82 -24.76 -40.45 18.40
C GLN F 82 -24.15 -39.91 17.10
N GLU F 83 -22.83 -40.04 16.97
CA GLU F 83 -22.11 -39.51 15.81
C GLU F 83 -22.61 -40.14 14.52
N LEU F 84 -22.86 -41.45 14.58
CA LEU F 84 -23.37 -42.21 13.44
C LEU F 84 -24.76 -41.73 13.05
N VAL F 85 -25.67 -41.69 14.02
CA VAL F 85 -27.01 -41.16 13.76
C VAL F 85 -26.94 -39.78 13.09
N GLU F 86 -26.10 -38.88 13.63
CA GLU F 86 -25.90 -37.54 13.06
C GLU F 86 -25.56 -37.61 11.58
N ALA F 87 -24.50 -38.37 11.27
CA ALA F 87 -24.09 -38.58 9.88
C ALA F 87 -25.22 -39.10 8.97
N ILE F 88 -25.95 -40.13 9.42
CA ILE F 88 -27.07 -40.65 8.65
C ILE F 88 -28.17 -39.61 8.40
N ALA F 89 -28.60 -38.93 9.46
CA ALA F 89 -29.65 -37.93 9.32
C ALA F 89 -29.22 -36.78 8.41
N PHE F 90 -27.93 -36.43 8.47
CA PHE F 90 -27.39 -35.33 7.69
C PHE F 90 -27.36 -35.70 6.21
N LYS F 91 -26.78 -36.87 5.92
CA LYS F 91 -26.70 -37.35 4.54
C LYS F 91 -28.11 -37.42 3.96
N ASN F 92 -29.00 -38.08 4.70
CA ASN F 92 -30.42 -38.17 4.34
C ASN F 92 -31.02 -36.80 4.04
N ALA F 93 -30.70 -35.81 4.85
CA ALA F 93 -31.21 -34.46 4.62
C ALA F 93 -30.76 -33.89 3.27
N ILE F 94 -29.48 -34.04 2.95
CA ILE F 94 -29.05 -33.39 1.71
C ILE F 94 -29.43 -34.19 0.46
N SER F 95 -29.72 -35.48 0.63
CA SER F 95 -30.10 -36.34 -0.50
C SER F 95 -31.62 -36.34 -0.75
N GLY F 96 -32.33 -35.39 -0.15
CA GLY F 96 -33.78 -35.35 -0.25
C GLY F 96 -34.48 -36.62 0.23
N GLU F 97 -33.89 -37.31 1.18
CA GLU F 97 -34.49 -38.52 1.70
C GLU F 97 -34.53 -38.50 3.22
N PHE F 98 -34.84 -37.34 3.80
CA PHE F 98 -34.83 -37.22 5.25
C PHE F 98 -35.93 -38.06 5.89
N THR F 99 -35.59 -38.83 6.91
CA THR F 99 -36.56 -39.68 7.59
C THR F 99 -36.23 -39.84 9.07
N PHE F 100 -37.27 -39.74 9.92
CA PHE F 100 -37.12 -40.06 11.33
C PHE F 100 -37.10 -41.54 11.56
N GLU F 101 -37.38 -42.33 10.53
CA GLU F 101 -37.34 -43.77 10.65
C GLU F 101 -35.95 -44.37 10.40
N ILE F 102 -34.94 -43.90 11.13
CA ILE F 102 -33.66 -44.59 11.14
C ILE F 102 -33.71 -45.77 12.10
N ASP F 103 -33.70 -47.00 11.57
CA ASP F 103 -33.92 -48.17 12.43
C ASP F 103 -32.64 -48.85 12.95
N LEU F 104 -31.96 -48.21 13.89
CA LEU F 104 -30.78 -48.80 14.50
C LEU F 104 -30.99 -49.20 15.97
N GLU F 105 -30.20 -50.16 16.42
CA GLU F 105 -30.18 -50.57 17.83
C GLU F 105 -29.23 -49.64 18.57
N VAL F 106 -29.82 -48.58 19.10
CA VAL F 106 -29.06 -47.44 19.55
C VAL F 106 -29.88 -46.83 20.66
N THR F 107 -29.26 -46.15 21.61
CA THR F 107 -30.01 -45.64 22.76
C THR F 107 -30.86 -44.42 22.41
N PRO F 108 -32.00 -44.24 23.09
CA PRO F 108 -32.85 -43.05 22.93
C PRO F 108 -32.03 -41.77 22.95
N ALA F 109 -31.02 -41.75 23.81
CA ALA F 109 -30.14 -40.61 23.97
C ALA F 109 -29.35 -40.39 22.70
N ALA F 110 -28.76 -41.45 22.17
CA ALA F 110 -27.95 -41.33 20.95
C ALA F 110 -28.81 -40.91 19.77
N PHE F 111 -30.01 -41.45 19.67
CA PHE F 111 -30.93 -41.15 18.59
C PHE F 111 -31.28 -39.68 18.57
N LEU F 112 -32.00 -39.26 19.62
CA LEU F 112 -32.44 -37.89 19.77
C LEU F 112 -31.27 -36.90 19.58
N ASN F 113 -30.16 -37.20 20.25
CA ASN F 113 -29.00 -36.31 20.26
C ASN F 113 -28.37 -36.22 18.89
N GLY F 114 -28.34 -37.33 18.18
CA GLY F 114 -27.83 -37.36 16.83
C GLY F 114 -28.61 -36.44 15.90
N PHE F 115 -29.94 -36.50 15.93
CA PHE F 115 -30.70 -35.59 15.08
C PHE F 115 -30.42 -34.14 15.47
N ALA F 116 -30.45 -33.90 16.79
CA ALA F 116 -30.25 -32.54 17.32
C ALA F 116 -28.94 -32.00 16.85
N ALA F 117 -27.94 -32.86 16.87
CA ALA F 117 -26.60 -32.53 16.41
C ALA F 117 -26.63 -32.23 14.92
N ALA F 118 -27.41 -32.99 14.17
CA ALA F 118 -27.42 -32.79 12.72
C ALA F 118 -27.91 -31.40 12.37
N VAL F 119 -28.71 -30.81 13.26
CA VAL F 119 -29.23 -29.47 12.98
C VAL F 119 -28.13 -28.46 12.64
N GLY F 120 -27.03 -28.52 13.35
CA GLY F 120 -26.01 -27.52 13.14
C GLY F 120 -25.14 -27.76 11.94
N GLU F 121 -24.88 -29.03 11.70
CA GLU F 121 -24.24 -29.49 10.47
C GLU F 121 -25.04 -28.93 9.29
N LEU F 122 -26.36 -29.05 9.42
CA LEU F 122 -27.29 -28.47 8.47
C LEU F 122 -27.15 -26.95 8.37
N ARG F 123 -27.03 -26.24 9.50
CA ARG F 123 -26.85 -24.78 9.40
C ARG F 123 -25.61 -24.42 8.58
N ARG F 124 -24.52 -25.13 8.86
CA ARG F 124 -23.29 -24.94 8.09
C ARG F 124 -23.56 -25.11 6.58
N TYR F 125 -24.13 -26.26 6.23
CA TYR F 125 -24.47 -26.54 4.87
C TYR F 125 -25.29 -25.42 4.22
N ALA F 126 -26.37 -25.01 4.90
CA ALA F 126 -27.33 -24.03 4.39
C ALA F 126 -26.68 -22.70 4.15
N LEU F 127 -25.75 -22.35 5.04
CA LEU F 127 -24.97 -21.12 4.91
C LEU F 127 -24.06 -21.20 3.67
N THR F 128 -23.36 -22.32 3.48
CA THR F 128 -22.49 -22.37 2.31
C THR F 128 -23.30 -22.35 1.00
N LYS F 129 -24.44 -23.02 0.94
CA LYS F 129 -25.25 -22.91 -0.27
C LYS F 129 -25.71 -21.46 -0.43
N LEU F 130 -26.12 -20.85 0.68
CA LEU F 130 -26.61 -19.48 0.68
C LEU F 130 -25.57 -18.53 0.05
N ILE F 131 -24.31 -18.66 0.44
CA ILE F 131 -23.22 -17.90 -0.15
C ILE F 131 -23.17 -18.11 -1.66
N GLU F 132 -23.16 -19.37 -2.09
CA GLU F 132 -23.06 -19.75 -3.50
C GLU F 132 -24.30 -19.45 -4.35
N GLY F 133 -25.26 -18.70 -3.80
CA GLY F 133 -26.47 -18.34 -4.52
C GLY F 133 -27.55 -19.41 -4.63
N ASP F 134 -27.31 -20.61 -4.07
CA ASP F 134 -28.23 -21.73 -4.16
C ASP F 134 -29.36 -21.67 -3.13
N PHE F 135 -30.27 -20.73 -3.30
CA PHE F 135 -31.32 -20.48 -2.32
C PHE F 135 -32.24 -21.68 -2.07
N LYS F 136 -32.43 -22.51 -3.09
CA LYS F 136 -33.36 -23.62 -2.98
C LYS F 136 -32.85 -24.64 -1.96
N SER F 137 -31.59 -25.05 -2.12
CA SER F 137 -30.93 -25.90 -1.12
C SER F 137 -31.05 -25.35 0.29
N ALA F 138 -30.85 -24.04 0.46
CA ALA F 138 -30.93 -23.44 1.76
C ALA F 138 -32.33 -23.62 2.33
N GLU F 139 -33.33 -23.19 1.58
CA GLU F 139 -34.71 -23.35 2.04
C GLU F 139 -35.02 -24.79 2.49
N ARG F 140 -34.60 -25.77 1.69
CA ARG F 140 -34.85 -27.18 2.03
C ARG F 140 -34.21 -27.51 3.36
N MET F 141 -32.92 -27.22 3.47
CA MET F 141 -32.20 -27.44 4.72
C MET F 141 -32.89 -26.82 5.92
N LEU F 142 -33.23 -25.54 5.81
CA LEU F 142 -33.97 -24.86 6.85
C LEU F 142 -35.25 -25.62 7.23
N GLU F 143 -35.94 -26.18 6.24
CA GLU F 143 -37.15 -26.96 6.50
C GLU F 143 -36.89 -28.22 7.30
N VAL F 144 -35.90 -29.01 6.90
CA VAL F 144 -35.58 -30.19 7.69
C VAL F 144 -35.08 -29.80 9.12
N MET F 145 -34.32 -28.72 9.20
CA MET F 145 -33.87 -28.19 10.49
C MET F 145 -35.05 -27.94 11.41
N GLU F 146 -35.97 -27.14 10.91
CA GLU F 146 -37.14 -26.77 11.69
C GLU F 146 -37.97 -28.01 12.09
N LYS F 147 -38.09 -28.96 11.18
CA LYS F 147 -38.80 -30.18 11.50
C LYS F 147 -38.11 -30.95 12.63
N ILE F 148 -36.77 -31.00 12.60
CA ILE F 148 -36.04 -31.73 13.64
C ILE F 148 -36.24 -31.07 14.98
N TYR F 149 -36.07 -29.76 15.01
CA TYR F 149 -36.27 -29.02 16.24
C TYR F 149 -37.67 -29.29 16.80
N GLU F 150 -38.66 -29.12 15.94
CA GLU F 150 -40.06 -29.28 16.32
C GLU F 150 -40.39 -30.67 16.91
N ARG F 151 -39.94 -31.74 16.27
CA ARG F 151 -40.27 -33.06 16.79
C ARG F 151 -39.46 -33.41 18.04
N LEU F 152 -38.23 -32.91 18.12
CA LEU F 152 -37.33 -33.23 19.23
C LEU F 152 -37.66 -32.48 20.50
N MET F 153 -38.29 -31.30 20.39
CA MET F 153 -38.53 -30.48 21.56
C MET F 153 -39.40 -31.10 22.65
N GLU F 154 -40.18 -32.11 22.30
CA GLU F 154 -41.05 -32.73 23.30
C GLU F 154 -40.31 -33.68 24.26
N PHE F 155 -39.12 -34.15 23.88
CA PHE F 155 -38.34 -35.05 24.75
C PHE F 155 -37.59 -34.26 25.78
N THR F 156 -37.73 -32.95 25.70
CA THR F 156 -37.03 -32.05 26.58
C THR F 156 -37.61 -32.07 28.02
N THR F 157 -38.77 -32.72 28.20
CA THR F 157 -39.34 -32.96 29.54
C THR F 157 -38.69 -34.13 30.29
N PHE F 158 -37.92 -34.94 29.60
CA PHE F 158 -37.25 -36.07 30.24
C PHE F 158 -36.03 -35.62 31.03
N PRO F 159 -35.75 -36.30 32.15
CA PRO F 159 -34.63 -35.95 33.02
C PRO F 159 -33.33 -35.95 32.22
N ASP F 160 -32.50 -34.93 32.43
CA ASP F 160 -31.32 -34.76 31.61
C ASP F 160 -30.45 -36.01 31.54
N LYS F 161 -30.23 -36.65 32.67
CA LYS F 161 -29.37 -37.82 32.70
C LYS F 161 -29.84 -38.97 31.77
N LEU F 162 -31.12 -38.96 31.41
CA LEU F 162 -31.70 -40.03 30.62
C LEU F 162 -31.62 -39.74 29.13
N VAL F 163 -31.21 -38.53 28.80
CA VAL F 163 -31.31 -38.06 27.44
C VAL F 163 -30.15 -37.08 27.24
N SER F 164 -29.03 -37.38 27.92
CA SER F 164 -27.83 -36.55 28.06
C SER F 164 -27.97 -35.08 27.60
N GLY F 165 -27.09 -34.63 26.72
CA GLY F 165 -27.03 -33.21 26.41
C GLY F 165 -28.15 -32.62 25.57
N LEU F 166 -29.33 -33.24 25.60
CA LEU F 166 -30.41 -32.90 24.67
C LEU F 166 -30.80 -31.42 24.74
N ARG F 167 -31.10 -30.95 25.95
CA ARG F 167 -31.43 -29.54 26.17
C ARG F 167 -30.40 -28.60 25.52
N LYS F 168 -29.12 -28.74 25.88
CA LYS F 168 -28.11 -27.82 25.35
C LYS F 168 -28.09 -27.87 23.81
N LYS F 169 -28.12 -29.09 23.27
CA LYS F 169 -28.10 -29.28 21.83
C LYS F 169 -29.26 -28.54 21.15
N LEU F 170 -30.47 -28.75 21.66
CA LEU F 170 -31.64 -28.05 21.17
C LEU F 170 -31.54 -26.53 21.32
N ASP F 171 -30.90 -26.06 22.40
CA ASP F 171 -30.69 -24.61 22.54
C ASP F 171 -29.90 -24.07 21.35
N VAL F 172 -28.73 -24.69 21.14
CA VAL F 172 -27.89 -24.40 19.99
C VAL F 172 -28.69 -24.46 18.69
N ALA F 173 -29.51 -25.50 18.55
CA ALA F 173 -30.36 -25.63 17.38
C ALA F 173 -31.23 -24.42 17.19
N ARG F 174 -31.90 -24.02 18.27
CA ARG F 174 -32.82 -22.92 18.22
C ARG F 174 -32.10 -21.73 17.61
N GLY F 175 -30.99 -21.36 18.24
CA GLY F 175 -30.19 -20.25 17.72
C GLY F 175 -29.76 -20.38 16.27
N GLY F 176 -29.40 -21.59 15.87
CA GLY F 176 -28.93 -21.84 14.52
C GLY F 176 -30.03 -21.63 13.51
N ILE F 177 -31.21 -22.10 13.86
CA ILE F 177 -32.39 -21.89 13.08
C ILE F 177 -32.63 -20.40 12.93
N GLU F 178 -32.65 -19.68 14.06
CA GLU F 178 -32.90 -18.24 14.04
C GLU F 178 -31.92 -17.52 13.09
N ARG F 179 -30.64 -17.86 13.24
CA ARG F 179 -29.61 -17.21 12.45
C ARG F 179 -29.76 -17.55 10.97
N THR F 180 -30.00 -18.82 10.66
CA THR F 180 -30.07 -19.27 9.28
C THR F 180 -31.27 -18.64 8.55
N LYS F 181 -32.41 -18.54 9.23
CA LYS F 181 -33.51 -17.78 8.69
C LYS F 181 -33.03 -16.39 8.34
N SER F 182 -32.49 -15.69 9.33
CA SER F 182 -32.02 -14.33 9.05
C SER F 182 -31.09 -14.29 7.84
N ASP F 183 -30.10 -15.17 7.81
CA ASP F 183 -29.11 -15.19 6.76
C ASP F 183 -29.79 -15.32 5.43
N TYR F 184 -30.72 -16.28 5.35
CA TYR F 184 -31.49 -16.52 4.13
C TYR F 184 -32.18 -15.26 3.65
N ILE F 185 -32.96 -14.63 4.51
CA ILE F 185 -33.62 -13.38 4.16
C ILE F 185 -32.65 -12.29 3.68
N ALA F 186 -31.54 -12.12 4.39
CA ALA F 186 -30.54 -11.12 4.02
C ALA F 186 -29.98 -11.39 2.64
N ALA F 187 -29.63 -12.65 2.39
CA ALA F 187 -29.12 -13.04 1.09
C ALA F 187 -30.18 -12.83 -0.01
N LYS F 188 -31.44 -13.06 0.33
CA LYS F 188 -32.53 -12.84 -0.63
C LYS F 188 -32.60 -11.39 -1.06
N VAL F 189 -32.67 -10.46 -0.11
CA VAL F 189 -32.64 -9.06 -0.50
C VAL F 189 -31.33 -8.75 -1.28
N ALA F 190 -30.22 -9.32 -0.81
CA ALA F 190 -28.92 -9.09 -1.44
C ALA F 190 -28.89 -9.46 -2.91
N ARG F 191 -29.68 -10.47 -3.30
CA ARG F 191 -29.84 -10.77 -4.73
C ARG F 191 -31.18 -10.27 -5.31
N LEU F 192 -31.37 -8.97 -5.23
CA LEU F 192 -32.30 -8.25 -6.09
C LEU F 192 -31.43 -7.20 -6.75
N ASN F 193 -30.20 -7.09 -6.24
CA ASN F 193 -29.15 -6.27 -6.83
C ASN F 193 -28.06 -7.16 -7.42
N MET G 4 29.39 -40.35 42.60
CA MET G 4 28.39 -40.50 43.68
C MET G 4 27.01 -39.90 43.36
N ARG G 5 26.05 -40.81 43.13
CA ARG G 5 24.71 -40.50 42.58
C ARG G 5 24.02 -39.21 43.06
N LEU G 6 24.00 -38.98 44.37
CA LEU G 6 23.42 -37.75 44.88
C LEU G 6 24.04 -36.49 44.27
N GLU G 7 25.34 -36.54 43.99
CA GLU G 7 26.01 -35.38 43.42
C GLU G 7 25.66 -35.24 41.94
N GLU G 8 25.38 -36.36 41.27
CA GLU G 8 24.95 -36.35 39.87
C GLU G 8 23.55 -35.72 39.80
N CYS G 9 22.73 -36.05 40.80
CA CYS G 9 21.42 -35.41 40.99
C CYS G 9 21.58 -33.90 41.13
N ARG G 10 22.24 -33.46 42.21
CA ARG G 10 22.49 -32.04 42.48
C ARG G 10 22.97 -31.30 41.23
N LYS G 11 23.96 -31.88 40.54
CA LYS G 11 24.47 -31.31 39.30
C LYS G 11 23.34 -31.09 38.31
N ARG G 12 22.71 -32.19 37.93
CA ARG G 12 21.68 -32.15 36.91
C ARG G 12 20.54 -31.17 37.27
N LEU G 13 20.21 -31.09 38.55
CA LEU G 13 19.18 -30.15 38.99
C LEU G 13 19.63 -28.70 38.86
N GLU G 14 20.90 -28.42 39.14
CA GLU G 14 21.40 -27.04 38.95
C GLU G 14 21.35 -26.67 37.46
N GLU G 15 21.86 -27.59 36.63
CA GLU G 15 21.78 -27.44 35.18
C GLU G 15 20.36 -27.12 34.71
N LEU G 16 19.42 -27.99 35.10
CA LEU G 16 18.02 -27.82 34.73
C LEU G 16 17.41 -26.50 35.22
N GLU G 17 17.66 -26.11 36.47
CA GLU G 17 17.08 -24.86 36.98
C GLU G 17 17.55 -23.71 36.10
N ALA G 18 18.86 -23.71 35.83
CA ALA G 18 19.44 -22.70 34.97
C ALA G 18 18.77 -22.67 33.59
N ALA G 19 18.79 -23.83 32.93
CA ALA G 19 18.25 -23.99 31.58
C ALA G 19 16.83 -23.49 31.51
N ARG G 20 16.02 -23.91 32.48
CA ARG G 20 14.64 -23.48 32.54
C ARG G 20 14.54 -21.96 32.59
N GLU G 21 15.37 -21.32 33.42
CA GLU G 21 15.34 -19.83 33.49
C GLU G 21 15.62 -19.20 32.13
N GLU G 22 16.75 -19.59 31.53
CA GLU G 22 17.19 -19.01 30.27
C GLU G 22 16.17 -19.24 29.17
N LEU G 23 15.85 -20.52 28.95
CA LEU G 23 14.85 -20.97 27.98
C LEU G 23 13.61 -20.12 28.07
N LEU G 24 13.05 -20.01 29.28
CA LEU G 24 11.87 -19.18 29.53
C LEU G 24 12.05 -17.75 29.06
N LYS G 25 13.22 -17.17 29.34
CA LYS G 25 13.49 -15.81 28.87
C LYS G 25 13.37 -15.73 27.34
N VAL G 26 14.08 -16.65 26.67
CA VAL G 26 14.12 -16.68 25.22
C VAL G 26 12.72 -16.86 24.64
N LEU G 27 12.04 -17.91 25.08
CA LEU G 27 10.67 -18.18 24.67
C LEU G 27 9.76 -16.97 24.83
N ARG G 28 9.88 -16.26 25.94
CA ARG G 28 9.07 -15.05 26.17
C ARG G 28 9.37 -13.96 25.14
N GLU G 29 10.65 -13.75 24.84
CA GLU G 29 10.98 -12.75 23.83
C GLU G 29 10.42 -13.15 22.47
N MET G 30 10.55 -14.43 22.14
CA MET G 30 9.99 -14.94 20.90
C MET G 30 8.49 -14.63 20.83
N ARG G 31 7.77 -14.97 21.91
CA ARG G 31 6.33 -14.79 21.96
C ARG G 31 5.97 -13.32 21.75
N ILE G 32 6.72 -12.44 22.39
CA ILE G 32 6.47 -11.01 22.22
C ILE G 32 6.62 -10.60 20.75
N HIS G 33 7.64 -11.11 20.07
CA HIS G 33 7.78 -10.74 18.66
C HIS G 33 6.66 -11.32 17.77
N SER G 34 6.28 -12.56 18.02
CA SER G 34 5.15 -13.16 17.30
C SER G 34 3.90 -12.27 17.45
N THR G 35 3.60 -11.94 18.71
CA THR G 35 2.38 -11.21 19.03
C THR G 35 2.40 -9.85 18.35
N LYS G 36 3.57 -9.20 18.41
CA LYS G 36 3.73 -7.88 17.83
C LYS G 36 3.47 -7.98 16.33
N SER G 37 4.07 -8.99 15.70
CA SER G 37 3.85 -9.32 14.30
C SER G 37 2.36 -9.36 13.92
N ILE G 38 1.62 -10.19 14.65
CA ILE G 38 0.18 -10.32 14.42
C ILE G 38 -0.55 -8.97 14.52
N ALA G 39 -0.29 -8.25 15.59
CA ALA G 39 -0.92 -6.95 15.79
C ALA G 39 -0.61 -5.99 14.63
N LEU G 40 0.64 -6.03 14.18
CA LEU G 40 1.08 -5.20 13.07
C LEU G 40 0.30 -5.52 11.81
N ILE G 41 0.19 -6.81 11.51
CA ILE G 41 -0.60 -7.20 10.36
C ILE G 41 -2.05 -6.67 10.46
N HIS G 42 -2.69 -6.78 11.62
CA HIS G 42 -4.03 -6.19 11.77
C HIS G 42 -4.00 -4.69 11.51
N ALA G 43 -2.88 -4.05 11.88
CA ALA G 43 -2.72 -2.61 11.73
C ALA G 43 -2.39 -2.15 10.31
N GLY G 44 -1.98 -3.07 9.45
CA GLY G 44 -1.69 -2.73 8.06
C GLY G 44 -0.22 -2.72 7.71
N LYS G 45 0.62 -2.53 8.73
CA LYS G 45 2.06 -2.44 8.55
C LYS G 45 2.71 -3.81 8.36
N VAL G 46 2.55 -4.40 7.18
CA VAL G 46 3.06 -5.76 6.96
C VAL G 46 4.59 -5.83 6.87
N GLU G 47 5.22 -4.72 6.49
CA GLU G 47 6.68 -4.69 6.43
C GLU G 47 7.30 -4.92 7.81
N GLU G 48 6.93 -4.11 8.80
CA GLU G 48 7.51 -4.31 10.13
C GLU G 48 6.96 -5.57 10.81
N ALA G 49 5.85 -6.07 10.29
CA ALA G 49 5.36 -7.37 10.69
C ALA G 49 6.38 -8.44 10.26
N GLU G 50 6.89 -8.31 9.04
CA GLU G 50 7.88 -9.27 8.54
C GLU G 50 9.16 -9.14 9.33
N GLN G 51 9.48 -7.89 9.71
CA GLN G 51 10.67 -7.65 10.53
C GLN G 51 10.56 -8.40 11.85
N GLU G 52 9.50 -8.08 12.59
CA GLU G 52 9.25 -8.68 13.89
C GLU G 52 9.27 -10.18 13.78
N LEU G 53 8.69 -10.68 12.69
CA LEU G 53 8.68 -12.10 12.41
C LEU G 53 10.07 -12.71 12.31
N LYS G 54 10.94 -12.06 11.52
CA LYS G 54 12.32 -12.52 11.37
C LYS G 54 13.00 -12.60 12.74
N LYS G 55 12.75 -11.56 13.55
CA LYS G 55 13.29 -11.54 14.91
C LYS G 55 12.86 -12.79 15.67
N ALA G 56 11.55 -13.06 15.62
CA ALA G 56 10.99 -14.27 16.22
C ALA G 56 11.76 -15.52 15.80
N ILE G 57 11.94 -15.72 14.50
CA ILE G 57 12.60 -16.94 14.02
C ILE G 57 14.07 -17.10 14.44
N GLU G 58 14.82 -16.01 14.41
CA GLU G 58 16.19 -16.08 14.92
C GLU G 58 16.14 -16.58 16.36
N LEU G 59 15.24 -15.96 17.14
CA LEU G 59 15.08 -16.37 18.54
C LEU G 59 14.67 -17.84 18.63
N LEU G 60 14.03 -18.36 17.58
CA LEU G 60 13.64 -19.77 17.56
C LEU G 60 14.87 -20.67 17.43
N GLU G 61 15.87 -20.24 16.67
CA GLU G 61 17.15 -20.97 16.68
C GLU G 61 17.73 -20.99 18.09
N LYS G 62 17.74 -19.80 18.70
CA LYS G 62 18.21 -19.72 20.10
C LYS G 62 17.46 -20.69 21.02
N VAL G 63 16.13 -20.75 20.88
CA VAL G 63 15.27 -21.69 21.61
C VAL G 63 15.67 -23.14 21.37
N LYS G 64 15.79 -23.51 20.09
CA LYS G 64 16.18 -24.87 19.69
C LYS G 64 17.46 -25.31 20.36
N ALA G 65 18.32 -24.36 20.70
CA ALA G 65 19.52 -24.71 21.49
C ALA G 65 19.27 -25.62 22.71
N TYR G 66 18.10 -25.51 23.35
CA TYR G 66 17.84 -26.23 24.61
C TYR G 66 17.19 -27.61 24.47
N ARG G 67 17.26 -28.21 23.30
CA ARG G 67 16.71 -29.55 23.12
C ARG G 67 17.51 -30.60 23.87
N GLU G 68 18.72 -30.23 24.31
CA GLU G 68 19.58 -31.15 25.05
C GLU G 68 19.18 -31.21 26.53
N TYR G 69 17.97 -30.75 26.79
CA TYR G 69 17.30 -30.94 28.06
C TYR G 69 15.89 -31.44 27.75
N PRO G 70 15.77 -32.71 27.33
CA PRO G 70 14.48 -33.30 26.98
C PRO G 70 13.44 -33.12 28.09
N GLU G 71 13.70 -33.62 29.30
CA GLU G 71 12.90 -33.21 30.46
C GLU G 71 12.97 -31.69 30.53
N ILE G 72 11.90 -31.05 30.98
CA ILE G 72 11.62 -29.65 30.57
C ILE G 72 11.49 -29.58 29.02
N TYR G 73 12.08 -28.60 28.35
CA TYR G 73 11.87 -28.35 26.90
C TYR G 73 10.43 -28.51 26.36
N PHE G 74 10.06 -29.73 25.98
CA PHE G 74 8.73 -30.03 25.44
C PHE G 74 7.57 -29.60 26.33
N TYR G 75 7.78 -29.60 27.63
CA TYR G 75 6.73 -29.21 28.57
C TYR G 75 6.43 -27.72 28.48
N LEU G 76 7.31 -26.97 27.85
CA LEU G 76 7.18 -25.52 27.91
C LEU G 76 7.57 -24.76 26.65
N CYS G 77 7.69 -25.48 25.54
CA CYS G 77 8.01 -24.84 24.28
C CYS G 77 6.74 -24.41 23.57
N ASN G 78 5.80 -25.36 23.57
CA ASN G 78 4.53 -25.26 22.85
C ASN G 78 3.94 -23.88 22.59
N ASP G 79 3.57 -23.18 23.65
CA ASP G 79 2.89 -21.90 23.49
C ASP G 79 3.64 -21.01 22.54
N ALA G 80 4.92 -20.78 22.83
CA ALA G 80 5.69 -19.89 21.98
C ALA G 80 5.70 -20.40 20.55
N MET G 81 6.03 -21.69 20.39
CA MET G 81 6.03 -22.34 19.07
C MET G 81 4.70 -22.14 18.33
N GLN G 82 3.59 -22.41 19.04
CA GLN G 82 2.27 -22.19 18.45
C GLN G 82 2.18 -20.80 17.85
N GLU G 83 2.49 -19.78 18.65
CA GLU G 83 2.26 -18.41 18.19
C GLU G 83 3.10 -18.14 16.96
N LEU G 84 4.31 -18.70 16.95
CA LEU G 84 5.20 -18.46 15.82
C LEU G 84 4.48 -18.92 14.56
N VAL G 85 4.07 -20.20 14.57
CA VAL G 85 3.35 -20.77 13.45
C VAL G 85 2.14 -19.92 13.13
N GLU G 86 1.35 -19.60 14.16
CA GLU G 86 0.13 -18.83 13.97
C GLU G 86 0.50 -17.58 13.19
N ALA G 87 1.45 -16.81 13.74
CA ALA G 87 1.82 -15.53 13.16
C ALA G 87 2.23 -15.71 11.72
N ILE G 88 3.07 -16.71 11.45
CA ILE G 88 3.53 -16.97 10.09
C ILE G 88 2.38 -17.24 9.15
N ALA G 89 1.54 -18.21 9.53
CA ALA G 89 0.42 -18.57 8.69
C ALA G 89 -0.39 -17.31 8.40
N PHE G 90 -0.56 -16.51 9.46
CA PHE G 90 -1.44 -15.34 9.39
C PHE G 90 -0.89 -14.37 8.34
N LYS G 91 0.41 -14.07 8.41
CA LYS G 91 1.00 -13.14 7.45
C LYS G 91 0.75 -13.72 6.06
N ASN G 92 1.10 -15.00 5.92
CA ASN G 92 1.03 -15.63 4.63
C ASN G 92 -0.37 -15.57 4.04
N ALA G 93 -1.38 -15.69 4.90
CA ALA G 93 -2.74 -15.69 4.39
C ALA G 93 -3.05 -14.34 3.76
N ILE G 94 -2.73 -13.27 4.47
CA ILE G 94 -3.15 -11.95 4.00
C ILE G 94 -2.28 -11.48 2.82
N SER G 95 -1.14 -12.16 2.62
CA SER G 95 -0.25 -11.85 1.50
C SER G 95 -0.63 -12.67 0.27
N GLY G 96 -1.64 -13.52 0.39
CA GLY G 96 -2.13 -14.31 -0.72
C GLY G 96 -1.12 -15.35 -1.12
N GLU G 97 -0.37 -15.79 -0.11
CA GLU G 97 0.67 -16.77 -0.29
C GLU G 97 0.60 -17.78 0.86
N PHE G 98 -0.59 -18.30 1.10
CA PHE G 98 -0.79 -19.19 2.24
C PHE G 98 -0.22 -20.58 1.95
N THR G 99 0.57 -21.13 2.86
CA THR G 99 1.01 -22.52 2.66
C THR G 99 0.97 -23.37 3.94
N PHE G 100 0.75 -24.67 3.78
CA PHE G 100 0.88 -25.60 4.89
C PHE G 100 2.33 -26.06 4.94
N GLU G 101 3.13 -25.53 4.01
CA GLU G 101 4.53 -25.92 3.91
C GLU G 101 5.46 -24.94 4.61
N ILE G 102 5.25 -24.78 5.91
CA ILE G 102 6.12 -23.99 6.76
C ILE G 102 7.12 -24.95 7.39
N ASP G 103 8.39 -24.67 7.18
CA ASP G 103 9.40 -25.60 7.59
C ASP G 103 10.14 -25.11 8.81
N LEU G 104 9.70 -25.55 9.99
CA LEU G 104 10.32 -25.16 11.25
C LEU G 104 10.48 -26.38 12.15
N GLU G 105 11.53 -26.38 12.97
CA GLU G 105 11.70 -27.47 13.93
C GLU G 105 10.86 -27.17 15.17
N VAL G 106 9.64 -27.69 15.11
CA VAL G 106 8.58 -27.30 16.03
C VAL G 106 7.80 -28.59 16.29
N THR G 107 7.04 -28.67 17.37
CA THR G 107 6.33 -29.92 17.62
C THR G 107 5.02 -30.02 16.83
N PRO G 108 4.64 -31.25 16.45
CA PRO G 108 3.36 -31.52 15.76
C PRO G 108 2.19 -30.78 16.38
N ALA G 109 2.03 -30.94 17.69
CA ALA G 109 0.95 -30.24 18.38
C ALA G 109 1.03 -28.75 18.09
N ALA G 110 2.22 -28.17 18.09
CA ALA G 110 2.33 -26.72 17.94
C ALA G 110 2.05 -26.29 16.52
N PHE G 111 2.51 -27.07 15.56
CA PHE G 111 2.25 -26.78 14.15
C PHE G 111 0.75 -26.72 13.93
N LEU G 112 0.11 -27.87 14.20
CA LEU G 112 -1.34 -28.01 14.05
C LEU G 112 -2.09 -26.89 14.75
N ASN G 113 -1.72 -26.63 15.99
CA ASN G 113 -2.49 -25.70 16.79
C ASN G 113 -2.30 -24.26 16.36
N GLY G 114 -1.11 -23.97 15.84
CA GLY G 114 -0.83 -22.65 15.33
C GLY G 114 -1.71 -22.36 14.14
N PHE G 115 -1.78 -23.32 13.23
CA PHE G 115 -2.65 -23.16 12.09
C PHE G 115 -4.08 -22.94 12.57
N ALA G 116 -4.53 -23.76 13.52
CA ALA G 116 -5.88 -23.61 14.08
C ALA G 116 -6.12 -22.19 14.60
N ALA G 117 -5.13 -21.67 15.31
CA ALA G 117 -5.23 -20.37 15.93
C ALA G 117 -5.33 -19.25 14.91
N ALA G 118 -4.72 -19.45 13.76
CA ALA G 118 -4.79 -18.42 12.74
C ALA G 118 -6.22 -18.12 12.33
N VAL G 119 -7.08 -19.13 12.35
CA VAL G 119 -8.45 -18.96 11.90
C VAL G 119 -9.11 -17.76 12.60
N GLY G 120 -8.77 -17.57 13.87
CA GLY G 120 -9.35 -16.51 14.67
C GLY G 120 -8.92 -15.15 14.17
N GLU G 121 -7.61 -15.00 13.97
CA GLU G 121 -7.04 -13.75 13.51
C GLU G 121 -7.69 -13.43 12.19
N LEU G 122 -7.83 -14.47 11.38
CA LEU G 122 -8.45 -14.32 10.09
C LEU G 122 -9.87 -13.80 10.20
N ARG G 123 -10.65 -14.32 11.16
CA ARG G 123 -12.01 -13.82 11.34
C ARG G 123 -12.01 -12.35 11.67
N ARG G 124 -11.12 -11.96 12.60
CA ARG G 124 -10.94 -10.55 12.98
C ARG G 124 -10.67 -9.66 11.77
N TYR G 125 -9.71 -10.11 10.96
CA TYR G 125 -9.28 -9.38 9.78
C TYR G 125 -10.43 -9.24 8.80
N ALA G 126 -11.03 -10.38 8.45
CA ALA G 126 -12.09 -10.44 7.46
C ALA G 126 -13.24 -9.56 7.89
N LEU G 127 -13.41 -9.46 9.21
CA LEU G 127 -14.50 -8.66 9.77
C LEU G 127 -14.21 -7.15 9.65
N THR G 128 -12.98 -6.73 9.97
CA THR G 128 -12.72 -5.31 9.81
C THR G 128 -12.74 -4.90 8.34
N LYS G 129 -12.33 -5.81 7.44
CA LYS G 129 -12.35 -5.51 6.02
C LYS G 129 -13.79 -5.50 5.51
N LEU G 130 -14.58 -6.39 6.05
CA LEU G 130 -16.00 -6.40 5.78
C LEU G 130 -16.54 -5.01 6.07
N ILE G 131 -16.19 -4.46 7.22
CA ILE G 131 -16.64 -3.12 7.56
C ILE G 131 -16.08 -2.01 6.64
N GLU G 132 -14.81 -2.11 6.26
CA GLU G 132 -14.22 -1.11 5.38
C GLU G 132 -14.76 -1.22 3.96
N GLY G 133 -15.52 -2.29 3.69
CA GLY G 133 -16.15 -2.42 2.39
C GLY G 133 -15.44 -3.33 1.40
N ASP G 134 -14.23 -3.75 1.76
CA ASP G 134 -13.38 -4.61 0.95
C ASP G 134 -13.83 -6.09 0.94
N PHE G 135 -14.89 -6.41 0.20
CA PHE G 135 -15.43 -7.78 0.19
C PHE G 135 -14.45 -8.80 -0.37
N LYS G 136 -13.54 -8.35 -1.24
CA LYS G 136 -12.58 -9.27 -1.85
C LYS G 136 -11.69 -9.89 -0.78
N SER G 137 -11.08 -9.04 0.03
CA SER G 137 -10.16 -9.54 1.04
C SER G 137 -10.92 -10.47 1.99
N ALA G 138 -12.13 -10.08 2.33
CA ALA G 138 -12.94 -10.87 3.22
C ALA G 138 -13.15 -12.26 2.66
N GLU G 139 -13.67 -12.36 1.43
CA GLU G 139 -13.92 -13.70 0.88
C GLU G 139 -12.64 -14.54 0.70
N ARG G 140 -11.52 -13.87 0.45
CA ARG G 140 -10.26 -14.57 0.39
C ARG G 140 -9.88 -15.16 1.77
N MET G 141 -10.04 -14.33 2.80
CA MET G 141 -9.82 -14.76 4.17
C MET G 141 -10.69 -15.97 4.52
N LEU G 142 -11.99 -15.79 4.36
CA LEU G 142 -12.94 -16.88 4.45
C LEU G 142 -12.36 -18.15 3.83
N GLU G 143 -11.92 -18.06 2.57
CA GLU G 143 -11.39 -19.24 1.87
C GLU G 143 -10.19 -19.89 2.56
N VAL G 144 -9.23 -19.09 3.02
CA VAL G 144 -8.10 -19.72 3.72
C VAL G 144 -8.55 -20.31 5.09
N MET G 145 -9.58 -19.73 5.70
CA MET G 145 -10.15 -20.23 6.97
C MET G 145 -10.69 -21.62 6.77
N GLU G 146 -11.67 -21.73 5.87
CA GLU G 146 -12.25 -23.01 5.46
C GLU G 146 -11.18 -24.03 5.07
N LYS G 147 -10.13 -23.57 4.38
CA LYS G 147 -9.02 -24.46 4.04
C LYS G 147 -8.34 -25.01 5.30
N ILE G 148 -8.05 -24.12 6.24
CA ILE G 148 -7.35 -24.51 7.44
C ILE G 148 -8.16 -25.51 8.21
N TYR G 149 -9.43 -25.19 8.45
CA TYR G 149 -10.32 -26.10 9.16
C TYR G 149 -10.36 -27.46 8.50
N GLU G 150 -10.66 -27.45 7.19
CA GLU G 150 -10.93 -28.69 6.46
C GLU G 150 -9.73 -29.59 6.49
N ARG G 151 -8.54 -29.03 6.27
CA ARG G 151 -7.33 -29.83 6.23
C ARG G 151 -6.93 -30.32 7.65
N LEU G 152 -7.12 -29.47 8.65
CA LEU G 152 -6.69 -29.76 10.00
C LEU G 152 -7.61 -30.77 10.71
N MET G 153 -8.88 -30.82 10.31
CA MET G 153 -9.83 -31.79 10.88
C MET G 153 -9.34 -33.23 10.72
N GLU G 154 -8.55 -33.45 9.67
CA GLU G 154 -8.02 -34.78 9.39
C GLU G 154 -7.17 -35.35 10.54
N PHE G 155 -6.70 -34.48 11.44
CA PHE G 155 -5.85 -34.91 12.56
C PHE G 155 -6.63 -35.11 13.85
N THR G 156 -7.93 -34.79 13.80
CA THR G 156 -8.85 -35.12 14.88
C THR G 156 -8.81 -36.60 15.28
N THR G 157 -8.49 -37.47 14.31
CA THR G 157 -8.42 -38.93 14.54
C THR G 157 -7.40 -39.36 15.59
N PHE G 158 -6.62 -38.43 16.11
CA PHE G 158 -5.62 -38.75 17.13
C PHE G 158 -6.17 -38.52 18.52
N PRO G 159 -5.70 -39.34 19.48
CA PRO G 159 -5.99 -39.10 20.90
C PRO G 159 -5.61 -37.67 21.27
N ASP G 160 -6.53 -36.98 21.94
CA ASP G 160 -6.42 -35.55 22.21
C ASP G 160 -5.12 -35.12 22.89
N LYS G 161 -4.66 -35.91 23.84
CA LYS G 161 -3.44 -35.56 24.56
C LYS G 161 -2.22 -35.35 23.63
N LEU G 162 -2.19 -36.08 22.51
CA LEU G 162 -1.07 -36.01 21.58
C LEU G 162 -1.17 -34.77 20.73
N VAL G 163 -2.40 -34.34 20.51
CA VAL G 163 -2.67 -33.33 19.53
C VAL G 163 -3.15 -32.06 20.25
N SER G 164 -2.80 -31.97 21.55
CA SER G 164 -3.03 -30.78 22.38
C SER G 164 -4.50 -30.40 22.42
N GLY G 165 -4.81 -29.12 22.29
CA GLY G 165 -6.20 -28.70 22.36
C GLY G 165 -6.90 -28.59 21.01
N LEU G 166 -6.59 -29.51 20.10
CA LEU G 166 -6.94 -29.34 18.68
C LEU G 166 -8.45 -29.39 18.38
N ARG G 167 -9.14 -30.38 18.94
CA ARG G 167 -10.57 -30.49 18.70
C ARG G 167 -11.30 -29.23 19.18
N LYS G 168 -11.03 -28.84 20.44
CA LYS G 168 -11.62 -27.61 20.98
C LYS G 168 -11.36 -26.40 20.06
N LYS G 169 -10.09 -26.20 19.71
CA LYS G 169 -9.75 -25.03 18.92
C LYS G 169 -10.48 -25.05 17.57
N LEU G 170 -10.47 -26.21 16.91
CA LEU G 170 -11.18 -26.37 15.65
C LEU G 170 -12.67 -26.11 15.76
N ASP G 171 -13.31 -26.54 16.85
CA ASP G 171 -14.73 -26.24 17.06
C ASP G 171 -15.00 -24.74 17.19
N VAL G 172 -14.13 -24.07 17.94
CA VAL G 172 -14.13 -22.61 17.94
C VAL G 172 -13.96 -21.98 16.54
N ALA G 173 -13.02 -22.51 15.76
CA ALA G 173 -12.79 -22.06 14.40
C ALA G 173 -14.05 -22.17 13.58
N ARG G 174 -14.71 -23.32 13.69
CA ARG G 174 -15.90 -23.62 12.92
C ARG G 174 -16.99 -22.59 13.21
N GLY G 175 -17.19 -22.32 14.50
CA GLY G 175 -18.10 -21.27 14.91
C GLY G 175 -17.75 -19.91 14.31
N GLY G 176 -16.46 -19.60 14.30
CA GLY G 176 -15.99 -18.37 13.69
C GLY G 176 -16.28 -18.29 12.21
N ILE G 177 -16.05 -19.39 11.50
CA ILE G 177 -16.30 -19.43 10.06
C ILE G 177 -17.78 -19.14 9.77
N GLU G 178 -18.66 -19.82 10.50
CA GLU G 178 -20.09 -19.54 10.31
C GLU G 178 -20.44 -18.06 10.59
N ARG G 179 -19.91 -17.52 11.68
CA ARG G 179 -20.20 -16.12 12.02
C ARG G 179 -19.74 -15.19 10.91
N THR G 180 -18.56 -15.48 10.35
CA THR G 180 -17.95 -14.65 9.31
C THR G 180 -18.70 -14.73 7.97
N LYS G 181 -19.17 -15.92 7.62
CA LYS G 181 -20.06 -16.01 6.48
C LYS G 181 -21.34 -15.19 6.66
N SER G 182 -22.05 -15.39 7.77
CA SER G 182 -23.21 -14.52 8.09
C SER G 182 -22.89 -13.03 7.97
N ASP G 183 -21.74 -12.62 8.51
CA ASP G 183 -21.31 -11.24 8.46
C ASP G 183 -21.12 -10.79 7.03
N TYR G 184 -20.51 -11.64 6.20
CA TYR G 184 -20.30 -11.34 4.80
C TYR G 184 -21.63 -11.04 4.11
N ILE G 185 -22.58 -11.98 4.20
CA ILE G 185 -23.91 -11.78 3.62
C ILE G 185 -24.53 -10.46 4.11
N ALA G 186 -24.48 -10.26 5.42
CA ALA G 186 -25.05 -9.07 6.05
C ALA G 186 -24.39 -7.77 5.57
N ALA G 187 -23.10 -7.85 5.27
CA ALA G 187 -22.35 -6.69 4.88
C ALA G 187 -22.74 -6.36 3.45
N LYS G 188 -22.93 -7.41 2.64
CA LYS G 188 -23.36 -7.27 1.26
C LYS G 188 -24.67 -6.51 1.26
N VAL G 189 -25.67 -7.08 1.92
CA VAL G 189 -26.98 -6.43 1.92
C VAL G 189 -26.94 -5.04 2.55
N ALA G 190 -26.12 -4.85 3.58
CA ALA G 190 -25.97 -3.54 4.23
C ALA G 190 -25.50 -2.46 3.27
N ARG G 191 -24.38 -2.73 2.60
CA ARG G 191 -23.88 -1.81 1.61
C ARG G 191 -24.78 -1.90 0.37
N LEU G 192 -25.75 -0.99 0.30
CA LEU G 192 -26.60 -0.81 -0.88
C LEU G 192 -26.97 0.65 -1.06
N MET H 4 6.72 -5.96 75.98
CA MET H 4 6.57 -7.41 75.93
C MET H 4 5.97 -7.87 74.60
N ARG H 5 6.83 -7.91 73.58
CA ARG H 5 6.62 -8.56 72.28
C ARG H 5 5.24 -9.14 71.95
N LEU H 6 4.87 -10.24 72.59
CA LEU H 6 3.54 -10.81 72.40
C LEU H 6 2.43 -9.78 72.56
N GLU H 7 2.59 -8.85 73.49
CA GLU H 7 1.61 -7.77 73.67
C GLU H 7 1.60 -6.81 72.50
N GLU H 8 2.78 -6.56 71.93
CA GLU H 8 2.86 -5.79 70.70
C GLU H 8 2.09 -6.49 69.57
N CYS H 9 2.29 -7.81 69.46
CA CYS H 9 1.50 -8.61 68.52
C CYS H 9 0.02 -8.42 68.73
N ARG H 10 -0.45 -8.62 69.96
N ARG H 10 -0.44 -8.61 69.96
CA ARG H 10 -1.86 -8.50 70.31
CA ARG H 10 -1.85 -8.50 70.28
C ARG H 10 -2.39 -7.13 69.87
C ARG H 10 -2.39 -7.13 69.87
N LYS H 11 -1.63 -6.09 70.19
CA LYS H 11 -2.02 -4.72 69.86
C LYS H 11 -2.16 -4.55 68.35
N ARG H 12 -1.11 -4.90 67.61
CA ARG H 12 -1.11 -4.76 66.15
C ARG H 12 -2.24 -5.55 65.52
N LEU H 13 -2.55 -6.71 66.07
CA LEU H 13 -3.64 -7.50 65.53
C LEU H 13 -4.99 -6.85 65.84
N GLU H 14 -5.11 -6.21 67.00
CA GLU H 14 -6.37 -5.52 67.30
C GLU H 14 -6.58 -4.38 66.31
N GLU H 15 -5.51 -3.62 66.07
CA GLU H 15 -5.54 -2.56 65.06
C GLU H 15 -5.92 -3.12 63.69
N LEU H 16 -5.17 -4.11 63.22
CA LEU H 16 -5.39 -4.68 61.91
C LEU H 16 -6.82 -5.17 61.77
N GLU H 17 -7.37 -5.79 62.81
CA GLU H 17 -8.74 -6.27 62.73
C GLU H 17 -9.73 -5.12 62.56
N ALA H 18 -9.57 -4.11 63.43
CA ALA H 18 -10.41 -2.89 63.35
C ALA H 18 -10.39 -2.28 61.94
N ALA H 19 -9.16 -2.11 61.46
CA ALA H 19 -8.91 -1.49 60.17
C ALA H 19 -9.60 -2.32 59.10
N ARG H 20 -9.26 -3.60 59.02
CA ARG H 20 -9.85 -4.49 58.04
C ARG H 20 -11.37 -4.30 58.00
N GLU H 21 -11.99 -4.20 59.19
CA GLU H 21 -13.44 -4.05 59.22
C GLU H 21 -13.90 -2.74 58.62
N GLU H 22 -13.21 -1.67 58.99
CA GLU H 22 -13.60 -0.36 58.48
C GLU H 22 -13.37 -0.22 56.97
N LEU H 23 -12.13 -0.48 56.56
CA LEU H 23 -11.73 -0.57 55.17
C LEU H 23 -12.77 -1.33 54.36
N LEU H 24 -13.11 -2.53 54.81
CA LEU H 24 -14.17 -3.27 54.14
C LEU H 24 -15.42 -2.42 53.99
N LYS H 25 -15.96 -1.87 55.09
CA LYS H 25 -17.19 -1.07 54.95
C LYS H 25 -17.08 0.04 53.88
N VAL H 26 -15.99 0.79 53.94
CA VAL H 26 -15.77 1.92 53.02
C VAL H 26 -15.65 1.46 51.57
N LEU H 27 -14.80 0.47 51.33
CA LEU H 27 -14.69 -0.14 50.00
C LEU H 27 -16.05 -0.57 49.48
N ARG H 28 -16.87 -1.21 50.32
CA ARG H 28 -18.22 -1.62 49.92
C ARG H 28 -19.06 -0.42 49.48
N GLU H 29 -18.98 0.67 50.25
CA GLU H 29 -19.68 1.90 49.84
C GLU H 29 -19.21 2.36 48.45
N MET H 30 -17.90 2.52 48.32
CA MET H 30 -17.28 2.94 47.07
C MET H 30 -17.81 2.12 45.89
N ARG H 31 -17.69 0.80 46.00
CA ARG H 31 -18.12 -0.12 44.97
C ARG H 31 -19.61 0.02 44.63
N ILE H 32 -20.45 0.22 45.67
CA ILE H 32 -21.87 0.46 45.43
C ILE H 32 -22.10 1.71 44.57
N HIS H 33 -21.40 2.79 44.91
CA HIS H 33 -21.52 3.97 44.08
C HIS H 33 -21.00 3.77 42.64
N SER H 34 -19.84 3.13 42.47
CA SER H 34 -19.30 2.84 41.13
C SER H 34 -20.33 2.14 40.28
N THR H 35 -20.84 1.06 40.85
CA THR H 35 -21.82 0.22 40.20
C THR H 35 -23.06 1.03 39.81
N LYS H 36 -23.58 1.80 40.76
CA LYS H 36 -24.76 2.62 40.45
C LYS H 36 -24.45 3.57 39.30
N SER H 37 -23.27 4.18 39.29
CA SER H 37 -22.88 5.13 38.24
C SER H 37 -22.93 4.46 36.86
N ILE H 38 -22.35 3.27 36.78
CA ILE H 38 -22.40 2.50 35.54
C ILE H 38 -23.86 2.18 35.09
N ALA H 39 -24.64 1.58 35.98
CA ALA H 39 -26.04 1.25 35.61
C ALA H 39 -26.83 2.49 35.19
N LEU H 40 -26.50 3.62 35.80
CA LEU H 40 -27.15 4.89 35.48
C LEU H 40 -26.80 5.32 34.07
N ILE H 41 -25.50 5.30 33.74
CA ILE H 41 -25.11 5.58 32.36
C ILE H 41 -25.86 4.68 31.38
N HIS H 42 -25.93 3.39 31.68
CA HIS H 42 -26.74 2.50 30.83
C HIS H 42 -28.21 2.96 30.73
N ALA H 43 -28.74 3.55 31.80
CA ALA H 43 -30.14 3.94 31.82
C ALA H 43 -30.45 5.32 31.20
N GLY H 44 -29.41 6.09 30.88
CA GLY H 44 -29.61 7.40 30.28
C GLY H 44 -29.20 8.52 31.22
N LYS H 45 -29.47 8.30 32.49
CA LYS H 45 -29.23 9.30 33.54
C LYS H 45 -27.74 9.59 33.77
N VAL H 46 -27.13 10.27 32.80
CA VAL H 46 -25.68 10.39 32.70
C VAL H 46 -25.07 11.36 33.73
N GLU H 47 -25.82 12.43 34.00
CA GLU H 47 -25.49 13.38 35.06
C GLU H 47 -25.58 12.77 36.48
N GLU H 48 -26.67 12.07 36.77
CA GLU H 48 -26.86 11.40 38.06
C GLU H 48 -25.72 10.38 38.25
N ALA H 49 -25.37 9.73 37.15
CA ALA H 49 -24.20 8.88 37.08
C ALA H 49 -22.97 9.65 37.52
N GLU H 50 -22.79 10.84 36.94
CA GLU H 50 -21.67 11.69 37.35
C GLU H 50 -21.67 11.89 38.87
N GLN H 51 -22.85 12.12 39.43
CA GLN H 51 -22.97 12.30 40.89
C GLN H 51 -22.40 11.08 41.62
N GLU H 52 -22.93 9.91 41.27
CA GLU H 52 -22.45 8.67 41.89
C GLU H 52 -20.93 8.51 41.77
N LEU H 53 -20.39 8.85 40.59
CA LEU H 53 -18.94 8.78 40.39
C LEU H 53 -18.16 9.69 41.34
N LYS H 54 -18.69 10.90 41.55
CA LYS H 54 -18.09 11.87 42.44
C LYS H 54 -18.05 11.30 43.86
N LYS H 55 -19.20 10.75 44.28
CA LYS H 55 -19.26 10.10 45.59
C LYS H 55 -18.19 9.02 45.73
N ALA H 56 -18.20 8.08 44.80
CA ALA H 56 -17.18 7.04 44.77
C ALA H 56 -15.76 7.59 44.96
N ILE H 57 -15.39 8.63 44.20
CA ILE H 57 -14.05 9.18 44.33
C ILE H 57 -13.74 9.82 45.70
N GLU H 58 -14.73 10.48 46.29
CA GLU H 58 -14.56 10.98 47.66
C GLU H 58 -14.28 9.83 48.62
N LEU H 59 -15.14 8.81 48.55
CA LEU H 59 -14.96 7.62 49.36
C LEU H 59 -13.56 7.06 49.17
N LEU H 60 -13.02 7.18 47.95
CA LEU H 60 -11.66 6.74 47.66
C LEU H 60 -10.64 7.60 48.40
N GLU H 61 -10.92 8.89 48.55
CA GLU H 61 -10.08 9.72 49.45
C GLU H 61 -10.11 9.14 50.87
N LYS H 62 -11.28 8.70 51.32
CA LYS H 62 -11.36 8.05 52.64
C LYS H 62 -10.60 6.71 52.74
N VAL H 63 -10.61 5.93 51.66
CA VAL H 63 -9.85 4.69 51.58
C VAL H 63 -8.36 4.93 51.67
N LYS H 64 -7.88 6.00 51.02
CA LYS H 64 -6.45 6.34 51.04
C LYS H 64 -5.83 6.47 52.44
N ALA H 65 -6.66 6.40 53.47
CA ALA H 65 -6.18 6.47 54.85
C ALA H 65 -5.39 5.23 55.23
N TYR H 66 -5.91 4.08 54.84
CA TYR H 66 -5.46 2.81 55.40
C TYR H 66 -4.17 2.24 54.85
N ARG H 67 -3.42 3.00 54.05
CA ARG H 67 -2.15 2.46 53.58
C ARG H 67 -1.14 2.28 54.71
N GLU H 68 -1.47 2.82 55.88
CA GLU H 68 -0.61 2.62 57.05
C GLU H 68 -0.78 1.18 57.54
N TYR H 69 -1.65 0.44 56.88
CA TYR H 69 -1.80 -0.98 57.13
C TYR H 69 -1.50 -1.74 55.84
N PRO H 70 -0.23 -1.78 55.45
CA PRO H 70 0.10 -2.46 54.18
C PRO H 70 -0.11 -3.97 54.29
N GLU H 71 -0.07 -4.49 55.52
CA GLU H 71 -0.30 -5.90 55.78
C GLU H 71 -1.67 -6.36 55.29
N ILE H 72 -2.57 -5.42 55.10
CA ILE H 72 -3.85 -5.67 54.42
C ILE H 72 -3.93 -4.72 53.22
N TYR H 73 -4.86 -3.78 53.23
CA TYR H 73 -4.96 -2.73 52.21
C TYR H 73 -5.02 -3.21 50.77
N PHE H 74 -3.87 -3.54 50.20
CA PHE H 74 -3.79 -3.94 48.80
C PHE H 74 -4.70 -5.11 48.50
N TYR H 75 -4.47 -6.19 49.24
CA TYR H 75 -5.27 -7.40 49.16
C TYR H 75 -6.76 -7.07 49.22
N LEU H 76 -7.13 -6.19 50.14
CA LEU H 76 -8.52 -5.79 50.30
C LEU H 76 -9.03 -4.83 49.24
N CYS H 77 -8.16 -3.95 48.77
CA CYS H 77 -8.58 -2.85 47.92
C CYS H 77 -8.76 -3.21 46.45
N ASN H 78 -7.96 -4.16 45.98
CA ASN H 78 -7.98 -4.54 44.56
C ASN H 78 -9.31 -4.46 43.81
N ASP H 79 -10.31 -5.19 44.30
CA ASP H 79 -11.60 -5.28 43.61
C ASP H 79 -12.32 -3.93 43.50
N ALA H 80 -12.50 -3.25 44.62
CA ALA H 80 -13.16 -1.95 44.60
C ALA H 80 -12.39 -0.96 43.71
N MET H 81 -11.07 -0.99 43.82
CA MET H 81 -10.21 -0.17 42.98
C MET H 81 -10.50 -0.36 41.48
N GLN H 82 -10.33 -1.59 41.01
CA GLN H 82 -10.49 -1.84 39.58
C GLN H 82 -11.94 -1.57 39.15
N GLU H 83 -12.88 -1.76 40.06
CA GLU H 83 -14.25 -1.43 39.73
C GLU H 83 -14.42 0.07 39.50
N LEU H 84 -13.77 0.87 40.35
CA LEU H 84 -13.81 2.32 40.22
C LEU H 84 -13.17 2.78 38.91
N VAL H 85 -11.99 2.23 38.60
CA VAL H 85 -11.37 2.54 37.31
C VAL H 85 -12.30 2.19 36.15
N GLU H 86 -12.97 1.04 36.24
CA GLU H 86 -13.96 0.65 35.22
C GLU H 86 -15.01 1.72 35.05
N ALA H 87 -15.61 2.18 36.15
CA ALA H 87 -16.69 3.18 36.07
C ALA H 87 -16.22 4.50 35.47
N ILE H 88 -15.00 4.88 35.84
CA ILE H 88 -14.43 6.11 35.32
C ILE H 88 -14.22 6.00 33.82
N ALA H 89 -13.62 4.89 33.39
CA ALA H 89 -13.29 4.72 31.97
C ALA H 89 -14.57 4.68 31.16
N PHE H 90 -15.57 3.97 31.68
CA PHE H 90 -16.86 3.87 30.99
C PHE H 90 -17.47 5.27 30.83
N LYS H 91 -17.45 6.06 31.91
CA LYS H 91 -18.05 7.39 31.84
C LYS H 91 -17.32 8.30 30.86
N ASN H 92 -15.99 8.30 30.96
CA ASN H 92 -15.17 9.05 30.01
C ASN H 92 -15.59 8.69 28.60
N ALA H 93 -15.56 7.39 28.31
CA ALA H 93 -15.87 6.86 26.99
C ALA H 93 -17.24 7.31 26.45
N ILE H 94 -18.32 7.05 27.18
CA ILE H 94 -19.64 7.38 26.65
C ILE H 94 -19.83 8.87 26.34
N SER H 95 -19.04 9.71 27.00
CA SER H 95 -19.20 11.15 26.84
C SER H 95 -18.13 11.80 25.93
N GLY H 96 -17.46 10.96 25.15
CA GLY H 96 -16.55 11.47 24.13
C GLY H 96 -15.28 12.09 24.66
N GLU H 97 -14.97 11.81 25.91
CA GLU H 97 -13.74 12.32 26.53
C GLU H 97 -12.79 11.20 27.00
N PHE H 98 -12.79 10.08 26.27
CA PHE H 98 -12.00 8.94 26.70
C PHE H 98 -10.52 9.25 26.72
N THR H 99 -9.85 8.77 27.75
CA THR H 99 -8.42 8.93 27.92
C THR H 99 -7.93 7.88 28.90
N PHE H 100 -6.65 7.53 28.81
CA PHE H 100 -6.01 6.69 29.80
C PHE H 100 -5.54 7.54 30.98
N GLU H 101 -5.27 8.81 30.69
CA GLU H 101 -4.80 9.72 31.71
C GLU H 101 -5.88 10.04 32.76
N ILE H 102 -6.02 9.16 33.74
CA ILE H 102 -6.86 9.49 34.88
C ILE H 102 -6.03 9.58 36.14
N ASP H 103 -6.35 10.57 36.97
CA ASP H 103 -5.58 10.84 38.17
C ASP H 103 -6.18 10.11 39.38
N LEU H 104 -5.65 8.94 39.70
CA LEU H 104 -6.12 8.20 40.88
C LEU H 104 -5.01 7.48 41.63
N GLU H 105 -4.39 6.49 40.97
CA GLU H 105 -3.41 5.60 41.60
C GLU H 105 -3.91 5.11 42.97
N VAL H 106 -4.59 3.95 43.08
CA VAL H 106 -4.78 2.86 42.09
C VAL H 106 -3.52 2.07 41.69
N THR H 107 -3.57 0.77 41.97
CA THR H 107 -2.44 -0.12 41.72
C THR H 107 -2.44 -0.52 40.23
N PRO H 108 -1.28 -0.91 39.66
CA PRO H 108 -1.21 -1.19 38.22
C PRO H 108 -2.24 -2.22 37.72
N ALA H 109 -2.35 -3.36 38.42
CA ALA H 109 -3.33 -4.35 38.02
C ALA H 109 -4.74 -3.77 38.11
N ALA H 110 -5.06 -3.09 39.19
CA ALA H 110 -6.38 -2.49 39.31
C ALA H 110 -6.70 -1.57 38.12
N PHE H 111 -5.71 -0.79 37.72
CA PHE H 111 -5.82 0.14 36.59
C PHE H 111 -6.11 -0.63 35.28
N LEU H 112 -5.10 -1.38 34.84
CA LEU H 112 -5.20 -2.22 33.66
C LEU H 112 -6.52 -3.01 33.59
N ASN H 113 -6.78 -3.78 34.63
CA ASN H 113 -7.95 -4.63 34.68
C ASN H 113 -9.25 -3.86 34.68
N GLY H 114 -9.24 -2.66 35.27
CA GLY H 114 -10.40 -1.79 35.22
C GLY H 114 -10.71 -1.37 33.78
N PHE H 115 -9.68 -0.92 33.08
CA PHE H 115 -9.91 -0.56 31.69
C PHE H 115 -10.43 -1.74 30.91
N ALA H 116 -9.83 -2.91 31.10
CA ALA H 116 -10.26 -4.05 30.30
C ALA H 116 -11.72 -4.35 30.60
N ALA H 117 -12.06 -4.36 31.88
CA ALA H 117 -13.44 -4.54 32.30
C ALA H 117 -14.39 -3.57 31.62
N ALA H 118 -13.91 -2.37 31.31
CA ALA H 118 -14.77 -1.39 30.65
C ALA H 118 -15.29 -1.84 29.27
N VAL H 119 -14.50 -2.67 28.58
CA VAL H 119 -14.84 -3.07 27.22
C VAL H 119 -16.23 -3.74 27.10
N GLY H 120 -16.59 -4.55 28.09
CA GLY H 120 -17.87 -5.23 28.08
C GLY H 120 -19.01 -4.27 28.25
N GLU H 121 -18.76 -3.27 29.09
CA GLU H 121 -19.76 -2.26 29.39
C GLU H 121 -20.02 -1.47 28.13
N LEU H 122 -18.92 -1.16 27.46
CA LEU H 122 -18.96 -0.48 26.17
C LEU H 122 -19.72 -1.32 25.12
N ARG H 123 -19.56 -2.63 25.14
CA ARG H 123 -20.35 -3.44 24.21
C ARG H 123 -21.86 -3.34 24.51
N ARG H 124 -22.24 -3.55 25.76
CA ARG H 124 -23.67 -3.43 26.12
C ARG H 124 -24.30 -2.07 25.72
N TYR H 125 -23.54 -1.01 25.99
CA TYR H 125 -23.93 0.33 25.58
C TYR H 125 -24.07 0.42 24.06
N ALA H 126 -23.04 -0.04 23.35
CA ALA H 126 -22.98 0.04 21.91
C ALA H 126 -24.17 -0.65 21.29
N LEU H 127 -24.59 -1.73 21.94
CA LEU H 127 -25.62 -2.58 21.41
C LEU H 127 -26.98 -1.93 21.63
N THR H 128 -27.14 -1.33 22.81
CA THR H 128 -28.34 -0.53 23.05
C THR H 128 -28.46 0.58 22.00
N LYS H 129 -27.41 1.39 21.87
CA LYS H 129 -27.36 2.43 20.86
C LYS H 129 -27.73 1.88 19.48
N LEU H 130 -27.19 0.72 19.13
CA LEU H 130 -27.53 0.08 17.87
C LEU H 130 -29.04 -0.14 17.73
N ILE H 131 -29.65 -0.78 18.73
CA ILE H 131 -31.10 -1.00 18.67
C ILE H 131 -31.88 0.33 18.56
N GLU H 132 -31.34 1.37 19.18
CA GLU H 132 -31.99 2.68 19.17
C GLU H 132 -31.78 3.43 17.86
N GLY H 133 -30.85 2.94 17.02
CA GLY H 133 -30.56 3.58 15.75
C GLY H 133 -29.38 4.54 15.73
N ASP H 134 -28.82 4.83 16.89
CA ASP H 134 -27.71 5.76 17.02
C ASP H 134 -26.40 5.13 16.55
N PHE H 135 -26.17 5.07 15.25
CA PHE H 135 -24.95 4.44 14.76
C PHE H 135 -23.68 5.19 15.11
N LYS H 136 -23.74 6.51 15.19
CA LYS H 136 -22.53 7.27 15.45
C LYS H 136 -21.96 6.90 16.83
N SER H 137 -22.88 6.68 17.79
CA SER H 137 -22.50 6.27 19.13
C SER H 137 -21.82 4.89 19.15
N ALA H 138 -22.42 3.91 18.48
CA ALA H 138 -21.80 2.58 18.38
C ALA H 138 -20.44 2.66 17.71
N GLU H 139 -20.32 3.49 16.68
CA GLU H 139 -19.03 3.66 16.01
C GLU H 139 -18.02 4.17 17.00
N ARG H 140 -18.43 5.16 17.80
CA ARG H 140 -17.52 5.73 18.80
C ARG H 140 -17.07 4.66 19.80
N MET H 141 -18.04 3.96 20.36
CA MET H 141 -17.76 2.92 21.33
C MET H 141 -16.83 1.85 20.77
N LEU H 142 -17.14 1.41 19.56
CA LEU H 142 -16.29 0.47 18.82
C LEU H 142 -14.85 0.97 18.76
N GLU H 143 -14.68 2.22 18.33
CA GLU H 143 -13.37 2.87 18.33
C GLU H 143 -12.65 2.80 19.70
N VAL H 144 -13.34 3.16 20.79
CA VAL H 144 -12.63 3.11 22.09
C VAL H 144 -12.36 1.69 22.61
N MET H 145 -13.24 0.75 22.27
CA MET H 145 -13.00 -0.66 22.58
C MET H 145 -11.72 -1.12 21.90
N GLU H 146 -11.67 -0.92 20.59
CA GLU H 146 -10.47 -1.19 19.81
C GLU H 146 -9.20 -0.57 20.43
N LYS H 147 -9.30 0.71 20.84
CA LYS H 147 -8.15 1.41 21.45
C LYS H 147 -7.66 0.78 22.74
N ILE H 148 -8.60 0.59 23.66
CA ILE H 148 -8.33 -0.10 24.91
C ILE H 148 -7.65 -1.44 24.66
N TYR H 149 -8.16 -2.22 23.69
CA TYR H 149 -7.54 -3.52 23.41
C TYR H 149 -6.11 -3.38 22.92
N GLU H 150 -5.95 -2.57 21.86
CA GLU H 150 -4.65 -2.42 21.22
C GLU H 150 -3.62 -2.01 22.24
N ARG H 151 -4.01 -1.09 23.11
CA ARG H 151 -3.08 -0.47 24.04
C ARG H 151 -2.76 -1.38 25.25
N LEU H 152 -3.80 -1.94 25.87
CA LEU H 152 -3.61 -2.89 26.98
C LEU H 152 -2.77 -4.10 26.56
N MET H 153 -2.95 -4.56 25.33
CA MET H 153 -2.28 -5.80 24.89
C MET H 153 -0.76 -5.74 25.06
N GLU H 154 -0.24 -4.52 25.11
CA GLU H 154 1.19 -4.30 25.26
C GLU H 154 1.65 -4.80 26.63
N PHE H 155 0.76 -4.75 27.61
CA PHE H 155 1.13 -5.15 28.97
C PHE H 155 1.05 -6.65 29.20
N THR H 156 0.78 -7.41 28.14
CA THR H 156 0.67 -8.85 28.26
C THR H 156 2.04 -9.50 28.29
N THR H 157 3.08 -8.72 27.98
CA THR H 157 4.45 -9.16 28.07
C THR H 157 4.77 -9.62 29.49
N PHE H 158 4.04 -9.05 30.45
CA PHE H 158 4.34 -9.28 31.86
C PHE H 158 3.87 -10.63 32.39
N PRO H 159 4.61 -11.18 33.37
CA PRO H 159 4.24 -12.38 34.12
C PRO H 159 2.86 -12.20 34.70
N ASP H 160 1.97 -13.12 34.35
CA ASP H 160 0.56 -13.11 34.77
C ASP H 160 0.31 -12.62 36.21
N LYS H 161 1.06 -13.17 37.16
CA LYS H 161 0.88 -12.85 38.57
C LYS H 161 0.86 -11.35 38.81
N LEU H 162 1.78 -10.62 38.20
CA LEU H 162 1.96 -9.18 38.48
C LEU H 162 0.83 -8.34 37.96
N VAL H 163 0.05 -8.93 37.06
CA VAL H 163 -0.93 -8.15 36.32
C VAL H 163 -2.25 -8.94 36.36
N SER H 164 -2.25 -9.94 37.24
CA SER H 164 -3.40 -10.80 37.53
C SER H 164 -4.10 -11.31 36.26
N GLY H 165 -5.39 -11.08 36.16
CA GLY H 165 -6.18 -11.74 35.13
C GLY H 165 -6.14 -11.10 33.75
N LEU H 166 -5.12 -10.30 33.48
CA LEU H 166 -5.11 -9.42 32.30
C LEU H 166 -5.29 -10.12 30.97
N ARG H 167 -4.45 -11.11 30.69
CA ARG H 167 -4.53 -11.80 29.40
C ARG H 167 -5.93 -12.35 29.13
N LYS H 168 -6.49 -13.05 30.12
CA LYS H 168 -7.83 -13.61 29.98
C LYS H 168 -8.87 -12.52 29.66
N LYS H 169 -8.94 -11.53 30.54
CA LYS H 169 -9.91 -10.45 30.43
C LYS H 169 -9.80 -9.75 29.07
N LEU H 170 -8.57 -9.72 28.55
CA LEU H 170 -8.35 -9.20 27.20
C LEU H 170 -8.91 -10.13 26.13
N ASP H 171 -8.70 -11.44 26.25
CA ASP H 171 -9.26 -12.38 25.28
C ASP H 171 -10.76 -12.18 25.18
N VAL H 172 -11.42 -12.34 26.32
CA VAL H 172 -12.84 -12.00 26.44
C VAL H 172 -13.21 -10.64 25.82
N ALA H 173 -12.40 -9.61 26.09
CA ALA H 173 -12.64 -8.32 25.47
C ALA H 173 -12.65 -8.41 23.94
N ARG H 174 -11.61 -9.04 23.38
CA ARG H 174 -11.48 -9.25 21.94
C ARG H 174 -12.78 -9.85 21.40
N GLY H 175 -13.20 -10.93 22.06
CA GLY H 175 -14.44 -11.58 21.72
C GLY H 175 -15.58 -10.58 21.63
N GLY H 176 -15.68 -9.74 22.66
CA GLY H 176 -16.74 -8.73 22.72
C GLY H 176 -16.68 -7.75 21.56
N ILE H 177 -15.47 -7.35 21.21
CA ILE H 177 -15.27 -6.41 20.14
C ILE H 177 -15.73 -7.01 18.80
N GLU H 178 -15.33 -8.26 18.54
CA GLU H 178 -15.79 -8.91 17.33
C GLU H 178 -17.32 -9.01 17.28
N ARG H 179 -17.92 -9.57 18.35
CA ARG H 179 -19.39 -9.66 18.39
C ARG H 179 -20.06 -8.31 18.17
N THR H 180 -19.46 -7.25 18.70
CA THR H 180 -19.99 -5.91 18.47
C THR H 180 -19.88 -5.49 17.00
N LYS H 181 -18.73 -5.74 16.37
CA LYS H 181 -18.55 -5.44 14.94
C LYS H 181 -19.62 -6.16 14.11
N SER H 182 -19.85 -7.44 14.42
CA SER H 182 -20.95 -8.16 13.78
C SER H 182 -22.32 -7.55 14.00
N ASP H 183 -22.60 -7.18 15.25
CA ASP H 183 -23.90 -6.60 15.56
C ASP H 183 -24.10 -5.26 14.87
N TYR H 184 -22.99 -4.57 14.61
CA TYR H 184 -23.03 -3.31 13.92
C TYR H 184 -23.24 -3.51 12.42
N ILE H 185 -22.66 -4.57 11.85
CA ILE H 185 -22.89 -4.83 10.43
C ILE H 185 -24.35 -5.14 10.13
N ALA H 186 -24.94 -6.10 10.84
CA ALA H 186 -26.40 -6.16 10.89
C ALA H 186 -26.81 -4.86 11.57
N ALA H 187 -28.10 -4.56 11.60
CA ALA H 187 -28.54 -3.23 12.09
C ALA H 187 -28.21 -2.10 11.11
N LYS H 188 -27.05 -2.15 10.47
CA LYS H 188 -26.76 -1.26 9.34
C LYS H 188 -27.54 -1.70 8.11
N VAL H 189 -28.01 -2.95 8.14
CA VAL H 189 -28.94 -3.47 7.13
C VAL H 189 -30.36 -3.09 7.57
N ALA H 190 -30.61 -1.79 7.64
CA ALA H 190 -31.90 -1.26 8.07
C ALA H 190 -32.01 0.22 7.77
N MET I 4 66.22 -7.49 -37.92
CA MET I 4 66.42 -8.12 -39.23
C MET I 4 65.11 -8.69 -39.81
N ARG I 5 64.01 -7.98 -39.62
CA ARG I 5 62.71 -8.31 -40.26
C ARG I 5 62.01 -9.53 -39.68
N LEU I 6 62.62 -10.71 -39.73
CA LEU I 6 62.16 -11.81 -38.90
C LEU I 6 62.09 -11.37 -37.43
N GLU I 7 63.07 -10.57 -37.03
CA GLU I 7 63.13 -10.06 -35.68
C GLU I 7 61.91 -9.19 -35.39
N GLU I 8 61.70 -8.17 -36.22
CA GLU I 8 60.61 -7.21 -36.04
C GLU I 8 59.26 -7.92 -36.10
N CYS I 9 59.19 -8.97 -36.92
CA CYS I 9 58.02 -9.83 -36.90
C CYS I 9 57.80 -10.38 -35.50
N ARG I 10 58.76 -11.14 -35.00
CA ARG I 10 58.64 -11.68 -33.66
C ARG I 10 58.23 -10.61 -32.63
N LYS I 11 58.81 -9.43 -32.74
CA LYS I 11 58.49 -8.34 -31.81
C LYS I 11 57.01 -7.90 -31.89
N ARG I 12 56.58 -7.49 -33.08
CA ARG I 12 55.22 -7.05 -33.29
C ARG I 12 54.24 -8.14 -32.89
N LEU I 13 54.55 -9.36 -33.30
CA LEU I 13 53.71 -10.53 -32.97
C LEU I 13 53.54 -10.69 -31.45
N GLU I 14 54.61 -10.55 -30.68
CA GLU I 14 54.50 -10.71 -29.24
C GLU I 14 53.64 -9.60 -28.64
N GLU I 15 53.87 -8.40 -29.14
CA GLU I 15 53.10 -7.25 -28.72
C GLU I 15 51.61 -7.51 -29.00
N LEU I 16 51.30 -8.02 -30.17
CA LEU I 16 49.90 -8.23 -30.54
C LEU I 16 49.29 -9.34 -29.71
N GLU I 17 50.08 -10.36 -29.39
CA GLU I 17 49.58 -11.45 -28.57
C GLU I 17 49.07 -10.88 -27.24
N ALA I 18 49.97 -10.21 -26.52
CA ALA I 18 49.66 -9.60 -25.23
C ALA I 18 48.46 -8.60 -25.25
N ALA I 19 48.56 -7.61 -26.14
CA ALA I 19 47.46 -6.67 -26.35
C ALA I 19 46.13 -7.41 -26.56
N ARG I 20 46.11 -8.31 -27.54
CA ARG I 20 44.92 -9.08 -27.84
C ARG I 20 44.31 -9.72 -26.59
N GLU I 21 45.12 -10.41 -25.79
CA GLU I 21 44.57 -11.03 -24.58
C GLU I 21 43.89 -9.98 -23.66
N GLU I 22 44.57 -8.85 -23.48
CA GLU I 22 44.02 -7.80 -22.62
C GLU I 22 42.73 -7.19 -23.18
N LEU I 23 42.80 -6.76 -24.45
CA LEU I 23 41.66 -6.26 -25.18
C LEU I 23 40.45 -7.22 -25.09
N LEU I 24 40.69 -8.52 -25.21
CA LEU I 24 39.61 -9.51 -25.04
C LEU I 24 39.00 -9.44 -23.65
N LYS I 25 39.84 -9.44 -22.61
CA LYS I 25 39.34 -9.38 -21.24
C LYS I 25 38.47 -8.13 -20.98
N VAL I 26 38.97 -6.99 -21.45
CA VAL I 26 38.33 -5.70 -21.24
C VAL I 26 37.02 -5.60 -22.00
N LEU I 27 37.03 -6.05 -23.26
CA LEU I 27 35.80 -6.14 -24.04
C LEU I 27 34.74 -7.03 -23.38
N ARG I 28 35.10 -8.22 -22.90
CA ARG I 28 34.11 -9.09 -22.25
C ARG I 28 33.51 -8.37 -21.06
N GLU I 29 34.35 -7.69 -20.27
CA GLU I 29 33.82 -6.87 -19.19
C GLU I 29 32.85 -5.75 -19.62
N MET I 30 33.30 -4.91 -20.55
CA MET I 30 32.47 -3.80 -21.04
C MET I 30 31.08 -4.31 -21.50
N ARG I 31 31.11 -5.40 -22.25
CA ARG I 31 29.91 -6.00 -22.82
C ARG I 31 28.96 -6.49 -21.70
N ILE I 32 29.53 -7.23 -20.74
CA ILE I 32 28.76 -7.67 -19.57
C ILE I 32 28.07 -6.51 -18.82
N HIS I 33 28.82 -5.46 -18.52
CA HIS I 33 28.22 -4.30 -17.88
C HIS I 33 27.10 -3.63 -18.71
N SER I 34 27.25 -3.54 -20.03
CA SER I 34 26.18 -2.93 -20.83
C SER I 34 24.90 -3.74 -20.72
N THR I 35 25.07 -5.05 -20.91
CA THR I 35 23.93 -5.95 -20.87
C THR I 35 23.24 -5.83 -19.51
N LYS I 36 24.07 -5.87 -18.45
CA LYS I 36 23.58 -5.77 -17.08
C LYS I 36 22.73 -4.52 -16.94
N SER I 37 23.22 -3.41 -17.50
CA SER I 37 22.50 -2.15 -17.39
C SER I 37 21.11 -2.27 -18.00
N ILE I 38 21.04 -2.82 -19.21
CA ILE I 38 19.71 -2.95 -19.84
C ILE I 38 18.74 -3.85 -19.04
N ALA I 39 19.27 -5.01 -18.61
CA ALA I 39 18.50 -5.93 -17.79
C ALA I 39 17.95 -5.21 -16.58
N LEU I 40 18.82 -4.43 -15.95
CA LEU I 40 18.51 -3.72 -14.71
C LEU I 40 17.37 -2.75 -14.90
N ILE I 41 17.42 -1.98 -15.99
CA ILE I 41 16.30 -1.09 -16.31
C ILE I 41 15.00 -1.89 -16.39
N HIS I 42 15.02 -3.00 -17.12
CA HIS I 42 13.82 -3.84 -17.16
C HIS I 42 13.37 -4.39 -15.79
N ALA I 43 14.31 -4.65 -14.90
CA ALA I 43 13.97 -5.13 -13.57
C ALA I 43 13.53 -3.97 -12.65
N GLY I 44 13.31 -2.80 -13.24
CA GLY I 44 12.92 -1.61 -12.49
C GLY I 44 13.93 -1.11 -11.46
N LYS I 45 15.20 -1.45 -11.66
CA LYS I 45 16.27 -0.94 -10.83
C LYS I 45 17.08 0.09 -11.61
N VAL I 46 16.46 1.25 -11.85
CA VAL I 46 17.03 2.27 -12.75
C VAL I 46 18.38 2.84 -12.28
N GLU I 47 18.52 3.04 -10.98
CA GLU I 47 19.75 3.62 -10.41
C GLU I 47 20.91 2.67 -10.64
N GLU I 48 20.69 1.41 -10.29
CA GLU I 48 21.74 0.39 -10.46
C GLU I 48 22.18 0.24 -11.92
N ALA I 49 21.20 0.27 -12.81
CA ALA I 49 21.47 0.30 -14.24
C ALA I 49 22.37 1.48 -14.59
N GLU I 50 22.11 2.61 -13.93
CA GLU I 50 22.92 3.80 -14.16
C GLU I 50 24.38 3.50 -13.81
N GLN I 51 24.56 2.89 -12.64
CA GLN I 51 25.89 2.50 -12.22
C GLN I 51 26.59 1.61 -13.26
N GLU I 52 25.93 0.51 -13.63
CA GLU I 52 26.51 -0.41 -14.61
C GLU I 52 26.89 0.27 -15.93
N LEU I 53 26.01 1.14 -16.44
CA LEU I 53 26.33 1.88 -17.67
C LEU I 53 27.58 2.76 -17.48
N LYS I 54 27.72 3.33 -16.27
CA LYS I 54 28.93 4.08 -15.96
C LYS I 54 30.14 3.16 -16.12
N LYS I 55 30.13 2.00 -15.45
CA LYS I 55 31.28 1.08 -15.51
C LYS I 55 31.67 0.72 -16.94
N ALA I 56 30.64 0.48 -17.75
CA ALA I 56 30.82 0.23 -19.18
C ALA I 56 31.55 1.37 -19.91
N ILE I 57 30.97 2.57 -19.85
CA ILE I 57 31.57 3.72 -20.53
C ILE I 57 33.00 4.02 -20.05
N GLU I 58 33.27 3.73 -18.78
CA GLU I 58 34.62 3.87 -18.27
C GLU I 58 35.58 2.84 -18.87
N LEU I 59 35.11 1.61 -19.04
CA LEU I 59 35.90 0.59 -19.74
C LEU I 59 36.18 0.98 -21.19
N LEU I 60 35.25 1.69 -21.84
CA LEU I 60 35.41 2.07 -23.25
C LEU I 60 36.66 2.90 -23.51
N GLU I 61 37.20 3.54 -22.48
CA GLU I 61 38.43 4.32 -22.63
C GLU I 61 39.67 3.39 -22.61
N LYS I 62 39.72 2.49 -21.63
CA LYS I 62 40.70 1.40 -21.62
C LYS I 62 40.71 0.73 -22.99
N VAL I 63 39.52 0.50 -23.52
CA VAL I 63 39.37 -0.11 -24.83
C VAL I 63 40.01 0.75 -25.90
N LYS I 64 39.60 2.03 -25.97
CA LYS I 64 40.08 2.90 -27.04
C LYS I 64 41.60 3.09 -27.02
N ALA I 65 42.25 2.75 -25.91
CA ALA I 65 43.71 2.72 -25.88
C ALA I 65 44.32 1.81 -26.98
N TYR I 66 43.57 0.77 -27.37
CA TYR I 66 44.08 -0.24 -28.28
C TYR I 66 43.95 0.07 -29.76
N ARG I 67 43.60 1.30 -30.11
CA ARG I 67 43.49 1.66 -31.53
C ARG I 67 44.88 1.66 -32.17
N GLU I 68 45.90 1.66 -31.31
CA GLU I 68 47.29 1.51 -31.72
C GLU I 68 47.51 0.23 -32.52
N TYR I 69 46.59 -0.73 -32.39
CA TYR I 69 46.79 -2.03 -33.00
C TYR I 69 45.71 -2.35 -34.03
N PRO I 70 45.68 -1.59 -35.13
CA PRO I 70 44.57 -1.70 -36.06
C PRO I 70 44.56 -3.05 -36.77
N GLU I 71 45.63 -3.84 -36.64
CA GLU I 71 45.60 -5.21 -37.14
C GLU I 71 44.52 -6.03 -36.43
N ILE I 72 44.23 -5.70 -35.17
CA ILE I 72 43.23 -6.44 -34.39
C ILE I 72 42.07 -5.63 -33.79
N TYR I 73 42.20 -4.32 -33.70
CA TYR I 73 41.22 -3.48 -32.99
C TYR I 73 39.80 -3.53 -33.57
N PHE I 74 39.68 -3.27 -34.86
CA PHE I 74 38.36 -3.26 -35.49
C PHE I 74 37.70 -4.64 -35.61
N TYR I 75 38.51 -5.65 -35.90
CA TYR I 75 38.05 -7.03 -35.96
C TYR I 75 37.36 -7.47 -34.66
N LEU I 76 37.86 -7.00 -33.53
CA LEU I 76 37.43 -7.46 -32.22
C LEU I 76 36.41 -6.57 -31.53
N CYS I 77 36.53 -5.26 -31.72
CA CYS I 77 35.76 -4.31 -30.90
C CYS I 77 34.26 -4.24 -31.25
N ASN I 78 33.91 -4.85 -32.37
CA ASN I 78 32.56 -4.73 -32.90
C ASN I 78 31.41 -5.09 -31.95
N ASP I 79 31.36 -6.37 -31.52
CA ASP I 79 30.27 -6.85 -30.68
C ASP I 79 30.03 -5.92 -29.49
N ALA I 80 31.07 -5.71 -28.68
CA ALA I 80 30.91 -4.92 -27.48
C ALA I 80 30.52 -3.46 -27.77
N MET I 81 31.06 -2.88 -28.84
CA MET I 81 30.67 -1.50 -29.15
C MET I 81 29.20 -1.40 -29.56
N GLN I 82 28.76 -2.34 -30.40
CA GLN I 82 27.33 -2.58 -30.62
C GLN I 82 26.52 -2.60 -29.32
N GLU I 83 26.99 -3.38 -28.35
CA GLU I 83 26.24 -3.54 -27.10
C GLU I 83 26.16 -2.23 -26.30
N LEU I 84 27.25 -1.47 -26.34
CA LEU I 84 27.32 -0.21 -25.64
C LEU I 84 26.38 0.81 -26.27
N VAL I 85 26.42 0.90 -27.59
CA VAL I 85 25.45 1.73 -28.28
C VAL I 85 23.99 1.33 -27.93
N GLU I 86 23.67 0.03 -27.98
CA GLU I 86 22.33 -0.43 -27.62
C GLU I 86 21.92 0.10 -26.25
N ALA I 87 22.73 -0.19 -25.23
CA ALA I 87 22.47 0.29 -23.85
C ALA I 87 22.29 1.82 -23.73
N ILE I 88 23.12 2.57 -24.45
CA ILE I 88 22.97 4.02 -24.44
C ILE I 88 21.67 4.48 -25.12
N ALA I 89 21.45 4.02 -26.35
CA ALA I 89 20.26 4.42 -27.10
C ALA I 89 19.03 4.11 -26.28
N PHE I 90 19.02 2.93 -25.65
CA PHE I 90 17.87 2.51 -24.86
C PHE I 90 17.63 3.46 -23.69
N LYS I 91 18.66 3.62 -22.85
CA LYS I 91 18.56 4.57 -21.70
C LYS I 91 18.06 5.94 -22.15
N ASN I 92 18.63 6.46 -23.23
CA ASN I 92 18.19 7.72 -23.80
C ASN I 92 16.71 7.74 -24.11
N ALA I 93 16.24 6.73 -24.82
CA ALA I 93 14.82 6.67 -25.19
C ALA I 93 13.86 6.63 -23.97
N ILE I 94 14.10 5.74 -23.02
CA ILE I 94 13.17 5.69 -21.91
C ILE I 94 13.30 6.92 -21.02
N SER I 95 14.37 7.69 -21.21
CA SER I 95 14.61 8.90 -20.40
C SER I 95 14.17 10.17 -21.11
N GLY I 96 13.18 10.06 -21.98
CA GLY I 96 12.51 11.22 -22.54
C GLY I 96 13.26 11.97 -23.61
N GLU I 97 14.57 11.87 -23.57
CA GLU I 97 15.40 12.58 -24.51
C GLU I 97 15.99 11.60 -25.52
N PHE I 98 15.15 11.02 -26.38
CA PHE I 98 15.71 10.14 -27.39
C PHE I 98 16.36 10.97 -28.47
N THR I 99 17.50 10.49 -28.95
CA THR I 99 18.22 11.17 -30.00
C THR I 99 19.33 10.29 -30.58
N PHE I 100 19.61 10.49 -31.85
CA PHE I 100 20.72 9.81 -32.50
C PHE I 100 22.05 10.50 -32.19
N GLU I 101 22.04 11.41 -31.22
CA GLU I 101 23.24 12.15 -30.90
C GLU I 101 23.81 11.63 -29.59
N ILE I 102 24.52 10.52 -29.68
CA ILE I 102 25.29 10.04 -28.53
C ILE I 102 26.77 10.31 -28.78
N ASP I 103 27.35 11.18 -27.97
CA ASP I 103 28.72 11.61 -28.21
C ASP I 103 29.72 10.64 -27.58
N LEU I 104 30.10 9.66 -28.39
CA LEU I 104 31.24 8.79 -28.18
C LEU I 104 31.20 7.81 -29.33
N GLU I 105 32.17 7.87 -30.24
CA GLU I 105 32.20 6.84 -31.27
C GLU I 105 33.48 6.05 -31.10
N VAL I 106 33.60 4.79 -31.56
CA VAL I 106 32.60 3.87 -32.17
C VAL I 106 32.49 3.85 -33.71
N THR I 107 32.57 2.63 -34.28
CA THR I 107 32.49 2.42 -35.72
C THR I 107 31.05 2.64 -36.23
N PRO I 108 30.89 3.03 -37.51
CA PRO I 108 29.55 3.20 -38.11
C PRO I 108 28.62 2.02 -37.88
N ALA I 109 29.10 0.83 -38.21
CA ALA I 109 28.27 -0.38 -38.16
C ALA I 109 27.82 -0.72 -36.74
N ALA I 110 28.67 -0.47 -35.74
CA ALA I 110 28.29 -0.72 -34.35
C ALA I 110 27.21 0.25 -33.85
N PHE I 111 27.20 1.44 -34.43
CA PHE I 111 26.29 2.49 -34.07
C PHE I 111 24.94 2.06 -34.59
N LEU I 112 24.90 1.88 -35.91
CA LEU I 112 23.68 1.49 -36.61
C LEU I 112 23.05 0.20 -36.01
N ASN I 113 23.90 -0.79 -35.79
CA ASN I 113 23.50 -2.07 -35.23
C ASN I 113 23.00 -1.94 -33.81
N GLY I 114 23.69 -1.14 -33.02
CA GLY I 114 23.26 -0.89 -31.65
C GLY I 114 21.87 -0.29 -31.58
N PHE I 115 21.57 0.68 -32.45
CA PHE I 115 20.25 1.30 -32.42
C PHE I 115 19.18 0.30 -32.83
N ALA I 116 19.46 -0.39 -33.93
CA ALA I 116 18.53 -1.43 -34.40
C ALA I 116 18.24 -2.42 -33.26
N ALA I 117 19.29 -2.83 -32.58
CA ALA I 117 19.18 -3.72 -31.42
C ALA I 117 18.29 -3.14 -30.35
N ALA I 118 18.42 -1.84 -30.12
CA ALA I 118 17.68 -1.19 -29.02
C ALA I 118 16.18 -1.23 -29.28
N VAL I 119 15.78 -1.24 -30.57
CA VAL I 119 14.36 -1.45 -30.90
C VAL I 119 13.64 -2.57 -30.08
N GLY I 120 14.27 -3.74 -29.96
CA GLY I 120 13.71 -4.83 -29.19
C GLY I 120 13.55 -4.57 -27.70
N GLU I 121 14.54 -3.87 -27.13
CA GLU I 121 14.48 -3.53 -25.71
C GLU I 121 13.32 -2.57 -25.53
N LEU I 122 13.18 -1.67 -26.49
CA LEU I 122 12.05 -0.77 -26.50
C LEU I 122 10.77 -1.56 -26.52
N ARG I 123 10.70 -2.61 -27.35
CA ARG I 123 9.50 -3.45 -27.34
C ARG I 123 9.18 -3.97 -25.93
N ARG I 124 10.14 -4.63 -25.28
CA ARG I 124 9.88 -5.10 -23.91
C ARG I 124 9.34 -3.98 -23.05
N TYR I 125 10.05 -2.85 -23.02
CA TYR I 125 9.67 -1.72 -22.19
C TYR I 125 8.23 -1.22 -22.46
N ALA I 126 7.87 -1.04 -23.73
CA ALA I 126 6.52 -0.62 -24.09
C ALA I 126 5.46 -1.62 -23.64
N LEU I 127 5.80 -2.89 -23.74
CA LEU I 127 4.91 -3.95 -23.30
C LEU I 127 4.68 -3.84 -21.80
N THR I 128 5.75 -3.64 -21.04
CA THR I 128 5.58 -3.54 -19.59
C THR I 128 4.91 -2.23 -19.13
N LYS I 129 5.07 -1.17 -19.93
CA LYS I 129 4.28 0.06 -19.73
C LYS I 129 2.81 -0.26 -19.90
N LEU I 130 2.47 -0.86 -21.05
CA LEU I 130 1.12 -1.34 -21.32
C LEU I 130 0.54 -2.12 -20.13
N ILE I 131 1.30 -3.07 -19.61
CA ILE I 131 0.87 -3.84 -18.44
C ILE I 131 0.61 -2.94 -17.25
N GLU I 132 1.49 -1.97 -17.02
CA GLU I 132 1.29 -1.01 -15.92
C GLU I 132 0.17 0.02 -16.19
N GLY I 133 -0.36 0.02 -17.41
CA GLY I 133 -1.47 0.89 -17.77
C GLY I 133 -1.08 2.27 -18.25
N ASP I 134 0.22 2.48 -18.51
CA ASP I 134 0.72 3.77 -18.97
C ASP I 134 0.73 3.87 -20.49
N PHE I 135 -0.44 4.06 -21.09
CA PHE I 135 -0.57 4.03 -22.55
C PHE I 135 0.22 5.12 -23.28
N LYS I 136 0.31 6.31 -22.69
CA LYS I 136 1.02 7.40 -23.34
C LYS I 136 2.49 7.02 -23.51
N SER I 137 3.05 6.45 -22.44
CA SER I 137 4.44 6.01 -22.46
C SER I 137 4.68 4.99 -23.60
N ALA I 138 3.83 3.97 -23.66
CA ALA I 138 3.91 2.98 -24.73
C ALA I 138 3.76 3.62 -26.12
N GLU I 139 2.91 4.64 -26.24
CA GLU I 139 2.80 5.39 -27.48
C GLU I 139 4.13 6.01 -27.87
N ARG I 140 4.76 6.70 -26.91
CA ARG I 140 6.04 7.34 -27.19
C ARG I 140 7.05 6.30 -27.66
N MET I 141 7.14 5.18 -26.94
CA MET I 141 8.02 4.09 -27.34
C MET I 141 7.76 3.61 -28.77
N LEU I 142 6.51 3.34 -29.11
CA LEU I 142 6.15 2.97 -30.48
C LEU I 142 6.72 4.00 -31.44
N GLU I 143 6.56 5.27 -31.10
CA GLU I 143 7.02 6.36 -31.97
C GLU I 143 8.52 6.29 -32.22
N VAL I 144 9.31 6.27 -31.14
CA VAL I 144 10.76 6.15 -31.30
C VAL I 144 11.15 4.89 -32.10
N MET I 145 10.56 3.75 -31.75
CA MET I 145 10.79 2.48 -32.45
C MET I 145 10.65 2.65 -33.95
N GLU I 146 9.50 3.19 -34.33
CA GLU I 146 9.21 3.49 -35.71
C GLU I 146 10.24 4.42 -36.32
N LYS I 147 10.67 5.41 -35.52
CA LYS I 147 11.62 6.40 -36.01
C LYS I 147 12.94 5.74 -36.39
N ILE I 148 13.53 5.07 -35.40
CA ILE I 148 14.73 4.28 -35.59
C ILE I 148 14.63 3.39 -36.82
N TYR I 149 13.52 2.64 -36.95
CA TYR I 149 13.36 1.81 -38.15
C TYR I 149 13.48 2.65 -39.43
N GLU I 150 12.72 3.73 -39.47
CA GLU I 150 12.63 4.59 -40.64
C GLU I 150 13.99 5.20 -41.02
N ARG I 151 14.71 5.76 -40.05
CA ARG I 151 16.02 6.36 -40.30
C ARG I 151 17.09 5.33 -40.68
N LEU I 152 17.14 4.22 -39.96
CA LEU I 152 18.14 3.18 -40.21
C LEU I 152 17.92 2.47 -41.53
N MET I 153 16.69 2.45 -42.02
CA MET I 153 16.45 1.75 -43.28
C MET I 153 17.20 2.40 -44.43
N GLU I 154 17.45 3.70 -44.32
CA GLU I 154 18.14 4.44 -45.35
C GLU I 154 19.58 3.96 -45.55
N PHE I 155 20.09 3.20 -44.58
CA PHE I 155 21.46 2.69 -44.66
C PHE I 155 21.58 1.31 -45.29
N THR I 156 20.45 0.74 -45.67
CA THR I 156 20.42 -0.58 -46.28
C THR I 156 21.09 -0.59 -47.64
N THR I 157 21.07 0.57 -48.31
CA THR I 157 21.60 0.73 -49.67
C THR I 157 23.08 0.35 -49.82
N PHE I 158 23.83 0.62 -48.75
CA PHE I 158 25.23 0.23 -48.62
C PHE I 158 25.43 -1.28 -48.64
N PRO I 159 26.66 -1.74 -48.93
CA PRO I 159 26.84 -3.18 -48.97
C PRO I 159 26.83 -3.74 -47.57
N ASP I 160 26.54 -5.03 -47.46
CA ASP I 160 26.71 -5.71 -46.19
C ASP I 160 28.18 -5.63 -45.77
N LYS I 161 28.58 -6.44 -44.81
CA LYS I 161 29.97 -6.44 -44.34
C LYS I 161 30.31 -5.06 -43.77
N LEU I 162 30.41 -4.06 -44.67
CA LEU I 162 30.55 -2.66 -44.29
C LEU I 162 29.53 -2.21 -43.24
N VAL I 163 28.36 -2.83 -43.31
CA VAL I 163 27.25 -2.50 -42.45
C VAL I 163 26.81 -3.78 -41.70
N SER I 164 27.29 -4.93 -42.20
CA SER I 164 27.11 -6.27 -41.59
C SER I 164 25.68 -6.67 -41.23
N GLY I 165 25.39 -6.80 -39.93
CA GLY I 165 24.13 -7.37 -39.49
C GLY I 165 22.84 -6.59 -39.75
N LEU I 166 22.99 -5.33 -40.17
CA LEU I 166 21.88 -4.38 -40.17
C LEU I 166 20.57 -4.91 -40.75
N ARG I 167 20.58 -5.39 -41.99
CA ARG I 167 19.34 -5.83 -42.62
C ARG I 167 18.60 -6.80 -41.71
N LYS I 168 19.28 -7.87 -41.28
CA LYS I 168 18.61 -8.88 -40.45
C LYS I 168 18.02 -8.22 -39.20
N LYS I 169 18.83 -7.39 -38.53
CA LYS I 169 18.39 -6.72 -37.29
C LYS I 169 17.13 -5.91 -37.55
N LEU I 170 17.16 -5.15 -38.64
CA LEU I 170 16.05 -4.28 -38.96
C LEU I 170 14.79 -5.10 -39.23
N ASP I 171 14.95 -6.25 -39.90
CA ASP I 171 13.78 -7.08 -40.13
C ASP I 171 13.19 -7.53 -38.81
N VAL I 172 14.07 -8.00 -37.91
CA VAL I 172 13.63 -8.37 -36.58
C VAL I 172 12.88 -7.19 -35.98
N ALA I 173 13.50 -6.02 -36.04
CA ALA I 173 12.89 -4.83 -35.47
C ALA I 173 11.49 -4.58 -36.03
N ARG I 174 11.34 -4.70 -37.36
CA ARG I 174 10.06 -4.49 -38.01
C ARG I 174 9.04 -5.40 -37.34
N GLY I 175 9.37 -6.69 -37.25
CA GLY I 175 8.53 -7.65 -36.56
C GLY I 175 8.11 -7.18 -35.17
N GLY I 176 9.11 -6.79 -34.37
CA GLY I 176 8.86 -6.27 -33.04
C GLY I 176 7.88 -5.13 -33.06
N ILE I 177 8.12 -4.14 -33.92
CA ILE I 177 7.24 -2.98 -33.96
C ILE I 177 5.81 -3.47 -34.18
N GLU I 178 5.62 -4.36 -35.17
CA GLU I 178 4.25 -4.77 -35.51
C GLU I 178 3.64 -5.48 -34.34
N ARG I 179 4.42 -6.34 -33.73
CA ARG I 179 3.91 -7.12 -32.61
C ARG I 179 3.44 -6.13 -31.55
N THR I 180 4.26 -5.12 -31.29
CA THR I 180 3.94 -4.14 -30.27
C THR I 180 2.66 -3.38 -30.63
N LYS I 181 2.50 -3.04 -31.91
CA LYS I 181 1.30 -2.34 -32.33
C LYS I 181 0.10 -3.20 -31.99
N SER I 182 0.19 -4.48 -32.33
CA SER I 182 -0.89 -5.43 -32.11
C SER I 182 -1.25 -5.45 -30.62
N ASP I 183 -0.24 -5.48 -29.76
CA ASP I 183 -0.45 -5.54 -28.31
C ASP I 183 -1.13 -4.26 -27.87
N TYR I 184 -0.65 -3.15 -28.42
CA TYR I 184 -1.16 -1.84 -28.07
C TYR I 184 -2.65 -1.80 -28.43
N ILE I 185 -2.97 -2.38 -29.59
CA ILE I 185 -4.34 -2.36 -30.06
C ILE I 185 -5.16 -3.19 -29.09
N ALA I 186 -4.64 -4.36 -28.72
CA ALA I 186 -5.34 -5.27 -27.82
C ALA I 186 -5.62 -4.61 -26.49
N ALA I 187 -4.86 -3.57 -26.16
CA ALA I 187 -5.01 -2.94 -24.86
C ALA I 187 -6.06 -1.84 -24.92
N LYS I 188 -6.44 -1.45 -26.13
CA LYS I 188 -7.37 -0.32 -26.28
C LYS I 188 -8.76 -0.62 -25.74
N VAL I 189 -8.92 -1.74 -25.04
CA VAL I 189 -10.14 -2.02 -24.31
C VAL I 189 -10.11 -1.21 -23.01
N ALA I 190 -9.21 -0.24 -22.97
CA ALA I 190 -9.18 0.76 -21.92
C ALA I 190 -8.48 2.04 -22.46
N ARG I 191 -9.20 3.07 -22.93
CA ARG I 191 -10.67 3.17 -23.14
C ARG I 191 -11.62 2.94 -21.96
N LEU I 192 -12.44 1.89 -22.02
CA LEU I 192 -13.37 1.57 -20.93
C LEU I 192 -12.62 1.33 -19.61
N ASN I 193 -13.07 2.00 -18.55
CA ASN I 193 -12.43 1.90 -17.23
C ASN I 193 -10.95 2.26 -17.24
N MET J 4 45.59 -48.80 -13.87
CA MET J 4 45.83 -48.98 -15.30
C MET J 4 44.84 -48.12 -16.12
N ARG J 5 45.18 -46.82 -16.28
CA ARG J 5 44.27 -45.76 -16.74
C ARG J 5 43.21 -46.07 -17.83
N LEU J 6 43.53 -46.91 -18.79
CA LEU J 6 42.52 -47.32 -19.77
C LEU J 6 41.44 -48.20 -19.15
N GLU J 7 41.83 -49.09 -18.27
CA GLU J 7 40.81 -49.92 -17.62
C GLU J 7 39.92 -49.08 -16.68
N GLU J 8 40.52 -48.08 -16.04
CA GLU J 8 39.73 -47.09 -15.29
C GLU J 8 38.75 -46.34 -16.19
N CYS J 9 39.21 -45.91 -17.36
CA CYS J 9 38.32 -45.31 -18.35
C CYS J 9 37.16 -46.20 -18.63
N ARG J 10 37.45 -47.47 -18.94
CA ARG J 10 36.43 -48.45 -19.28
C ARG J 10 35.41 -48.63 -18.14
N LYS J 11 35.91 -48.69 -16.91
CA LYS J 11 35.07 -48.83 -15.72
C LYS J 11 34.11 -47.65 -15.60
N ARG J 12 34.70 -46.46 -15.49
CA ARG J 12 33.92 -45.24 -15.30
C ARG J 12 32.90 -45.01 -16.46
N LEU J 13 33.30 -45.38 -17.67
CA LEU J 13 32.43 -45.29 -18.84
C LEU J 13 31.27 -46.28 -18.79
N GLU J 14 31.53 -47.48 -18.27
CA GLU J 14 30.47 -48.48 -18.13
C GLU J 14 29.43 -48.00 -17.13
N GLU J 15 29.94 -47.58 -15.97
CA GLU J 15 29.07 -46.97 -14.96
C GLU J 15 28.26 -45.80 -15.52
N LEU J 16 28.92 -44.83 -16.15
CA LEU J 16 28.22 -43.68 -16.76
C LEU J 16 27.14 -44.10 -17.76
N GLU J 17 27.46 -45.07 -18.61
CA GLU J 17 26.47 -45.57 -19.57
C GLU J 17 25.22 -46.12 -18.88
N ALA J 18 25.45 -46.98 -17.89
CA ALA J 18 24.33 -47.58 -17.16
C ALA J 18 23.48 -46.51 -16.48
N ALA J 19 24.17 -45.68 -15.72
CA ALA J 19 23.53 -44.59 -15.01
C ALA J 19 22.69 -43.76 -15.97
N ARG J 20 23.23 -43.48 -17.16
CA ARG J 20 22.51 -42.67 -18.13
C ARG J 20 21.22 -43.34 -18.55
N GLU J 21 21.29 -44.65 -18.81
CA GLU J 21 20.05 -45.37 -19.15
C GLU J 21 18.99 -45.26 -18.02
N GLU J 22 19.38 -45.68 -16.82
CA GLU J 22 18.45 -45.68 -15.67
C GLU J 22 17.85 -44.29 -15.41
N LEU J 23 18.73 -43.32 -15.18
CA LEU J 23 18.40 -41.91 -15.00
C LEU J 23 17.42 -41.42 -16.06
N LEU J 24 17.75 -41.60 -17.33
CA LEU J 24 16.78 -41.18 -18.37
C LEU J 24 15.39 -41.81 -18.18
N LYS J 25 15.34 -43.11 -17.89
CA LYS J 25 14.04 -43.75 -17.66
C LYS J 25 13.23 -43.08 -16.52
N VAL J 26 13.89 -42.92 -15.36
CA VAL J 26 13.31 -42.21 -14.20
C VAL J 26 12.81 -40.80 -14.57
N LEU J 27 13.76 -39.95 -14.98
CA LEU J 27 13.47 -38.60 -15.47
C LEU J 27 12.24 -38.56 -16.38
N ARG J 28 12.17 -39.46 -17.35
CA ARG J 28 11.06 -39.38 -18.26
C ARG J 28 9.76 -39.75 -17.54
N GLU J 29 9.82 -40.67 -16.57
CA GLU J 29 8.59 -40.95 -15.80
C GLU J 29 8.11 -39.73 -15.01
N MET J 30 9.05 -39.10 -14.31
CA MET J 30 8.76 -37.88 -13.59
C MET J 30 8.14 -36.81 -14.50
N ARG J 31 8.74 -36.59 -15.66
N ARG J 31 8.74 -36.60 -15.68
CA ARG J 31 8.21 -35.56 -16.58
CA ARG J 31 8.24 -35.61 -16.62
C ARG J 31 6.80 -35.92 -17.06
C ARG J 31 6.82 -35.93 -17.04
N ILE J 32 6.58 -37.20 -17.36
CA ILE J 32 5.25 -37.64 -17.78
C ILE J 32 4.22 -37.32 -16.70
N HIS J 33 4.51 -37.70 -15.46
CA HIS J 33 3.62 -37.41 -14.33
C HIS J 33 3.35 -35.91 -14.15
N SER J 34 4.39 -35.09 -14.26
CA SER J 34 4.20 -33.64 -14.12
C SER J 34 3.24 -33.11 -15.19
N THR J 35 3.49 -33.53 -16.42
CA THR J 35 2.70 -33.03 -17.52
C THR J 35 1.26 -33.44 -17.30
N LYS J 36 1.12 -34.66 -16.79
CA LYS J 36 -0.18 -35.25 -16.54
C LYS J 36 -0.91 -34.36 -15.53
N SER J 37 -0.27 -34.11 -14.40
CA SER J 37 -0.90 -33.35 -13.35
C SER J 37 -1.34 -31.97 -13.85
N ILE J 38 -0.51 -31.35 -14.69
CA ILE J 38 -0.89 -30.04 -15.24
C ILE J 38 -2.16 -30.15 -16.08
N ALA J 39 -2.20 -31.18 -16.95
CA ALA J 39 -3.37 -31.38 -17.81
C ALA J 39 -4.63 -31.65 -16.99
N LEU J 40 -4.48 -32.43 -15.93
CA LEU J 40 -5.59 -32.69 -15.01
C LEU J 40 -6.09 -31.40 -14.39
N ILE J 41 -5.17 -30.57 -13.90
CA ILE J 41 -5.58 -29.28 -13.34
C ILE J 41 -6.43 -28.49 -14.30
N HIS J 42 -5.98 -28.39 -15.56
CA HIS J 42 -6.84 -27.70 -16.55
C HIS J 42 -8.21 -28.39 -16.66
N ALA J 43 -8.16 -29.72 -16.66
CA ALA J 43 -9.37 -30.53 -16.81
C ALA J 43 -10.34 -30.47 -15.61
N GLY J 44 -9.94 -29.82 -14.53
CA GLY J 44 -10.83 -29.71 -13.39
C GLY J 44 -10.65 -30.77 -12.32
N LYS J 45 -9.90 -31.82 -12.65
CA LYS J 45 -9.71 -32.93 -11.73
C LYS J 45 -8.51 -32.72 -10.79
N VAL J 46 -8.67 -31.84 -9.79
CA VAL J 46 -7.55 -31.42 -8.96
C VAL J 46 -7.01 -32.51 -8.01
N GLU J 47 -7.86 -33.41 -7.56
CA GLU J 47 -7.39 -34.54 -6.75
C GLU J 47 -6.50 -35.50 -7.54
N GLU J 48 -6.92 -35.85 -8.76
CA GLU J 48 -6.10 -36.72 -9.61
C GLU J 48 -4.75 -36.05 -9.93
N ALA J 49 -4.81 -34.74 -10.19
CA ALA J 49 -3.61 -33.93 -10.35
C ALA J 49 -2.69 -34.06 -9.15
N GLU J 50 -3.28 -33.94 -7.96
CA GLU J 50 -2.51 -34.09 -6.73
C GLU J 50 -1.81 -35.45 -6.69
N GLN J 51 -2.54 -36.51 -7.05
CA GLN J 51 -1.94 -37.84 -7.05
C GLN J 51 -0.73 -37.88 -8.00
N GLU J 52 -0.90 -37.33 -9.19
CA GLU J 52 0.23 -37.30 -10.15
C GLU J 52 1.43 -36.56 -9.58
N LEU J 53 1.18 -35.33 -9.10
CA LEU J 53 2.22 -34.54 -8.46
C LEU J 53 2.97 -35.34 -7.40
N LYS J 54 2.21 -36.11 -6.62
CA LYS J 54 2.79 -36.96 -5.60
C LYS J 54 3.72 -38.03 -6.20
N LYS J 55 3.27 -38.76 -7.24
CA LYS J 55 4.17 -39.78 -7.82
C LYS J 55 5.44 -39.16 -8.39
N ALA J 56 5.28 -37.97 -9.01
CA ALA J 56 6.42 -37.19 -9.49
C ALA J 56 7.44 -36.91 -8.39
N ILE J 57 6.98 -36.21 -7.35
CA ILE J 57 7.87 -35.85 -6.24
C ILE J 57 8.51 -37.08 -5.63
N GLU J 58 7.77 -38.19 -5.61
CA GLU J 58 8.33 -39.46 -5.16
C GLU J 58 9.51 -39.84 -6.04
N LEU J 59 9.31 -39.77 -7.35
CA LEU J 59 10.37 -40.08 -8.31
C LEU J 59 11.63 -39.24 -8.11
N LEU J 60 11.45 -37.94 -7.85
CA LEU J 60 12.62 -37.08 -7.63
C LEU J 60 13.61 -37.66 -6.58
N GLU J 61 13.13 -38.50 -5.66
CA GLU J 61 14.05 -39.05 -4.66
C GLU J 61 14.96 -40.04 -5.37
N LYS J 62 14.39 -40.76 -6.32
CA LYS J 62 15.15 -41.71 -7.10
C LYS J 62 16.17 -40.94 -7.94
N VAL J 63 15.69 -39.92 -8.63
CA VAL J 63 16.56 -39.09 -9.47
C VAL J 63 17.75 -38.60 -8.69
N LYS J 64 17.50 -38.12 -7.47
CA LYS J 64 18.54 -37.53 -6.63
C LYS J 64 19.73 -38.47 -6.41
N ALA J 65 19.48 -39.76 -6.51
CA ALA J 65 20.54 -40.77 -6.29
C ALA J 65 21.70 -40.65 -7.29
N TYR J 66 21.44 -40.00 -8.42
CA TYR J 66 22.38 -39.93 -9.51
C TYR J 66 23.30 -38.72 -9.43
N ARG J 67 23.23 -37.99 -8.33
CA ARG J 67 24.14 -36.87 -8.14
C ARG J 67 25.60 -37.31 -8.13
N GLU J 68 25.83 -38.61 -7.92
CA GLU J 68 27.20 -39.13 -7.81
C GLU J 68 27.86 -39.24 -9.16
N TYR J 69 27.11 -38.92 -10.19
CA TYR J 69 27.64 -38.82 -11.54
C TYR J 69 27.52 -37.39 -12.05
N PRO J 70 28.39 -36.48 -11.60
CA PRO J 70 28.15 -35.08 -11.97
C PRO J 70 28.33 -34.79 -13.45
N GLU J 71 29.32 -35.42 -14.09
CA GLU J 71 29.30 -35.52 -15.54
C GLU J 71 27.99 -36.23 -15.81
N ILE J 72 27.23 -35.78 -16.79
CA ILE J 72 25.86 -36.29 -17.06
C ILE J 72 24.68 -35.83 -16.15
N TYR J 73 24.85 -35.77 -14.84
CA TYR J 73 23.69 -35.51 -13.95
C TYR J 73 22.99 -34.16 -14.18
N PHE J 74 23.77 -33.09 -14.12
CA PHE J 74 23.23 -31.77 -14.28
C PHE J 74 22.79 -31.49 -15.72
N TYR J 75 23.51 -32.06 -16.68
CA TYR J 75 23.07 -31.95 -18.06
C TYR J 75 21.72 -32.62 -18.29
N LEU J 76 21.51 -33.74 -17.63
CA LEU J 76 20.34 -34.56 -17.89
C LEU J 76 19.08 -34.12 -17.14
N CYS J 77 19.23 -33.71 -15.89
CA CYS J 77 18.06 -33.50 -15.02
C CYS J 77 17.18 -32.26 -15.29
N ASN J 78 17.71 -31.33 -16.07
CA ASN J 78 17.12 -30.01 -16.17
C ASN J 78 15.64 -29.93 -16.58
N ASP J 79 15.30 -30.48 -17.73
CA ASP J 79 13.94 -30.36 -18.23
C ASP J 79 12.92 -30.97 -17.28
N ALA J 80 13.20 -32.17 -16.78
CA ALA J 80 12.26 -32.81 -15.86
C ALA J 80 12.10 -31.95 -14.62
N MET J 81 13.22 -31.53 -14.03
CA MET J 81 13.15 -30.72 -12.82
C MET J 81 12.29 -29.46 -13.01
N GLN J 82 12.58 -28.74 -14.08
CA GLN J 82 11.80 -27.56 -14.43
C GLN J 82 10.32 -27.91 -14.59
N GLU J 83 10.03 -29.02 -15.27
CA GLU J 83 8.65 -29.42 -15.53
C GLU J 83 7.88 -29.69 -14.23
N LEU J 84 8.59 -30.32 -13.30
CA LEU J 84 8.04 -30.63 -11.98
C LEU J 84 7.72 -29.34 -11.22
N VAL J 85 8.73 -28.48 -11.07
CA VAL J 85 8.51 -27.16 -10.48
C VAL J 85 7.29 -26.41 -11.09
N GLU J 86 7.20 -26.37 -12.42
CA GLU J 86 6.04 -25.79 -13.11
C GLU J 86 4.73 -26.38 -12.58
N ALA J 87 4.61 -27.70 -12.65
CA ALA J 87 3.41 -28.39 -12.13
C ALA J 87 3.07 -28.06 -10.67
N ILE J 88 4.06 -28.10 -9.79
CA ILE J 88 3.82 -27.70 -8.40
C ILE J 88 3.34 -26.25 -8.25
N ALA J 89 4.03 -25.30 -8.87
CA ALA J 89 3.65 -23.88 -8.77
C ALA J 89 2.25 -23.63 -9.33
N PHE J 90 1.92 -24.33 -10.42
CA PHE J 90 0.62 -24.20 -11.06
C PHE J 90 -0.52 -24.71 -10.16
N LYS J 91 -0.36 -25.97 -9.71
CA LYS J 91 -1.34 -26.57 -8.81
C LYS J 91 -1.56 -25.70 -7.61
N ASN J 92 -0.45 -25.33 -6.96
CA ASN J 92 -0.48 -24.36 -5.84
C ASN J 92 -1.25 -23.07 -6.18
N ALA J 93 -1.04 -22.53 -7.37
CA ALA J 93 -1.74 -21.31 -7.77
C ALA J 93 -3.24 -21.52 -7.79
N ILE J 94 -3.70 -22.63 -8.35
CA ILE J 94 -5.15 -22.76 -8.47
C ILE J 94 -5.82 -23.22 -7.17
N SER J 95 -5.04 -23.79 -6.26
CA SER J 95 -5.56 -24.26 -4.98
C SER J 95 -5.51 -23.17 -3.90
N GLY J 96 -5.30 -21.94 -4.30
CA GLY J 96 -5.18 -20.87 -3.34
C GLY J 96 -4.05 -21.03 -2.34
N GLU J 97 -2.99 -21.73 -2.73
CA GLU J 97 -1.86 -21.97 -1.83
C GLU J 97 -0.53 -21.67 -2.52
N PHE J 98 -0.49 -20.60 -3.29
CA PHE J 98 0.72 -20.29 -4.05
C PHE J 98 1.84 -19.90 -3.11
N THR J 99 3.02 -20.49 -3.29
CA THR J 99 4.17 -20.16 -2.47
C THR J 99 5.49 -20.21 -3.24
N PHE J 100 6.35 -19.23 -3.00
CA PHE J 100 7.68 -19.30 -3.56
C PHE J 100 8.56 -20.25 -2.78
N GLU J 101 8.04 -20.75 -1.67
CA GLU J 101 8.83 -21.65 -0.83
C GLU J 101 8.67 -23.11 -1.21
N ILE J 102 8.91 -23.44 -2.47
CA ILE J 102 9.00 -24.84 -2.87
C ILE J 102 10.39 -25.35 -2.54
N ASP J 103 10.48 -26.23 -1.55
CA ASP J 103 11.79 -26.70 -1.08
C ASP J 103 12.28 -28.02 -1.69
N LEU J 104 12.70 -27.95 -2.96
CA LEU J 104 13.29 -29.11 -3.62
C LEU J 104 14.80 -28.93 -3.91
N GLU J 105 15.48 -30.07 -4.04
CA GLU J 105 16.88 -30.11 -4.45
C GLU J 105 16.95 -30.10 -5.97
N VAL J 106 17.03 -28.89 -6.51
CA VAL J 106 16.77 -28.65 -7.91
C VAL J 106 17.63 -27.45 -8.25
N THR J 107 18.04 -27.31 -9.50
CA THR J 107 18.96 -26.22 -9.86
C THR J 107 18.25 -24.86 -9.93
N PRO J 108 18.97 -23.77 -9.64
CA PRO J 108 18.45 -22.40 -9.76
C PRO J 108 17.72 -22.14 -11.09
N ALA J 109 18.31 -22.71 -12.13
CA ALA J 109 17.74 -22.69 -13.46
C ALA J 109 16.36 -23.35 -13.50
N ALA J 110 16.28 -24.58 -12.97
CA ALA J 110 15.03 -25.31 -13.02
C ALA J 110 13.94 -24.61 -12.20
N PHE J 111 14.31 -24.09 -11.04
CA PHE J 111 13.41 -23.37 -10.15
C PHE J 111 12.80 -22.15 -10.85
N LEU J 112 13.68 -21.19 -11.14
CA LEU J 112 13.27 -19.95 -11.78
C LEU J 112 12.44 -20.24 -13.05
N ASN J 113 12.97 -21.13 -13.89
CA ASN J 113 12.35 -21.42 -15.16
C ASN J 113 11.00 -22.08 -15.00
N GLY J 114 10.88 -22.93 -13.99
CA GLY J 114 9.62 -23.58 -13.70
C GLY J 114 8.53 -22.58 -13.35
N PHE J 115 8.83 -21.61 -12.47
CA PHE J 115 7.80 -20.60 -12.18
C PHE J 115 7.44 -19.81 -13.45
N ALA J 116 8.49 -19.40 -14.17
CA ALA J 116 8.28 -18.59 -15.35
C ALA J 116 7.37 -19.31 -16.30
N ALA J 117 7.59 -20.61 -16.38
CA ALA J 117 6.82 -21.47 -17.26
C ALA J 117 5.40 -21.52 -16.78
N ALA J 118 5.23 -21.57 -15.47
CA ALA J 118 3.90 -21.68 -14.90
C ALA J 118 3.07 -20.49 -15.31
N VAL J 119 3.72 -19.34 -15.54
CA VAL J 119 2.95 -18.15 -15.94
C VAL J 119 1.97 -18.39 -17.13
N GLY J 120 2.40 -19.15 -18.12
CA GLY J 120 1.58 -19.31 -19.31
C GLY J 120 0.47 -20.34 -19.19
N GLU J 121 0.77 -21.39 -18.43
CA GLU J 121 -0.19 -22.38 -17.99
C GLU J 121 -1.32 -21.65 -17.26
N LEU J 122 -0.90 -20.70 -16.41
CA LEU J 122 -1.82 -19.78 -15.75
C LEU J 122 -2.61 -18.91 -16.74
N ARG J 123 -1.97 -18.36 -17.77
CA ARG J 123 -2.74 -17.55 -18.72
C ARG J 123 -3.85 -18.40 -19.32
N ARG J 124 -3.48 -19.61 -19.75
CA ARG J 124 -4.45 -20.55 -20.31
C ARG J 124 -5.63 -20.75 -19.35
N TYR J 125 -5.32 -21.09 -18.10
CA TYR J 125 -6.34 -21.27 -17.09
C TYR J 125 -7.28 -20.08 -16.94
N ALA J 126 -6.67 -18.89 -16.86
CA ALA J 126 -7.38 -17.64 -16.61
C ALA J 126 -8.30 -17.30 -17.75
N LEU J 127 -7.86 -17.61 -18.97
CA LEU J 127 -8.67 -17.41 -20.16
C LEU J 127 -9.87 -18.37 -20.15
N THR J 128 -9.65 -19.65 -19.84
CA THR J 128 -10.81 -20.54 -19.79
C THR J 128 -11.83 -20.16 -18.69
N LYS J 129 -11.36 -19.75 -17.51
CA LYS J 129 -12.33 -19.27 -16.51
C LYS J 129 -13.04 -18.03 -17.04
N LEU J 130 -12.27 -17.15 -17.69
CA LEU J 130 -12.79 -15.90 -18.23
C LEU J 130 -13.97 -16.17 -19.19
N ILE J 131 -13.79 -17.14 -20.09
CA ILE J 131 -14.87 -17.56 -20.98
C ILE J 131 -16.12 -18.00 -20.20
N GLU J 132 -15.92 -18.88 -19.23
CA GLU J 132 -17.00 -19.45 -18.41
C GLU J 132 -17.63 -18.48 -17.41
N GLY J 133 -17.27 -17.21 -17.48
CA GLY J 133 -17.86 -16.20 -16.63
C GLY J 133 -17.28 -16.09 -15.23
N ASP J 134 -16.29 -16.92 -14.92
CA ASP J 134 -15.71 -16.96 -13.58
C ASP J 134 -14.62 -15.90 -13.38
N PHE J 135 -15.03 -14.64 -13.29
CA PHE J 135 -14.10 -13.53 -13.22
C PHE J 135 -13.18 -13.56 -11.99
N LYS J 136 -13.67 -14.11 -10.89
CA LYS J 136 -12.89 -14.10 -9.65
C LYS J 136 -11.62 -14.96 -9.81
N SER J 137 -11.80 -16.19 -10.30
CA SER J 137 -10.68 -17.06 -10.65
C SER J 137 -9.66 -16.36 -11.56
N ALA J 138 -10.16 -15.68 -12.58
CA ALA J 138 -9.27 -14.98 -13.49
C ALA J 138 -8.46 -13.96 -12.73
N GLU J 139 -9.13 -13.09 -11.98
CA GLU J 139 -8.42 -12.07 -11.23
C GLU J 139 -7.32 -12.67 -10.34
N ARG J 140 -7.65 -13.72 -9.58
CA ARG J 140 -6.64 -14.41 -8.78
C ARG J 140 -5.44 -14.88 -9.61
N MET J 141 -5.72 -15.62 -10.67
CA MET J 141 -4.66 -16.09 -11.53
C MET J 141 -3.77 -14.95 -12.00
N LEU J 142 -4.38 -13.89 -12.50
CA LEU J 142 -3.65 -12.74 -12.98
C LEU J 142 -2.74 -12.17 -11.87
N GLU J 143 -3.23 -12.18 -10.64
CA GLU J 143 -2.41 -11.73 -9.50
C GLU J 143 -1.18 -12.61 -9.25
N VAL J 144 -1.37 -13.93 -9.25
CA VAL J 144 -0.19 -14.78 -9.05
C VAL J 144 0.78 -14.66 -10.24
N MET J 145 0.23 -14.54 -11.44
CA MET J 145 1.02 -14.31 -12.65
C MET J 145 1.93 -13.12 -12.49
N GLU J 146 1.31 -11.98 -12.21
CA GLU J 146 2.04 -10.74 -12.02
C GLU J 146 3.08 -10.84 -10.90
N LYS J 147 2.73 -11.53 -9.81
CA LYS J 147 3.69 -11.72 -8.74
C LYS J 147 4.93 -12.53 -9.21
N ILE J 148 4.70 -13.59 -9.99
CA ILE J 148 5.80 -14.42 -10.47
C ILE J 148 6.72 -13.62 -11.37
N TYR J 149 6.12 -12.91 -12.33
CA TYR J 149 6.89 -12.04 -13.22
C TYR J 149 7.74 -11.08 -12.41
N GLU J 150 7.09 -10.35 -11.51
CA GLU J 150 7.74 -9.33 -10.70
C GLU J 150 8.93 -9.88 -9.89
N ARG J 151 8.72 -11.02 -9.24
CA ARG J 151 9.79 -11.62 -8.42
C ARG J 151 10.93 -12.17 -9.27
N LEU J 152 10.59 -12.73 -10.43
CA LEU J 152 11.57 -13.40 -11.29
C LEU J 152 12.42 -12.44 -12.13
N MET J 153 11.90 -11.24 -12.41
CA MET J 153 12.60 -10.34 -13.33
C MET J 153 13.99 -9.90 -12.88
N GLU J 154 14.28 -10.02 -11.58
CA GLU J 154 15.59 -9.60 -11.10
C GLU J 154 16.73 -10.58 -11.42
N PHE J 155 16.39 -11.85 -11.71
CA PHE J 155 17.41 -12.86 -12.03
C PHE J 155 17.81 -12.73 -13.48
N THR J 156 17.14 -11.82 -14.18
CA THR J 156 17.39 -11.61 -15.58
C THR J 156 18.77 -10.93 -15.85
N THR J 157 19.43 -10.45 -14.80
CA THR J 157 20.81 -9.94 -14.90
C THR J 157 21.87 -11.04 -14.95
N PHE J 158 21.50 -12.26 -14.60
CA PHE J 158 22.48 -13.35 -14.61
C PHE J 158 22.74 -13.82 -16.03
N PRO J 159 23.98 -14.29 -16.29
CA PRO J 159 24.35 -14.78 -17.61
C PRO J 159 23.39 -15.89 -18.04
N ASP J 160 22.95 -15.83 -19.29
CA ASP J 160 21.96 -16.76 -19.79
C ASP J 160 22.33 -18.21 -19.52
N LYS J 161 23.57 -18.61 -19.78
CA LYS J 161 23.94 -20.03 -19.59
C LYS J 161 23.66 -20.53 -18.17
N LEU J 162 23.67 -19.62 -17.22
CA LEU J 162 23.57 -20.00 -15.83
C LEU J 162 22.12 -20.16 -15.39
N VAL J 163 21.22 -19.74 -16.28
CA VAL J 163 19.84 -19.57 -15.90
C VAL J 163 19.01 -19.83 -17.18
N SER J 164 19.54 -20.75 -17.99
CA SER J 164 19.05 -21.10 -19.34
C SER J 164 18.02 -20.15 -19.95
N GLY J 165 16.90 -20.68 -20.40
CA GLY J 165 15.96 -19.85 -21.15
C GLY J 165 15.16 -18.78 -20.39
N LEU J 166 15.69 -18.28 -19.28
CA LEU J 166 14.91 -17.43 -18.40
C LEU J 166 14.37 -16.20 -19.09
N ARG J 167 15.24 -15.46 -19.77
CA ARG J 167 14.80 -14.24 -20.45
C ARG J 167 13.67 -14.50 -21.48
N LYS J 168 13.82 -15.49 -22.38
CA LYS J 168 12.76 -15.77 -23.35
C LYS J 168 11.44 -16.08 -22.63
N LYS J 169 11.54 -16.90 -21.57
CA LYS J 169 10.38 -17.32 -20.81
C LYS J 169 9.65 -16.11 -20.26
N LEU J 170 10.41 -15.24 -19.59
CA LEU J 170 9.88 -14.01 -19.05
C LEU J 170 9.32 -13.09 -20.13
N ASP J 171 9.90 -13.08 -21.32
CA ASP J 171 9.33 -12.31 -22.43
C ASP J 171 7.91 -12.79 -22.71
N VAL J 172 7.81 -14.08 -22.96
CA VAL J 172 6.52 -14.71 -23.13
C VAL J 172 5.55 -14.36 -21.99
N ALA J 173 6.05 -14.42 -20.76
CA ALA J 173 5.23 -14.10 -19.60
C ALA J 173 4.68 -12.69 -19.73
N ARG J 174 5.57 -11.74 -20.04
CA ARG J 174 5.20 -10.35 -20.14
C ARG J 174 4.00 -10.25 -21.07
N GLY J 175 4.17 -10.77 -22.28
CA GLY J 175 3.09 -10.75 -23.25
C GLY J 175 1.79 -11.40 -22.77
N GLY J 176 1.93 -12.50 -22.05
CA GLY J 176 0.76 -13.24 -21.60
C GLY J 176 -0.01 -12.42 -20.60
N ILE J 177 0.73 -11.78 -19.71
CA ILE J 177 0.15 -10.91 -18.71
C ILE J 177 -0.61 -9.80 -19.40
N GLU J 178 0.04 -9.16 -20.37
CA GLU J 178 -0.58 -8.05 -21.06
C GLU J 178 -1.89 -8.48 -21.72
N ARG J 179 -1.86 -9.61 -22.40
N ARG J 179 -1.83 -9.62 -22.39
CA ARG J 179 -3.06 -10.05 -23.10
CA ARG J 179 -2.96 -10.15 -23.12
C ARG J 179 -4.16 -10.56 -22.17
C ARG J 179 -4.12 -10.57 -22.19
N THR J 180 -3.76 -11.16 -21.04
CA THR J 180 -4.75 -11.64 -20.09
C THR J 180 -5.46 -10.50 -19.38
N LYS J 181 -4.70 -9.48 -18.97
CA LYS J 181 -5.33 -8.23 -18.52
C LYS J 181 -6.34 -7.75 -19.54
N SER J 182 -5.88 -7.52 -20.78
CA SER J 182 -6.83 -7.08 -21.80
C SER J 182 -8.08 -7.96 -21.87
N ASP J 183 -7.88 -9.28 -21.93
CA ASP J 183 -8.99 -10.22 -22.07
C ASP J 183 -9.98 -10.04 -20.94
N TYR J 184 -9.45 -9.97 -19.72
CA TYR J 184 -10.25 -9.74 -18.51
C TYR J 184 -11.10 -8.50 -18.64
N ILE J 185 -10.47 -7.35 -18.92
CA ILE J 185 -11.24 -6.13 -19.13
C ILE J 185 -12.34 -6.23 -20.22
N ALA J 186 -11.98 -6.81 -21.36
CA ALA J 186 -12.95 -7.01 -22.43
C ALA J 186 -14.15 -7.85 -21.98
N ALA J 187 -13.85 -8.93 -21.26
CA ALA J 187 -14.90 -9.81 -20.77
C ALA J 187 -15.77 -9.07 -19.76
N LYS J 188 -15.14 -8.22 -18.95
CA LYS J 188 -15.87 -7.44 -17.96
C LYS J 188 -16.89 -6.52 -18.63
N VAL J 189 -16.45 -5.71 -19.59
CA VAL J 189 -17.44 -4.92 -20.33
C VAL J 189 -18.49 -5.83 -20.98
N ALA J 190 -18.04 -6.95 -21.55
CA ALA J 190 -18.93 -7.89 -22.23
C ALA J 190 -20.06 -8.38 -21.33
N ARG J 191 -19.79 -8.52 -20.03
CA ARG J 191 -20.88 -8.84 -19.09
C ARG J 191 -21.36 -7.62 -18.30
N LEU J 192 -21.83 -6.62 -19.03
CA LEU J 192 -22.73 -5.63 -18.48
C LEU J 192 -23.96 -5.70 -19.38
N ASN J 193 -23.81 -6.49 -20.46
CA ASN J 193 -24.88 -6.85 -21.37
C ASN J 193 -25.20 -8.34 -21.25
N MET K 4 23.10 -63.75 -60.12
CA MET K 4 24.29 -62.92 -59.88
C MET K 4 23.97 -61.57 -59.23
N ARG K 5 24.38 -61.44 -57.96
CA ARG K 5 23.97 -60.36 -57.04
C ARG K 5 23.91 -58.93 -57.59
N LEU K 6 24.94 -58.52 -58.32
CA LEU K 6 24.96 -57.20 -58.96
C LEU K 6 23.74 -56.96 -59.87
N GLU K 7 23.26 -58.02 -60.50
CA GLU K 7 22.12 -57.90 -61.39
C GLU K 7 20.83 -57.82 -60.58
N GLU K 8 20.82 -58.47 -59.41
CA GLU K 8 19.69 -58.35 -58.49
C GLU K 8 19.59 -56.90 -57.96
N CYS K 9 20.75 -56.31 -57.66
CA CYS K 9 20.87 -54.89 -57.33
C CYS K 9 20.28 -54.02 -58.44
N ARG K 10 20.92 -54.05 -59.62
CA ARG K 10 20.44 -53.31 -60.79
C ARG K 10 18.92 -53.42 -61.00
N LYS K 11 18.41 -54.64 -60.95
CA LYS K 11 16.98 -54.88 -61.09
C LYS K 11 16.21 -54.07 -60.04
N ARG K 12 16.47 -54.39 -58.78
CA ARG K 12 15.77 -53.75 -57.66
C ARG K 12 15.85 -52.21 -57.68
N LEU K 13 16.98 -51.66 -58.12
CA LEU K 13 17.14 -50.22 -58.25
C LEU K 13 16.30 -49.63 -59.39
N GLU K 14 16.18 -50.36 -60.50
CA GLU K 14 15.32 -49.88 -61.59
C GLU K 14 13.85 -49.88 -61.13
N GLU K 15 13.45 -50.99 -60.52
CA GLU K 15 12.14 -51.11 -59.88
C GLU K 15 11.85 -49.91 -58.95
N LEU K 16 12.75 -49.69 -57.99
CA LEU K 16 12.61 -48.62 -57.04
C LEU K 16 12.54 -47.23 -57.68
N GLU K 17 13.40 -46.93 -58.65
CA GLU K 17 13.38 -45.61 -59.29
C GLU K 17 12.01 -45.37 -59.91
N ALA K 18 11.52 -46.41 -60.60
CA ALA K 18 10.20 -46.34 -61.21
C ALA K 18 9.10 -46.07 -60.16
N ALA K 19 9.05 -46.97 -59.17
CA ALA K 19 8.03 -46.91 -58.13
C ALA K 19 8.01 -45.54 -57.47
N ARG K 20 9.19 -45.04 -57.11
CA ARG K 20 9.31 -43.72 -56.52
C ARG K 20 8.67 -42.67 -57.41
N GLU K 21 8.96 -42.73 -58.71
CA GLU K 21 8.39 -41.72 -59.61
C GLU K 21 6.85 -41.77 -59.58
N GLU K 22 6.30 -42.94 -59.88
CA GLU K 22 4.85 -43.12 -59.93
C GLU K 22 4.17 -42.71 -58.63
N LEU K 23 4.62 -43.35 -57.53
CA LEU K 23 4.17 -43.05 -56.17
C LEU K 23 4.11 -41.55 -55.95
N LEU K 24 5.20 -40.85 -56.25
CA LEU K 24 5.25 -39.41 -56.10
C LEU K 24 4.15 -38.70 -56.87
N LYS K 25 3.89 -39.15 -58.10
CA LYS K 25 2.80 -38.53 -58.87
C LYS K 25 1.49 -38.68 -58.13
N VAL K 26 1.16 -39.93 -57.79
CA VAL K 26 -0.09 -40.25 -57.10
C VAL K 26 -0.25 -39.42 -55.84
N LEU K 27 0.72 -39.55 -54.92
CA LEU K 27 0.75 -38.75 -53.71
C LEU K 27 0.50 -37.25 -53.98
N ARG K 28 1.11 -36.71 -55.05
CA ARG K 28 0.97 -35.29 -55.36
C ARG K 28 -0.46 -34.93 -55.75
N GLU K 29 -1.10 -35.82 -56.50
CA GLU K 29 -2.48 -35.60 -56.88
C GLU K 29 -3.39 -35.68 -55.65
N MET K 30 -3.11 -36.66 -54.81
CA MET K 30 -3.86 -36.80 -53.57
C MET K 30 -3.79 -35.50 -52.77
N ARG K 31 -2.58 -34.98 -52.61
CA ARG K 31 -2.33 -33.77 -51.81
C ARG K 31 -3.10 -32.60 -52.39
N ILE K 32 -3.09 -32.50 -53.73
CA ILE K 32 -3.84 -31.44 -54.38
C ILE K 32 -5.33 -31.52 -54.06
N HIS K 33 -5.90 -32.72 -54.09
CA HIS K 33 -7.31 -32.85 -53.75
C HIS K 33 -7.64 -32.55 -52.28
N SER K 34 -6.78 -33.01 -51.37
CA SER K 34 -6.93 -32.67 -49.95
C SER K 34 -6.96 -31.14 -49.77
N THR K 35 -5.96 -30.48 -50.36
CA THR K 35 -5.80 -29.05 -50.19
C THR K 35 -7.01 -28.31 -50.73
N LYS K 36 -7.43 -28.72 -51.92
CA LYS K 36 -8.59 -28.13 -52.56
C LYS K 36 -9.81 -28.27 -51.64
N SER K 37 -10.01 -29.49 -51.11
CA SER K 37 -11.06 -29.78 -50.13
C SER K 37 -11.08 -28.76 -48.99
N ILE K 38 -9.95 -28.61 -48.31
CA ILE K 38 -9.83 -27.67 -47.22
C ILE K 38 -10.22 -26.26 -47.62
N ALA K 39 -9.66 -25.78 -48.74
CA ALA K 39 -9.95 -24.42 -49.19
C ALA K 39 -11.45 -24.25 -49.48
N LEU K 40 -12.04 -25.29 -50.08
CA LEU K 40 -13.47 -25.29 -50.36
C LEU K 40 -14.29 -25.14 -49.11
N ILE K 41 -13.95 -25.93 -48.09
CA ILE K 41 -14.61 -25.78 -46.80
C ILE K 41 -14.49 -24.35 -46.28
N HIS K 42 -13.31 -23.74 -46.37
CA HIS K 42 -13.20 -22.34 -45.92
C HIS K 42 -14.12 -21.45 -46.74
N ALA K 43 -14.33 -21.83 -47.99
CA ALA K 43 -15.12 -21.03 -48.91
C ALA K 43 -16.63 -21.21 -48.76
N GLY K 44 -17.05 -22.24 -48.02
CA GLY K 44 -18.46 -22.52 -47.81
C GLY K 44 -19.02 -23.69 -48.61
N LYS K 45 -18.37 -24.01 -49.71
CA LYS K 45 -18.85 -25.05 -50.62
C LYS K 45 -18.54 -26.44 -50.10
N VAL K 46 -19.26 -26.89 -49.08
CA VAL K 46 -18.93 -28.19 -48.48
C VAL K 46 -19.25 -29.39 -49.37
N GLU K 47 -20.20 -29.22 -50.30
CA GLU K 47 -20.54 -30.30 -51.23
C GLU K 47 -19.34 -30.67 -52.13
N GLU K 48 -18.79 -29.70 -52.86
CA GLU K 48 -17.62 -30.02 -53.68
C GLU K 48 -16.36 -30.31 -52.86
N ALA K 49 -16.39 -29.90 -51.59
CA ALA K 49 -15.35 -30.30 -50.66
C ALA K 49 -15.42 -31.80 -50.47
N GLU K 50 -16.63 -32.32 -50.26
CA GLU K 50 -16.83 -33.77 -50.11
C GLU K 50 -16.44 -34.50 -51.38
N GLN K 51 -16.72 -33.87 -52.53
CA GLN K 51 -16.33 -34.43 -53.82
C GLN K 51 -14.82 -34.63 -53.88
N GLU K 52 -14.12 -33.50 -53.75
CA GLU K 52 -12.66 -33.48 -53.81
C GLU K 52 -12.08 -34.47 -52.84
N LEU K 53 -12.69 -34.54 -51.66
CA LEU K 53 -12.30 -35.50 -50.63
C LEU K 53 -12.37 -36.96 -51.09
N LYS K 54 -13.51 -37.32 -51.69
CA LYS K 54 -13.70 -38.68 -52.22
C LYS K 54 -12.60 -38.99 -53.24
N LYS K 55 -12.30 -38.00 -54.08
CA LYS K 55 -11.23 -38.14 -55.07
C LYS K 55 -9.90 -38.46 -54.37
N ALA K 56 -9.62 -37.70 -53.31
CA ALA K 56 -8.43 -37.94 -52.49
C ALA K 56 -8.37 -39.40 -52.03
N ILE K 57 -9.43 -39.88 -51.39
CA ILE K 57 -9.42 -41.24 -50.87
C ILE K 57 -9.28 -42.39 -51.90
N GLU K 58 -9.92 -42.25 -53.05
CA GLU K 58 -9.68 -43.22 -54.11
C GLU K 58 -8.19 -43.24 -54.42
N LEU K 59 -7.65 -42.03 -54.60
CA LEU K 59 -6.22 -41.93 -54.87
C LEU K 59 -5.37 -42.54 -53.76
N LEU K 60 -5.92 -42.61 -52.55
CA LEU K 60 -5.22 -43.21 -51.42
C LEU K 60 -5.18 -44.72 -51.58
N GLU K 61 -6.22 -45.32 -52.17
CA GLU K 61 -6.12 -46.75 -52.49
C GLU K 61 -4.98 -46.95 -53.49
N LYS K 62 -4.99 -46.10 -54.52
CA LYS K 62 -3.89 -46.16 -55.50
C LYS K 62 -2.50 -46.05 -54.83
N VAL K 63 -2.37 -45.12 -53.88
CA VAL K 63 -1.15 -44.96 -53.09
C VAL K 63 -0.77 -46.23 -52.36
N LYS K 64 -1.74 -46.79 -51.63
CA LYS K 64 -1.53 -48.00 -50.81
C LYS K 64 -0.98 -49.13 -51.67
N ALA K 65 -1.29 -49.11 -52.97
CA ALA K 65 -0.65 -50.08 -53.89
C ALA K 65 0.89 -50.27 -53.72
N TYR K 66 1.60 -49.20 -53.34
CA TYR K 66 3.07 -49.26 -53.30
C TYR K 66 3.71 -49.67 -51.98
N ARG K 67 2.94 -50.32 -51.11
CA ARG K 67 3.48 -50.78 -49.83
C ARG K 67 4.48 -51.91 -50.04
N GLU K 68 4.51 -52.50 -51.25
CA GLU K 68 5.40 -53.64 -51.52
C GLU K 68 6.83 -53.15 -51.78
N TYR K 69 7.00 -51.86 -51.58
CA TYR K 69 8.31 -51.25 -51.59
C TYR K 69 8.53 -50.57 -50.22
N PRO K 70 8.72 -51.38 -49.16
CA PRO K 70 8.94 -50.84 -47.82
C PRO K 70 10.01 -49.75 -47.79
N GLU K 71 11.25 -50.06 -48.20
CA GLU K 71 12.22 -48.99 -48.46
C GLU K 71 11.56 -48.05 -49.47
N ILE K 72 11.87 -46.76 -49.42
CA ILE K 72 10.93 -45.73 -49.90
C ILE K 72 9.58 -45.87 -49.15
N TYR K 73 8.44 -45.79 -49.83
CA TYR K 73 7.11 -45.74 -49.20
C TYR K 73 6.96 -44.88 -47.94
N PHE K 74 7.26 -45.46 -46.78
CA PHE K 74 7.18 -44.73 -45.49
C PHE K 74 7.98 -43.41 -45.42
N TYR K 75 9.09 -43.33 -46.15
CA TYR K 75 9.95 -42.14 -46.24
C TYR K 75 9.27 -40.99 -46.90
N LEU K 76 8.14 -41.26 -47.57
CA LEU K 76 7.56 -40.24 -48.41
C LEU K 76 6.04 -40.27 -48.57
N CYS K 77 5.37 -41.01 -47.70
CA CYS K 77 3.92 -41.06 -47.74
C CYS K 77 3.36 -39.97 -46.86
N ASN K 78 3.96 -39.88 -45.67
CA ASN K 78 3.53 -39.00 -44.59
C ASN K 78 2.77 -37.73 -44.95
N ASP K 79 3.46 -36.80 -45.61
CA ASP K 79 2.87 -35.51 -45.90
C ASP K 79 1.48 -35.67 -46.50
N ALA K 80 1.40 -36.43 -47.59
CA ALA K 80 0.11 -36.59 -48.26
C ALA K 80 -0.93 -37.17 -47.30
N MET K 81 -0.54 -38.26 -46.63
CA MET K 81 -1.39 -38.89 -45.64
C MET K 81 -1.86 -37.88 -44.59
N GLN K 82 -0.93 -37.11 -44.05
CA GLN K 82 -1.30 -36.12 -43.05
C GLN K 82 -2.45 -35.27 -43.55
N GLU K 83 -2.29 -34.71 -44.75
CA GLU K 83 -3.26 -33.73 -45.21
C GLU K 83 -4.60 -34.39 -45.40
N LEU K 84 -4.57 -35.64 -45.85
CA LEU K 84 -5.82 -36.37 -46.02
C LEU K 84 -6.57 -36.34 -44.68
N VAL K 85 -5.92 -36.87 -43.64
CA VAL K 85 -6.52 -36.90 -42.32
C VAL K 85 -6.96 -35.51 -41.91
N GLU K 86 -6.08 -34.53 -42.12
CA GLU K 86 -6.36 -33.16 -41.70
C GLU K 86 -7.67 -32.76 -42.35
N ALA K 87 -7.71 -32.90 -43.68
CA ALA K 87 -8.85 -32.44 -44.46
C ALA K 87 -10.11 -33.10 -43.94
N ILE K 88 -10.04 -34.41 -43.75
CA ILE K 88 -11.21 -35.16 -43.30
C ILE K 88 -11.68 -34.62 -41.96
N ALA K 89 -10.77 -34.54 -41.00
CA ALA K 89 -11.12 -34.11 -39.67
C ALA K 89 -11.78 -32.76 -39.79
N PHE K 90 -11.19 -31.94 -40.67
CA PHE K 90 -11.64 -30.55 -40.81
C PHE K 90 -13.10 -30.51 -41.27
N LYS K 91 -13.40 -31.26 -42.34
CA LYS K 91 -14.77 -31.30 -42.84
C LYS K 91 -15.67 -31.75 -41.69
N ASN K 92 -15.28 -32.84 -41.04
CA ASN K 92 -16.12 -33.43 -40.02
C ASN K 92 -16.38 -32.46 -38.90
N ALA K 93 -15.39 -31.63 -38.56
CA ALA K 93 -15.60 -30.70 -37.46
C ALA K 93 -16.72 -29.72 -37.84
N ILE K 94 -16.64 -29.15 -39.04
CA ILE K 94 -17.56 -28.07 -39.35
C ILE K 94 -18.97 -28.61 -39.65
N SER K 95 -19.07 -29.92 -39.84
CA SER K 95 -20.35 -30.56 -40.10
C SER K 95 -20.98 -31.01 -38.79
N GLY K 96 -20.28 -30.77 -37.69
CA GLY K 96 -20.78 -31.16 -36.38
C GLY K 96 -20.83 -32.65 -36.22
N GLU K 97 -19.91 -33.33 -36.88
CA GLU K 97 -19.82 -34.78 -36.80
C GLU K 97 -18.36 -35.17 -36.67
N PHE K 98 -17.69 -34.56 -35.69
CA PHE K 98 -16.24 -34.77 -35.54
C PHE K 98 -15.98 -36.14 -34.91
N THR K 99 -15.06 -36.90 -35.49
CA THR K 99 -14.70 -38.16 -34.84
C THR K 99 -13.19 -38.46 -34.86
N PHE K 100 -12.69 -39.15 -33.84
CA PHE K 100 -11.32 -39.66 -33.87
C PHE K 100 -11.33 -41.02 -34.55
N GLU K 101 -12.51 -41.46 -34.96
CA GLU K 101 -12.70 -42.77 -35.57
C GLU K 101 -12.73 -42.69 -37.07
N ILE K 102 -11.64 -42.19 -37.62
CA ILE K 102 -11.40 -42.19 -39.04
C ILE K 102 -10.58 -43.44 -39.36
N ASP K 103 -11.12 -44.26 -40.25
CA ASP K 103 -10.53 -45.55 -40.52
C ASP K 103 -9.81 -45.57 -41.86
N LEU K 104 -8.51 -45.31 -41.84
CA LEU K 104 -7.71 -45.30 -43.07
C LEU K 104 -6.40 -46.03 -42.83
N GLU K 105 -5.88 -46.68 -43.85
CA GLU K 105 -4.57 -47.34 -43.72
C GLU K 105 -3.48 -46.31 -43.92
N VAL K 106 -3.06 -45.73 -42.80
CA VAL K 106 -2.28 -44.52 -42.78
C VAL K 106 -1.34 -44.69 -41.59
N THR K 107 -0.20 -44.01 -41.56
CA THR K 107 0.74 -44.24 -40.45
C THR K 107 0.33 -43.46 -39.19
N PRO K 108 0.61 -44.04 -38.00
CA PRO K 108 0.35 -43.38 -36.71
C PRO K 108 0.79 -41.92 -36.69
N ALA K 109 2.04 -41.68 -37.10
CA ALA K 109 2.53 -40.32 -37.17
C ALA K 109 1.59 -39.45 -38.01
N ALA K 110 1.11 -39.98 -39.15
CA ALA K 110 0.30 -39.17 -40.04
C ALA K 110 -1.11 -38.92 -39.48
N PHE K 111 -1.69 -39.95 -38.88
CA PHE K 111 -2.98 -39.81 -38.22
C PHE K 111 -2.92 -38.68 -37.18
N LEU K 112 -2.07 -38.89 -36.19
CA LEU K 112 -1.86 -37.93 -35.12
C LEU K 112 -1.62 -36.50 -35.65
N ASN K 113 -0.69 -36.40 -36.60
CA ASN K 113 -0.28 -35.09 -37.06
C ASN K 113 -1.36 -34.40 -37.88
N GLY K 114 -2.13 -35.18 -38.61
CA GLY K 114 -3.23 -34.63 -39.37
C GLY K 114 -4.25 -33.99 -38.43
N PHE K 115 -4.60 -34.74 -37.36
CA PHE K 115 -5.53 -34.17 -36.40
C PHE K 115 -4.95 -32.88 -35.83
N ALA K 116 -3.66 -32.91 -35.48
CA ALA K 116 -3.00 -31.71 -34.96
C ALA K 116 -3.13 -30.53 -35.92
N ALA K 117 -2.87 -30.80 -37.19
CA ALA K 117 -2.93 -29.77 -38.21
C ALA K 117 -4.33 -29.16 -38.36
N ALA K 118 -5.36 -29.96 -38.14
CA ALA K 118 -6.71 -29.43 -38.27
C ALA K 118 -6.93 -28.23 -37.37
N VAL K 119 -6.29 -28.23 -36.21
CA VAL K 119 -6.49 -27.18 -35.21
C VAL K 119 -6.32 -25.80 -35.84
N GLY K 120 -5.37 -25.71 -36.76
CA GLY K 120 -5.07 -24.45 -37.41
C GLY K 120 -6.20 -24.01 -38.29
N GLU K 121 -6.67 -24.94 -39.12
CA GLU K 121 -7.73 -24.65 -40.06
C GLU K 121 -8.92 -24.17 -39.26
N LEU K 122 -9.11 -24.83 -38.13
CA LEU K 122 -10.20 -24.51 -37.25
C LEU K 122 -10.07 -23.09 -36.69
N ARG K 123 -8.85 -22.68 -36.34
CA ARG K 123 -8.67 -21.31 -35.86
C ARG K 123 -9.04 -20.32 -36.95
N ARG K 124 -8.57 -20.59 -38.17
CA ARG K 124 -8.92 -19.76 -39.33
C ARG K 124 -10.44 -19.60 -39.50
N TYR K 125 -11.11 -20.75 -39.46
CA TYR K 125 -12.55 -20.82 -39.62
C TYR K 125 -13.27 -20.03 -38.53
N ALA K 126 -12.94 -20.36 -37.29
CA ALA K 126 -13.63 -19.78 -36.16
C ALA K 126 -13.42 -18.28 -36.17
N LEU K 127 -12.31 -17.86 -36.76
CA LEU K 127 -11.96 -16.45 -36.78
C LEU K 127 -12.81 -15.73 -37.82
N THR K 128 -12.94 -16.29 -39.01
CA THR K 128 -13.75 -15.60 -40.00
C THR K 128 -15.23 -15.61 -39.58
N LYS K 129 -15.67 -16.66 -38.90
CA LYS K 129 -17.05 -16.70 -38.39
C LYS K 129 -17.22 -15.69 -37.24
N LEU K 130 -16.19 -15.57 -36.42
CA LEU K 130 -16.18 -14.58 -35.38
C LEU K 130 -16.45 -13.22 -36.02
N ILE K 131 -15.76 -12.92 -37.13
CA ILE K 131 -16.00 -11.65 -37.81
C ILE K 131 -17.38 -11.54 -38.46
N GLU K 132 -17.91 -12.62 -39.04
CA GLU K 132 -19.26 -12.59 -39.62
C GLU K 132 -20.37 -12.50 -38.57
N GLY K 133 -20.00 -12.62 -37.29
CA GLY K 133 -20.97 -12.49 -36.20
C GLY K 133 -21.50 -13.79 -35.63
N ASP K 134 -21.18 -14.89 -36.30
CA ASP K 134 -21.65 -16.24 -35.96
C ASP K 134 -20.93 -16.84 -34.74
N PHE K 135 -21.25 -16.37 -33.54
CA PHE K 135 -20.55 -16.87 -32.34
C PHE K 135 -20.74 -18.36 -32.06
N LYS K 136 -21.88 -18.90 -32.48
CA LYS K 136 -22.15 -20.32 -32.28
C LYS K 136 -21.10 -21.19 -32.96
N SER K 137 -20.88 -20.96 -34.25
CA SER K 137 -19.94 -21.78 -35.01
C SER K 137 -18.56 -21.65 -34.39
N ALA K 138 -18.22 -20.43 -34.00
CA ALA K 138 -16.94 -20.17 -33.39
C ALA K 138 -16.77 -21.01 -32.14
N GLU K 139 -17.69 -20.91 -31.19
CA GLU K 139 -17.53 -21.68 -29.96
C GLU K 139 -17.54 -23.20 -30.17
N ARG K 140 -18.26 -23.66 -31.20
CA ARG K 140 -18.21 -25.08 -31.49
C ARG K 140 -16.81 -25.47 -32.03
N MET K 141 -16.29 -24.65 -32.93
CA MET K 141 -14.94 -24.83 -33.42
C MET K 141 -13.94 -24.91 -32.27
N LEU K 142 -13.92 -23.85 -31.45
CA LEU K 142 -13.16 -23.82 -30.21
C LEU K 142 -13.22 -25.16 -29.49
N GLU K 143 -14.44 -25.67 -29.27
CA GLU K 143 -14.61 -26.95 -28.58
C GLU K 143 -13.93 -28.14 -29.25
N VAL K 144 -14.08 -28.27 -30.57
CA VAL K 144 -13.37 -29.37 -31.23
C VAL K 144 -11.84 -29.17 -31.19
N MET K 145 -11.40 -27.90 -31.19
CA MET K 145 -9.97 -27.57 -31.07
C MET K 145 -9.42 -28.12 -29.76
N GLU K 146 -10.00 -27.64 -28.66
CA GLU K 146 -9.63 -28.09 -27.33
C GLU K 146 -9.70 -29.61 -27.17
N LYS K 147 -10.69 -30.22 -27.83
CA LYS K 147 -10.78 -31.66 -27.82
C LYS K 147 -9.57 -32.31 -28.50
N ILE K 148 -9.22 -31.81 -29.69
CA ILE K 148 -8.11 -32.37 -30.43
C ILE K 148 -6.81 -32.25 -29.64
N TYR K 149 -6.52 -31.05 -29.15
CA TYR K 149 -5.35 -30.86 -28.32
C TYR K 149 -5.30 -31.82 -27.15
N GLU K 150 -6.37 -31.82 -26.34
CA GLU K 150 -6.34 -32.57 -25.08
C GLU K 150 -6.17 -34.06 -25.34
N ARG K 151 -6.80 -34.56 -26.39
CA ARG K 151 -6.74 -36.00 -26.65
C ARG K 151 -5.37 -36.38 -27.21
N LEU K 152 -4.84 -35.50 -28.06
CA LEU K 152 -3.60 -35.75 -28.77
C LEU K 152 -2.35 -35.59 -27.88
N MET K 153 -2.43 -34.73 -26.86
CA MET K 153 -1.32 -34.56 -25.91
C MET K 153 -0.92 -35.88 -25.27
N GLU K 154 -1.88 -36.79 -25.17
CA GLU K 154 -1.65 -38.10 -24.55
C GLU K 154 -0.56 -38.91 -25.25
N PHE K 155 -0.25 -38.54 -26.51
CA PHE K 155 0.78 -39.24 -27.29
C PHE K 155 2.15 -38.57 -27.24
N THR K 156 2.20 -37.41 -26.58
CA THR K 156 3.46 -36.72 -26.31
C THR K 156 4.48 -37.63 -25.59
N THR K 157 3.98 -38.58 -24.79
CA THR K 157 4.81 -39.54 -24.04
C THR K 157 5.75 -40.38 -24.91
N PHE K 158 5.62 -40.27 -26.23
CA PHE K 158 6.47 -41.04 -27.13
C PHE K 158 7.68 -40.25 -27.58
N PRO K 159 8.80 -40.96 -27.83
CA PRO K 159 9.99 -40.34 -28.40
C PRO K 159 9.60 -39.64 -29.69
N ASP K 160 10.04 -38.39 -29.82
CA ASP K 160 9.60 -37.51 -30.91
C ASP K 160 9.75 -38.13 -32.31
N LYS K 161 10.85 -38.82 -32.57
CA LYS K 161 11.12 -39.33 -33.90
C LYS K 161 9.99 -40.26 -34.36
N LEU K 162 9.35 -40.95 -33.43
CA LEU K 162 8.31 -41.92 -33.76
C LEU K 162 7.01 -41.21 -34.08
N VAL K 163 6.84 -40.05 -33.49
CA VAL K 163 5.57 -39.37 -33.49
C VAL K 163 5.72 -38.06 -34.29
N SER K 164 6.76 -38.04 -35.14
CA SER K 164 6.99 -36.96 -36.12
C SER K 164 7.08 -35.61 -35.42
N GLY K 165 6.46 -34.59 -35.97
CA GLY K 165 6.58 -33.26 -35.37
C GLY K 165 5.49 -32.91 -34.38
N LEU K 166 5.06 -33.90 -33.59
CA LEU K 166 3.82 -33.80 -32.83
C LEU K 166 3.86 -32.76 -31.72
N ARG K 167 4.93 -32.76 -30.93
CA ARG K 167 5.04 -31.79 -29.84
C ARG K 167 5.03 -30.35 -30.37
N LYS K 168 5.88 -30.07 -31.35
CA LYS K 168 5.90 -28.75 -31.98
C LYS K 168 4.50 -28.34 -32.44
N LYS K 169 3.84 -29.22 -33.18
CA LYS K 169 2.56 -28.87 -33.78
C LYS K 169 1.55 -28.59 -32.68
N LEU K 170 1.50 -29.45 -31.68
CA LEU K 170 0.60 -29.24 -30.56
C LEU K 170 0.84 -27.93 -29.82
N ASP K 171 2.11 -27.53 -29.64
CA ASP K 171 2.41 -26.22 -29.03
C ASP K 171 1.89 -25.05 -29.85
N VAL K 172 2.10 -25.13 -31.15
CA VAL K 172 1.44 -24.20 -32.06
C VAL K 172 -0.08 -24.17 -31.91
N ALA K 173 -0.70 -25.35 -31.83
CA ALA K 173 -2.15 -25.49 -31.64
C ALA K 173 -2.59 -24.76 -30.40
N ARG K 174 -1.86 -24.98 -29.32
CA ARG K 174 -2.18 -24.41 -28.01
C ARG K 174 -2.18 -22.89 -28.08
N GLY K 175 -1.16 -22.35 -28.73
CA GLY K 175 -1.11 -20.92 -28.97
C GLY K 175 -2.30 -20.41 -29.75
N GLY K 176 -2.65 -21.15 -30.79
CA GLY K 176 -3.84 -20.84 -31.56
C GLY K 176 -5.12 -20.84 -30.73
N ILE K 177 -5.30 -21.85 -29.88
CA ILE K 177 -6.48 -21.95 -29.05
C ILE K 177 -6.59 -20.71 -28.15
N GLU K 178 -5.48 -20.36 -27.49
CA GLU K 178 -5.53 -19.15 -26.67
C GLU K 178 -5.87 -17.89 -27.52
N ARG K 179 -5.27 -17.77 -28.71
CA ARG K 179 -5.56 -16.60 -29.55
C ARG K 179 -7.05 -16.51 -29.92
N THR K 180 -7.63 -17.67 -30.24
CA THR K 180 -9.02 -17.77 -30.67
C THR K 180 -9.97 -17.47 -29.53
N LYS K 181 -9.65 -17.94 -28.32
CA LYS K 181 -10.45 -17.57 -27.16
C LYS K 181 -10.45 -16.05 -26.94
N SER K 182 -9.25 -15.44 -26.89
CA SER K 182 -9.16 -13.99 -26.80
C SER K 182 -10.00 -13.30 -27.87
N ASP K 183 -9.91 -13.80 -29.10
CA ASP K 183 -10.68 -13.25 -30.22
C ASP K 183 -12.19 -13.37 -29.98
N TYR K 184 -12.63 -14.52 -29.49
CA TYR K 184 -14.01 -14.73 -29.15
C TYR K 184 -14.50 -13.65 -28.14
N ILE K 185 -13.80 -13.51 -27.00
CA ILE K 185 -14.16 -12.49 -26.01
C ILE K 185 -14.24 -11.09 -26.64
N ALA K 186 -13.21 -10.78 -27.43
CA ALA K 186 -13.07 -9.49 -28.09
C ALA K 186 -14.18 -9.21 -29.11
N ALA K 187 -14.64 -10.28 -29.73
CA ALA K 187 -15.68 -10.18 -30.75
C ALA K 187 -17.01 -9.94 -30.06
N LYS K 188 -17.19 -10.62 -28.92
CA LYS K 188 -18.39 -10.43 -28.09
C LYS K 188 -18.50 -8.97 -27.72
N VAL K 189 -17.48 -8.46 -27.03
CA VAL K 189 -17.54 -7.07 -26.58
C VAL K 189 -17.62 -6.08 -27.76
N ALA K 190 -16.94 -6.40 -28.87
CA ALA K 190 -16.99 -5.55 -30.07
C ALA K 190 -18.40 -5.39 -30.58
N ARG K 191 -19.04 -6.54 -30.79
CA ARG K 191 -20.43 -6.57 -31.21
C ARG K 191 -21.34 -6.12 -30.08
N LEU K 192 -21.63 -4.82 -30.02
CA LEU K 192 -22.58 -4.25 -29.06
C LEU K 192 -23.35 -3.07 -29.64
N MET L 4 40.79 -18.89 -82.20
CA MET L 4 41.43 -19.72 -81.17
C MET L 4 40.58 -19.83 -79.90
N ARG L 5 39.55 -20.68 -79.96
CA ARG L 5 38.74 -21.16 -78.84
C ARG L 5 38.96 -20.57 -77.44
N LEU L 6 40.08 -20.90 -76.82
CA LEU L 6 40.40 -20.28 -75.53
C LEU L 6 40.27 -18.75 -75.55
N GLU L 7 40.62 -18.12 -76.66
CA GLU L 7 40.49 -16.67 -76.76
C GLU L 7 39.04 -16.24 -76.81
N GLU L 8 38.21 -17.06 -77.46
CA GLU L 8 36.76 -16.83 -77.44
C GLU L 8 36.24 -16.92 -76.00
N CYS L 9 36.71 -17.95 -75.28
CA CYS L 9 36.42 -18.03 -73.85
C CYS L 9 36.77 -16.76 -73.11
N ARG L 10 38.02 -16.34 -73.23
N ARG L 10 38.02 -16.32 -73.25
CA ARG L 10 38.52 -15.12 -72.58
CA ARG L 10 38.50 -15.12 -72.57
C ARG L 10 37.61 -13.92 -72.90
C ARG L 10 37.61 -13.92 -72.89
N LYS L 11 37.30 -13.74 -74.18
CA LYS L 11 36.44 -12.63 -74.62
C LYS L 11 35.02 -12.68 -74.00
N ARG L 12 34.40 -13.85 -74.06
CA ARG L 12 33.07 -14.02 -73.48
C ARG L 12 33.07 -13.81 -71.97
N LEU L 13 34.14 -14.22 -71.29
CA LEU L 13 34.22 -14.00 -69.86
C LEU L 13 34.44 -12.52 -69.55
N GLU L 14 35.16 -11.81 -70.41
CA GLU L 14 35.38 -10.38 -70.19
C GLU L 14 34.04 -9.65 -70.30
N GLU L 15 33.29 -9.99 -71.36
CA GLU L 15 31.93 -9.47 -71.51
C GLU L 15 31.06 -9.80 -70.30
N LEU L 16 30.98 -11.08 -69.94
CA LEU L 16 30.12 -11.51 -68.84
C LEU L 16 30.48 -10.80 -67.56
N GLU L 17 31.77 -10.60 -67.31
CA GLU L 17 32.18 -9.90 -66.11
C GLU L 17 31.66 -8.46 -66.14
N ALA L 18 31.95 -7.76 -67.23
CA ALA L 18 31.48 -6.39 -67.39
C ALA L 18 29.98 -6.27 -67.13
N ALA L 19 29.26 -7.15 -67.80
CA ALA L 19 27.81 -7.18 -67.77
C ALA L 19 27.38 -7.36 -66.33
N ARG L 20 27.82 -8.45 -65.72
CA ARG L 20 27.49 -8.74 -64.34
C ARG L 20 27.62 -7.50 -63.49
N GLU L 21 28.73 -6.77 -63.67
CA GLU L 21 28.97 -5.58 -62.87
C GLU L 21 27.90 -4.49 -63.11
N GLU L 22 27.62 -4.21 -64.38
N GLU L 22 27.63 -4.23 -64.38
CA GLU L 22 26.67 -3.14 -64.68
CA GLU L 22 26.69 -3.16 -64.75
C GLU L 22 25.23 -3.52 -64.31
C GLU L 22 25.25 -3.52 -64.34
N LEU L 23 24.85 -4.75 -64.65
CA LEU L 23 23.56 -5.31 -64.29
C LEU L 23 23.37 -5.16 -62.79
N LEU L 24 24.37 -5.59 -62.02
CA LEU L 24 24.30 -5.41 -60.58
C LEU L 24 24.03 -3.97 -60.22
N LYS L 25 24.82 -3.04 -60.77
CA LYS L 25 24.62 -1.61 -60.44
C LYS L 25 23.16 -1.18 -60.67
N VAL L 26 22.64 -1.52 -61.86
CA VAL L 26 21.30 -1.13 -62.26
C VAL L 26 20.19 -1.75 -61.40
N LEU L 27 20.26 -3.06 -61.22
CA LEU L 27 19.37 -3.77 -60.30
C LEU L 27 19.37 -3.11 -58.92
N ARG L 28 20.55 -2.75 -58.40
CA ARG L 28 20.63 -2.07 -57.10
C ARG L 28 19.87 -0.74 -57.11
N GLU L 29 20.04 0.06 -58.16
CA GLU L 29 19.23 1.28 -58.27
C GLU L 29 17.73 0.96 -58.23
N MET L 30 17.30 0.05 -59.12
CA MET L 30 15.90 -0.36 -59.21
C MET L 30 15.35 -0.70 -57.83
N ARG L 31 16.08 -1.57 -57.12
CA ARG L 31 15.67 -2.04 -55.81
C ARG L 31 15.53 -0.86 -54.84
N ILE L 32 16.51 0.03 -54.87
CA ILE L 32 16.45 1.21 -54.00
C ILE L 32 15.17 2.02 -54.24
N HIS L 33 14.84 2.25 -55.50
CA HIS L 33 13.58 2.93 -55.80
C HIS L 33 12.31 2.16 -55.35
N SER L 34 12.24 0.85 -55.63
CA SER L 34 11.11 0.02 -55.17
C SER L 34 10.88 0.21 -53.68
N THR L 35 11.96 -0.02 -52.94
CA THR L 35 11.95 0.07 -51.50
C THR L 35 11.47 1.45 -51.03
N LYS L 36 12.04 2.49 -51.62
CA LYS L 36 11.63 3.84 -51.24
C LYS L 36 10.14 4.04 -51.49
N SER L 37 9.64 3.53 -52.60
CA SER L 37 8.23 3.68 -52.94
C SER L 37 7.36 3.04 -51.86
N ILE L 38 7.74 1.83 -51.47
CA ILE L 38 7.01 1.14 -50.39
C ILE L 38 7.01 1.95 -49.07
N ALA L 39 8.20 2.29 -48.58
CA ALA L 39 8.29 3.08 -47.35
C ALA L 39 7.50 4.41 -47.41
N LEU L 40 7.45 4.99 -48.60
CA LEU L 40 6.71 6.22 -48.82
C LEU L 40 5.23 5.97 -48.65
N ILE L 41 4.70 4.96 -49.33
CA ILE L 41 3.29 4.60 -49.13
C ILE L 41 2.98 4.40 -47.65
N HIS L 42 3.87 3.72 -46.93
CA HIS L 42 3.67 3.58 -45.49
C HIS L 42 3.63 4.95 -44.80
N ALA L 43 4.38 5.91 -45.33
CA ALA L 43 4.48 7.21 -44.65
C ALA L 43 3.38 8.23 -45.01
N GLY L 44 2.58 7.90 -46.01
CA GLY L 44 1.49 8.78 -46.42
C GLY L 44 1.73 9.33 -47.81
N LYS L 45 3.00 9.62 -48.09
CA LYS L 45 3.41 10.25 -49.33
C LYS L 45 3.20 9.36 -50.58
N VAL L 46 1.94 9.15 -50.93
CA VAL L 46 1.53 8.14 -51.91
C VAL L 46 1.87 8.52 -53.37
N GLU L 47 1.78 9.81 -53.67
CA GLU L 47 2.20 10.35 -54.96
C GLU L 47 3.72 10.28 -55.18
N GLU L 48 4.49 10.67 -54.16
CA GLU L 48 5.95 10.62 -54.23
C GLU L 48 6.37 9.16 -54.41
N ALA L 49 5.63 8.29 -53.73
CA ALA L 49 5.76 6.87 -53.91
C ALA L 49 5.56 6.53 -55.38
N GLU L 50 4.49 7.05 -55.97
CA GLU L 50 4.26 6.82 -57.40
C GLU L 50 5.48 7.23 -58.25
N GLN L 51 6.10 8.35 -57.88
CA GLN L 51 7.32 8.79 -58.56
C GLN L 51 8.42 7.71 -58.49
N GLU L 52 8.75 7.31 -57.26
CA GLU L 52 9.77 6.25 -57.09
C GLU L 52 9.45 4.98 -57.90
N LEU L 53 8.17 4.57 -57.90
CA LEU L 53 7.75 3.42 -58.72
C LEU L 53 8.00 3.62 -60.22
N LYS L 54 7.71 4.82 -60.72
CA LYS L 54 7.95 5.14 -62.13
C LYS L 54 9.44 4.98 -62.43
N LYS L 55 10.27 5.57 -61.57
CA LYS L 55 11.73 5.45 -61.72
C LYS L 55 12.14 3.98 -61.81
N ALA L 56 11.73 3.21 -60.81
CA ALA L 56 12.01 1.78 -60.78
C ALA L 56 11.68 1.13 -62.11
N ILE L 57 10.49 1.41 -62.64
CA ILE L 57 10.08 0.78 -63.91
C ILE L 57 10.94 1.18 -65.13
N GLU L 58 11.34 2.45 -65.17
CA GLU L 58 12.28 2.87 -66.21
C GLU L 58 13.60 2.10 -66.12
N LEU L 59 14.14 2.05 -64.90
CA LEU L 59 15.35 1.31 -64.65
C LEU L 59 15.17 -0.13 -65.12
N LEU L 60 13.96 -0.65 -64.98
CA LEU L 60 13.66 -2.01 -65.44
C LEU L 60 13.76 -2.08 -66.96
N GLU L 61 13.33 -1.03 -67.64
CA GLU L 61 13.58 -0.98 -69.09
C GLU L 61 15.09 -1.07 -69.36
N LYS L 62 15.89 -0.39 -68.54
CA LYS L 62 17.36 -0.51 -68.70
C LYS L 62 17.91 -1.93 -68.40
N VAL L 63 17.32 -2.61 -67.42
CA VAL L 63 17.69 -3.98 -67.10
C VAL L 63 17.37 -4.95 -68.25
N LYS L 64 16.23 -4.74 -68.91
CA LYS L 64 15.82 -5.57 -70.04
C LYS L 64 16.87 -5.69 -71.17
N ALA L 65 17.97 -4.94 -71.06
CA ALA L 65 19.05 -5.01 -72.04
C ALA L 65 19.80 -6.33 -71.96
N TYR L 66 20.07 -6.75 -70.74
CA TYR L 66 21.05 -7.79 -70.49
C TYR L 66 20.59 -9.23 -70.72
N ARG L 67 19.42 -9.43 -71.32
CA ARG L 67 19.00 -10.82 -71.58
C ARG L 67 19.90 -11.47 -72.61
N GLU L 68 20.74 -10.68 -73.29
CA GLU L 68 21.70 -11.25 -74.21
C GLU L 68 22.81 -11.98 -73.45
N TYR L 69 22.72 -11.90 -72.13
CA TYR L 69 23.61 -12.67 -71.27
C TYR L 69 22.78 -13.60 -70.39
N PRO L 70 22.22 -14.65 -71.00
CA PRO L 70 21.37 -15.55 -70.21
C PRO L 70 22.20 -16.34 -69.21
N GLU L 71 23.50 -16.50 -69.45
CA GLU L 71 24.36 -17.21 -68.51
C GLU L 71 24.29 -16.60 -67.12
N ILE L 72 24.03 -15.30 -67.06
CA ILE L 72 23.76 -14.61 -65.80
C ILE L 72 22.29 -14.15 -65.80
N TYR L 73 22.06 -12.85 -65.80
CA TYR L 73 20.70 -12.28 -65.91
C TYR L 73 19.66 -12.80 -64.93
N PHE L 74 19.09 -13.97 -65.21
CA PHE L 74 18.05 -14.51 -64.35
C PHE L 74 18.48 -14.65 -62.90
N TYR L 75 19.56 -15.42 -62.71
CA TYR L 75 20.19 -15.61 -61.42
C TYR L 75 20.33 -14.26 -60.71
N LEU L 76 20.83 -13.27 -61.43
CA LEU L 76 21.04 -11.93 -60.87
C LEU L 76 19.76 -11.13 -60.65
N CYS L 77 18.81 -11.27 -61.56
CA CYS L 77 17.64 -10.40 -61.57
C CYS L 77 16.57 -10.76 -60.57
N ASN L 78 16.47 -12.06 -60.26
CA ASN L 78 15.40 -12.54 -59.38
C ASN L 78 14.96 -11.63 -58.22
N ASP L 79 15.90 -11.27 -57.36
CA ASP L 79 15.56 -10.49 -56.17
C ASP L 79 14.98 -9.11 -56.50
N ALA L 80 15.68 -8.36 -57.33
CA ALA L 80 15.18 -7.03 -57.69
C ALA L 80 13.83 -7.11 -58.38
N MET L 81 13.70 -8.11 -59.23
CA MET L 81 12.44 -8.36 -59.92
C MET L 81 11.27 -8.53 -58.96
N GLN L 82 11.38 -9.53 -58.09
CA GLN L 82 10.29 -9.79 -57.17
C GLN L 82 10.06 -8.62 -56.19
N GLU L 83 11.11 -7.88 -55.89
CA GLU L 83 10.97 -6.65 -55.11
C GLU L 83 10.07 -5.65 -55.81
N LEU L 84 10.33 -5.45 -57.11
CA LEU L 84 9.57 -4.53 -57.93
C LEU L 84 8.12 -4.96 -58.00
N VAL L 85 7.89 -6.24 -58.27
CA VAL L 85 6.51 -6.75 -58.28
C VAL L 85 5.81 -6.48 -56.94
N GLU L 86 6.54 -6.71 -55.84
CA GLU L 86 6.01 -6.40 -54.52
C GLU L 86 5.56 -4.95 -54.44
N ALA L 87 6.42 -4.02 -54.85
CA ALA L 87 6.09 -2.60 -54.74
C ALA L 87 4.87 -2.21 -55.58
N ILE L 88 4.81 -2.75 -56.78
CA ILE L 88 3.68 -2.48 -57.66
C ILE L 88 2.40 -3.00 -57.05
N ALA L 89 2.41 -4.24 -56.56
CA ALA L 89 1.21 -4.85 -56.00
C ALA L 89 0.75 -4.06 -54.78
N PHE L 90 1.70 -3.66 -53.95
CA PHE L 90 1.37 -2.91 -52.73
C PHE L 90 0.70 -1.59 -53.12
N LYS L 91 1.29 -0.89 -54.10
CA LYS L 91 0.73 0.39 -54.54
C LYS L 91 -0.67 0.25 -55.13
N ASN L 92 -0.83 -0.69 -56.05
CA ASN L 92 -2.15 -1.01 -56.57
C ASN L 92 -3.14 -1.20 -55.43
N ALA L 93 -2.80 -2.11 -54.52
CA ALA L 93 -3.66 -2.44 -53.38
C ALA L 93 -4.09 -1.23 -52.55
N ILE L 94 -3.13 -0.45 -52.03
CA ILE L 94 -3.51 0.67 -51.14
C ILE L 94 -4.42 1.70 -51.81
N SER L 95 -4.39 1.76 -53.14
CA SER L 95 -5.14 2.78 -53.87
C SER L 95 -6.40 2.24 -54.54
N GLY L 96 -6.87 1.09 -54.08
CA GLY L 96 -8.16 0.56 -54.50
C GLY L 96 -8.21 0.08 -55.94
N GLU L 97 -7.03 -0.12 -56.53
CA GLU L 97 -6.95 -0.57 -57.90
C GLU L 97 -6.24 -1.92 -58.05
N PHE L 98 -6.30 -2.76 -57.02
CA PHE L 98 -5.57 -4.03 -57.02
C PHE L 98 -5.95 -4.92 -58.19
N THR L 99 -4.95 -5.54 -58.79
CA THR L 99 -5.12 -6.48 -59.88
C THR L 99 -3.86 -7.36 -59.99
N PHE L 100 -4.03 -8.55 -60.54
CA PHE L 100 -2.91 -9.41 -60.88
C PHE L 100 -2.36 -8.99 -62.24
N GLU L 101 -3.23 -8.40 -63.05
CA GLU L 101 -2.87 -8.03 -64.40
C GLU L 101 -1.90 -6.86 -64.40
N ILE L 102 -0.61 -7.14 -64.20
CA ILE L 102 0.38 -6.09 -64.38
C ILE L 102 1.28 -6.44 -65.57
N ASP L 103 1.61 -5.43 -66.39
CA ASP L 103 2.47 -5.68 -67.56
C ASP L 103 3.93 -5.43 -67.22
N LEU L 104 4.66 -6.51 -67.02
CA LEU L 104 6.09 -6.41 -66.78
C LEU L 104 6.85 -7.57 -67.40
N GLU L 105 6.60 -8.78 -66.90
CA GLU L 105 7.38 -9.98 -67.24
C GLU L 105 8.89 -9.71 -67.24
N VAL L 106 9.63 -9.94 -66.14
CA VAL L 106 9.29 -10.65 -64.90
C VAL L 106 9.04 -12.14 -65.04
N THR L 107 9.88 -12.91 -64.35
CA THR L 107 9.86 -14.37 -64.37
C THR L 107 8.75 -14.86 -63.43
N PRO L 108 8.20 -16.07 -63.68
CA PRO L 108 7.08 -16.57 -62.88
C PRO L 108 7.33 -16.53 -61.37
N ALA L 109 8.45 -17.10 -60.92
CA ALA L 109 8.75 -17.05 -59.49
C ALA L 109 8.80 -15.62 -59.00
N ALA L 110 9.48 -14.75 -59.71
CA ALA L 110 9.56 -13.35 -59.29
C ALA L 110 8.16 -12.75 -59.12
N PHE L 111 7.29 -13.05 -60.07
CA PHE L 111 5.93 -12.57 -60.05
C PHE L 111 5.20 -13.07 -58.79
N LEU L 112 4.97 -14.38 -58.76
CA LEU L 112 4.32 -15.05 -57.63
C LEU L 112 4.84 -14.60 -56.25
N ASN L 113 6.16 -14.70 -56.08
CA ASN L 113 6.81 -14.36 -54.82
C ASN L 113 6.71 -12.88 -54.48
N GLY L 114 6.64 -12.04 -55.50
CA GLY L 114 6.43 -10.62 -55.27
C GLY L 114 5.05 -10.41 -54.67
N PHE L 115 4.04 -11.02 -55.29
CA PHE L 115 2.70 -10.84 -54.76
C PHE L 115 2.63 -11.33 -53.34
N ALA L 116 3.22 -12.49 -53.07
CA ALA L 116 3.12 -13.03 -51.72
C ALA L 116 3.80 -12.10 -50.72
N ALA L 117 4.98 -11.62 -51.11
CA ALA L 117 5.70 -10.62 -50.33
C ALA L 117 4.83 -9.42 -49.99
N ALA L 118 3.93 -9.04 -50.90
CA ALA L 118 3.09 -7.87 -50.65
C ALA L 118 2.19 -8.03 -49.42
N VAL L 119 1.86 -9.27 -49.07
CA VAL L 119 0.89 -9.53 -48.01
C VAL L 119 1.30 -8.94 -46.65
N GLY L 120 2.60 -9.00 -46.35
CA GLY L 120 3.10 -8.50 -45.07
C GLY L 120 3.08 -6.98 -45.03
N GLU L 121 3.31 -6.39 -46.20
CA GLU L 121 3.29 -4.94 -46.34
C GLU L 121 1.88 -4.47 -46.08
N LEU L 122 0.94 -5.19 -46.69
CA LEU L 122 -0.48 -4.96 -46.50
C LEU L 122 -0.89 -5.13 -45.01
N ARG L 123 -0.31 -6.10 -44.32
CA ARG L 123 -0.59 -6.20 -42.88
C ARG L 123 -0.11 -4.95 -42.14
N ARG L 124 1.15 -4.56 -42.34
CA ARG L 124 1.66 -3.36 -41.65
C ARG L 124 0.79 -2.11 -41.90
N TYR L 125 0.43 -1.93 -43.18
CA TYR L 125 -0.47 -0.85 -43.56
C TYR L 125 -1.79 -0.95 -42.81
N ALA L 126 -2.39 -2.14 -42.89
CA ALA L 126 -3.70 -2.41 -42.30
C ALA L 126 -3.72 -2.07 -40.84
N LEU L 127 -2.60 -2.33 -40.19
CA LEU L 127 -2.47 -2.21 -38.75
C LEU L 127 -2.33 -0.73 -38.41
N THR L 128 -1.54 -0.01 -39.23
CA THR L 128 -1.48 1.44 -39.05
C THR L 128 -2.87 2.08 -39.18
N LYS L 129 -3.54 1.79 -40.30
CA LYS L 129 -4.92 2.23 -40.50
C LYS L 129 -5.80 1.92 -39.29
N LEU L 130 -5.69 0.70 -38.77
CA LEU L 130 -6.43 0.33 -37.57
C LEU L 130 -6.16 1.29 -36.43
N ILE L 131 -4.89 1.50 -36.09
CA ILE L 131 -4.58 2.42 -34.99
C ILE L 131 -5.15 3.82 -35.27
N GLU L 132 -5.16 4.21 -36.54
CA GLU L 132 -5.64 5.53 -36.94
C GLU L 132 -7.16 5.63 -36.94
N GLY L 133 -7.83 4.50 -36.82
CA GLY L 133 -9.29 4.46 -36.83
C GLY L 133 -9.96 4.18 -38.17
N ASP L 134 -9.19 4.17 -39.25
CA ASP L 134 -9.70 3.95 -40.59
C ASP L 134 -10.05 2.47 -40.82
N PHE L 135 -11.20 2.03 -40.34
CA PHE L 135 -11.57 0.62 -40.51
C PHE L 135 -11.83 0.22 -41.96
N LYS L 136 -12.36 1.13 -42.76
CA LYS L 136 -12.70 0.75 -44.13
C LYS L 136 -11.41 0.34 -44.87
N SER L 137 -10.31 1.05 -44.58
CA SER L 137 -9.04 0.75 -45.20
C SER L 137 -8.54 -0.62 -44.81
N ALA L 138 -8.56 -0.93 -43.52
CA ALA L 138 -8.17 -2.26 -43.04
C ALA L 138 -9.04 -3.36 -43.63
N GLU L 139 -10.33 -3.11 -43.75
CA GLU L 139 -11.21 -4.10 -44.36
C GLU L 139 -10.76 -4.35 -45.79
N ARG L 140 -10.47 -3.27 -46.52
CA ARG L 140 -10.02 -3.41 -47.90
C ARG L 140 -8.73 -4.25 -47.96
N MET L 141 -7.73 -3.84 -47.20
CA MET L 141 -6.46 -4.55 -47.18
C MET L 141 -6.64 -6.03 -46.84
N LEU L 142 -7.48 -6.30 -45.85
CA LEU L 142 -7.80 -7.65 -45.45
C LEU L 142 -8.34 -8.41 -46.65
N GLU L 143 -9.27 -7.79 -47.37
CA GLU L 143 -9.82 -8.39 -48.59
C GLU L 143 -8.74 -8.73 -49.63
N VAL L 144 -7.84 -7.80 -49.92
CA VAL L 144 -6.82 -8.12 -50.93
C VAL L 144 -5.79 -9.16 -50.45
N MET L 145 -5.48 -9.15 -49.15
CA MET L 145 -4.63 -10.16 -48.56
C MET L 145 -5.24 -11.54 -48.77
N GLU L 146 -6.48 -11.67 -48.33
CA GLU L 146 -7.27 -12.88 -48.58
C GLU L 146 -7.24 -13.31 -50.05
N LYS L 147 -7.41 -12.34 -50.97
CA LYS L 147 -7.43 -12.64 -52.42
C LYS L 147 -6.12 -13.20 -52.93
N ILE L 148 -5.04 -12.48 -52.65
CA ILE L 148 -3.68 -12.91 -52.95
C ILE L 148 -3.40 -14.31 -52.45
N TYR L 149 -3.80 -14.60 -51.20
CA TYR L 149 -3.58 -15.94 -50.65
C TYR L 149 -4.35 -16.99 -51.44
N GLU L 150 -5.67 -16.79 -51.56
CA GLU L 150 -6.55 -17.77 -52.21
C GLU L 150 -6.04 -18.09 -53.60
N ARG L 151 -5.63 -17.04 -54.29
CA ARG L 151 -5.22 -17.13 -55.69
C ARG L 151 -3.84 -17.79 -55.84
N LEU L 152 -2.86 -17.28 -55.12
CA LEU L 152 -1.51 -17.83 -55.17
C LEU L 152 -1.46 -19.31 -54.79
N MET L 153 -2.27 -19.70 -53.80
CA MET L 153 -2.24 -21.07 -53.28
C MET L 153 -2.41 -22.13 -54.36
N GLU L 154 -3.04 -21.73 -55.47
CA GLU L 154 -3.23 -22.62 -56.61
C GLU L 154 -1.90 -23.05 -57.23
N PHE L 155 -0.90 -22.18 -57.13
CA PHE L 155 0.40 -22.47 -57.73
C PHE L 155 1.27 -23.35 -56.84
N THR L 156 0.74 -23.83 -55.72
CA THR L 156 1.52 -24.65 -54.80
C THR L 156 1.59 -26.10 -55.30
N THR L 157 0.76 -26.43 -56.28
CA THR L 157 0.81 -27.73 -56.94
C THR L 157 2.20 -28.00 -57.51
N PHE L 158 2.91 -26.93 -57.86
CA PHE L 158 4.19 -27.03 -58.54
C PHE L 158 5.35 -27.48 -57.64
N PRO L 159 6.33 -28.18 -58.24
CA PRO L 159 7.59 -28.53 -57.59
C PRO L 159 8.27 -27.27 -57.07
N ASP L 160 8.54 -27.25 -55.77
CA ASP L 160 9.15 -26.13 -55.06
C ASP L 160 10.25 -25.37 -55.86
N LYS L 161 11.21 -26.12 -56.39
CA LYS L 161 12.31 -25.55 -57.16
C LYS L 161 11.83 -24.50 -58.18
N LEU L 162 10.79 -24.84 -58.94
CA LEU L 162 10.36 -24.02 -60.07
C LEU L 162 9.74 -22.73 -59.63
N VAL L 163 9.32 -22.70 -58.38
CA VAL L 163 8.53 -21.59 -57.90
C VAL L 163 9.17 -21.09 -56.61
N SER L 164 10.39 -21.57 -56.39
CA SER L 164 11.23 -21.20 -55.23
C SER L 164 10.51 -21.24 -53.89
N GLY L 165 10.57 -20.13 -53.15
CA GLY L 165 10.09 -20.16 -51.77
C GLY L 165 8.59 -20.06 -51.55
N LEU L 166 7.81 -20.37 -52.58
CA LEU L 166 6.39 -19.99 -52.61
C LEU L 166 5.59 -20.54 -51.44
N ARG L 167 5.65 -21.85 -51.22
CA ARG L 167 4.82 -22.45 -50.18
C ARG L 167 5.09 -21.80 -48.83
N LYS L 168 6.37 -21.66 -48.47
CA LYS L 168 6.76 -21.03 -47.22
C LYS L 168 6.17 -19.63 -47.09
N LYS L 169 6.51 -18.79 -48.07
CA LYS L 169 6.09 -17.40 -48.07
C LYS L 169 4.57 -17.28 -47.94
N LEU L 170 3.88 -18.26 -48.51
CA LEU L 170 2.43 -18.32 -48.37
C LEU L 170 2.01 -18.69 -46.94
N ASP L 171 2.66 -19.66 -46.30
CA ASP L 171 2.33 -20.02 -44.92
C ASP L 171 2.45 -18.78 -44.04
N VAL L 172 3.62 -18.16 -44.09
CA VAL L 172 3.84 -16.89 -43.42
C VAL L 172 2.77 -15.83 -43.72
N ALA L 173 2.36 -15.75 -44.99
CA ALA L 173 1.29 -14.84 -45.36
C ALA L 173 0.00 -15.17 -44.59
N ARG L 174 -0.40 -16.45 -44.61
CA ARG L 174 -1.57 -16.92 -43.92
C ARG L 174 -1.55 -16.45 -42.48
N GLY L 175 -0.37 -16.65 -41.86
CA GLY L 175 -0.16 -16.23 -40.49
C GLY L 175 -0.48 -14.76 -40.32
N GLY L 176 0.07 -13.96 -41.25
CA GLY L 176 -0.16 -12.53 -41.20
C GLY L 176 -1.63 -12.15 -41.34
N ILE L 177 -2.33 -12.85 -42.21
CA ILE L 177 -3.73 -12.60 -42.44
C ILE L 177 -4.50 -12.88 -41.16
N GLU L 178 -4.24 -14.01 -40.51
CA GLU L 178 -4.94 -14.30 -39.27
C GLU L 178 -4.68 -13.25 -38.20
N ARG L 179 -3.39 -12.94 -37.97
CA ARG L 179 -3.04 -11.92 -37.00
C ARG L 179 -3.74 -10.59 -37.29
N THR L 180 -3.84 -10.23 -38.57
CA THR L 180 -4.56 -9.04 -38.97
C THR L 180 -6.05 -9.11 -38.64
N LYS L 181 -6.71 -10.23 -38.97
CA LYS L 181 -8.11 -10.43 -38.60
C LYS L 181 -8.32 -10.23 -37.08
N SER L 182 -7.46 -10.84 -36.26
CA SER L 182 -7.49 -10.61 -34.81
C SER L 182 -7.33 -9.15 -34.45
N ASP L 183 -6.35 -8.49 -35.07
CA ASP L 183 -6.09 -7.10 -34.73
C ASP L 183 -7.26 -6.21 -35.11
N TYR L 184 -8.01 -6.63 -36.11
CA TYR L 184 -9.17 -5.89 -36.57
C TYR L 184 -10.33 -6.11 -35.61
N ILE L 185 -10.46 -7.33 -35.07
CA ILE L 185 -11.54 -7.59 -34.12
C ILE L 185 -11.39 -6.75 -32.86
N ALA L 186 -10.24 -6.81 -32.20
CA ALA L 186 -9.88 -5.76 -31.25
C ALA L 186 -9.80 -4.50 -32.09
N ALA L 187 -9.69 -3.33 -31.47
CA ALA L 187 -9.78 -2.06 -32.24
C ALA L 187 -11.21 -1.74 -32.71
N LYS L 188 -11.95 -2.77 -33.13
CA LYS L 188 -13.40 -2.62 -33.36
C LYS L 188 -14.12 -2.55 -32.03
N VAL L 189 -13.44 -2.99 -30.97
CA VAL L 189 -13.91 -2.80 -29.59
C VAL L 189 -13.44 -1.40 -29.11
N ALA L 190 -13.93 -0.37 -29.80
CA ALA L 190 -13.54 1.00 -29.52
C ALA L 190 -14.49 1.98 -30.21
#